data_2MYD
# 
_entry.id   2MYD 
# 
_audit_conform.dict_name       mmcif_pdbx.dic 
_audit_conform.dict_version    5.387 
_audit_conform.dict_location   http://mmcif.pdb.org/dictionaries/ascii/mmcif_pdbx.dic 
# 
loop_
_database_2.database_id 
_database_2.database_code 
_database_2.pdbx_database_accession 
_database_2.pdbx_DOI 
PDB   2MYD         pdb_00002myd 10.2210/pdb2myd/pdb 
WWPDB D_1000178390 ?            ?                   
# 
loop_
_pdbx_audit_revision_history.ordinal 
_pdbx_audit_revision_history.data_content_type 
_pdbx_audit_revision_history.major_revision 
_pdbx_audit_revision_history.minor_revision 
_pdbx_audit_revision_history.revision_date 
1 'Structure model' 1 0 1994-01-31 
2 'Structure model' 1 1 2008-03-24 
3 'Structure model' 1 2 2011-07-13 
4 'Structure model' 1 3 2024-02-21 
# 
_pdbx_audit_revision_details.ordinal             1 
_pdbx_audit_revision_details.revision_ordinal    1 
_pdbx_audit_revision_details.data_content_type   'Structure model' 
_pdbx_audit_revision_details.provider            repository 
_pdbx_audit_revision_details.type                'Initial release' 
_pdbx_audit_revision_details.description         ? 
_pdbx_audit_revision_details.details             ? 
# 
loop_
_pdbx_audit_revision_group.ordinal 
_pdbx_audit_revision_group.revision_ordinal 
_pdbx_audit_revision_group.data_content_type 
_pdbx_audit_revision_group.group 
1 2 'Structure model' 'Version format compliance' 
2 3 'Structure model' 'Version format compliance' 
3 4 'Structure model' 'Data collection'           
4 4 'Structure model' 'Database references'       
5 4 'Structure model' 'Derived calculations'      
6 4 'Structure model' Other                       
# 
loop_
_pdbx_audit_revision_category.ordinal 
_pdbx_audit_revision_category.revision_ordinal 
_pdbx_audit_revision_category.data_content_type 
_pdbx_audit_revision_category.category 
1 4 'Structure model' chem_comp_atom         
2 4 'Structure model' chem_comp_bond         
3 4 'Structure model' database_2             
4 4 'Structure model' pdbx_database_status   
5 4 'Structure model' pdbx_struct_conn_angle 
6 4 'Structure model' struct_conn            
7 4 'Structure model' struct_site            
# 
loop_
_pdbx_audit_revision_item.ordinal 
_pdbx_audit_revision_item.revision_ordinal 
_pdbx_audit_revision_item.data_content_type 
_pdbx_audit_revision_item.item 
1  4 'Structure model' '_database_2.pdbx_DOI'                        
2  4 'Structure model' '_database_2.pdbx_database_accession'         
3  4 'Structure model' '_pdbx_database_status.process_site'          
4  4 'Structure model' '_pdbx_struct_conn_angle.ptnr1_auth_comp_id'  
5  4 'Structure model' '_pdbx_struct_conn_angle.ptnr1_auth_seq_id'   
6  4 'Structure model' '_pdbx_struct_conn_angle.ptnr1_label_alt_id'  
7  4 'Structure model' '_pdbx_struct_conn_angle.ptnr1_label_asym_id' 
8  4 'Structure model' '_pdbx_struct_conn_angle.ptnr1_label_atom_id' 
9  4 'Structure model' '_pdbx_struct_conn_angle.ptnr1_label_comp_id' 
10 4 'Structure model' '_pdbx_struct_conn_angle.ptnr1_label_seq_id'  
11 4 'Structure model' '_pdbx_struct_conn_angle.ptnr3_auth_comp_id'  
12 4 'Structure model' '_pdbx_struct_conn_angle.ptnr3_auth_seq_id'   
13 4 'Structure model' '_pdbx_struct_conn_angle.ptnr3_label_alt_id'  
14 4 'Structure model' '_pdbx_struct_conn_angle.ptnr3_label_asym_id' 
15 4 'Structure model' '_pdbx_struct_conn_angle.ptnr3_label_atom_id' 
16 4 'Structure model' '_pdbx_struct_conn_angle.ptnr3_label_comp_id' 
17 4 'Structure model' '_pdbx_struct_conn_angle.ptnr3_label_seq_id'  
18 4 'Structure model' '_pdbx_struct_conn_angle.value'               
19 4 'Structure model' '_struct_conn.pdbx_dist_value'                
20 4 'Structure model' '_struct_conn.pdbx_ptnr2_label_alt_id'        
21 4 'Structure model' '_struct_conn.ptnr1_auth_comp_id'             
22 4 'Structure model' '_struct_conn.ptnr1_auth_seq_id'              
23 4 'Structure model' '_struct_conn.ptnr1_label_asym_id'            
24 4 'Structure model' '_struct_conn.ptnr1_label_atom_id'            
25 4 'Structure model' '_struct_conn.ptnr1_label_comp_id'            
26 4 'Structure model' '_struct_conn.ptnr1_label_seq_id'             
27 4 'Structure model' '_struct_conn.ptnr2_auth_comp_id'             
28 4 'Structure model' '_struct_conn.ptnr2_auth_seq_id'              
29 4 'Structure model' '_struct_conn.ptnr2_label_asym_id'            
30 4 'Structure model' '_struct_conn.ptnr2_label_atom_id'            
31 4 'Structure model' '_struct_conn.ptnr2_label_comp_id'            
32 4 'Structure model' '_struct_conn.ptnr2_label_seq_id'             
33 4 'Structure model' '_struct_site.pdbx_auth_asym_id'              
34 4 'Structure model' '_struct_site.pdbx_auth_comp_id'              
35 4 'Structure model' '_struct_site.pdbx_auth_seq_id'               
# 
_pdbx_database_status.status_code                     REL 
_pdbx_database_status.entry_id                        2MYD 
_pdbx_database_status.recvd_initial_deposition_date   1993-08-04 
_pdbx_database_status.deposit_site                    ? 
_pdbx_database_status.process_site                    BNL 
_pdbx_database_status.SG_entry                        . 
_pdbx_database_status.pdb_format_compatible           Y 
_pdbx_database_status.status_code_mr                  ? 
_pdbx_database_status.status_code_sf                  ? 
_pdbx_database_status.status_code_cs                  ? 
_pdbx_database_status.status_code_nmr_data            ? 
_pdbx_database_status.methods_development_category    ? 
# 
loop_
_audit_author.name 
_audit_author.pdbx_ordinal 
'Johnson, K.A.'      1 
'Olson, J.S.'        2 
'Phillips Jr., G.N.' 3 
# 
loop_
_citation.id 
_citation.title 
_citation.journal_abbrev 
_citation.journal_volume 
_citation.page_first 
_citation.page_last 
_citation.year 
_citation.journal_id_ASTM 
_citation.country 
_citation.journal_id_ISSN 
_citation.journal_id_CSD 
_citation.book_publisher 
_citation.pdbx_database_id_PubMed 
_citation.pdbx_database_id_DOI 
primary 'High Resolution X-Ray Structures of Myoglobin-and Hemoglobin-Alkyl Isocyanide Complexes' Thesis      ?   ?   ? 1993 ? US 
?         0806 ? -1 ? 
1       'Structure of Myoglobin-Ethyl Isocyanide: Histidine as a Swinging Door for Ligand Entry'  J.Mol.Biol. 207 459 ? 1989 
JMOBAK UK 0022-2836 0070 ? ?  ? 
# 
loop_
_citation_author.citation_id 
_citation_author.name 
_citation_author.ordinal 
_citation_author.identifier_ORCID 
primary 'Johnson, K.A.'      1 ? 
1       'Johnson, K.A.'      2 ? 
1       'Olson, J.S.'        3 ? 
1       'Phillips Jr., G.N.' 4 ? 
# 
loop_
_entity.id 
_entity.type 
_entity.src_method 
_entity.pdbx_description 
_entity.formula_weight 
_entity.pdbx_number_of_molecules 
_entity.pdbx_ec 
_entity.pdbx_mutation 
_entity.pdbx_fragment 
_entity.details 
1 polymer     man 'MYOGLOBIN (N-PROPYL ISOCYANIDE)' 17234.951 1   ? ? ? ? 
2 non-polymer syn 'SULFATE ION'                     96.063    1   ? ? ? ? 
3 non-polymer syn 'PROTOPORPHYRIN IX CONTAINING FE' 616.487   1   ? ? ? ? 
4 non-polymer syn 'N-PROPYL ISOCYANIDE'             69.105    1   ? ? ? ? 
5 water       nat water                             18.015    164 ? ? ? ? 
# 
_entity_poly.entity_id                      1 
_entity_poly.type                           'polypeptide(L)' 
_entity_poly.nstd_linkage                   no 
_entity_poly.nstd_monomer                   no 
_entity_poly.pdbx_seq_one_letter_code       
;VLSEGEWQLVLHVWAKVEADVAGHGQDILIRLFKSHPETLEKFDRFKHLKTEAEMKASEDLKKHGVTVLTALGAILKKKG
HHEAELKPLAQSHATKHKIPIKYLEFISEAIIHVLHSRHPGDFGADAQGAMNKALELFRKDIAAKYKELGYQG
;
_entity_poly.pdbx_seq_one_letter_code_can   
;VLSEGEWQLVLHVWAKVEADVAGHGQDILIRLFKSHPETLEKFDRFKHLKTEAEMKASEDLKKHGVTVLTALGAILKKKG
HHEAELKPLAQSHATKHKIPIKYLEFISEAIIHVLHSRHPGDFGADAQGAMNKALELFRKDIAAKYKELGYQG
;
_entity_poly.pdbx_strand_id                 A 
_entity_poly.pdbx_target_identifier         ? 
# 
loop_
_pdbx_entity_nonpoly.entity_id 
_pdbx_entity_nonpoly.name 
_pdbx_entity_nonpoly.comp_id 
2 'SULFATE ION'                     SO4 
3 'PROTOPORPHYRIN IX CONTAINING FE' HEM 
4 'N-PROPYL ISOCYANIDE'             NPN 
5 water                             HOH 
# 
loop_
_entity_poly_seq.entity_id 
_entity_poly_seq.num 
_entity_poly_seq.mon_id 
_entity_poly_seq.hetero 
1 1   VAL n 
1 2   LEU n 
1 3   SER n 
1 4   GLU n 
1 5   GLY n 
1 6   GLU n 
1 7   TRP n 
1 8   GLN n 
1 9   LEU n 
1 10  VAL n 
1 11  LEU n 
1 12  HIS n 
1 13  VAL n 
1 14  TRP n 
1 15  ALA n 
1 16  LYS n 
1 17  VAL n 
1 18  GLU n 
1 19  ALA n 
1 20  ASP n 
1 21  VAL n 
1 22  ALA n 
1 23  GLY n 
1 24  HIS n 
1 25  GLY n 
1 26  GLN n 
1 27  ASP n 
1 28  ILE n 
1 29  LEU n 
1 30  ILE n 
1 31  ARG n 
1 32  LEU n 
1 33  PHE n 
1 34  LYS n 
1 35  SER n 
1 36  HIS n 
1 37  PRO n 
1 38  GLU n 
1 39  THR n 
1 40  LEU n 
1 41  GLU n 
1 42  LYS n 
1 43  PHE n 
1 44  ASP n 
1 45  ARG n 
1 46  PHE n 
1 47  LYS n 
1 48  HIS n 
1 49  LEU n 
1 50  LYS n 
1 51  THR n 
1 52  GLU n 
1 53  ALA n 
1 54  GLU n 
1 55  MET n 
1 56  LYS n 
1 57  ALA n 
1 58  SER n 
1 59  GLU n 
1 60  ASP n 
1 61  LEU n 
1 62  LYS n 
1 63  LYS n 
1 64  HIS n 
1 65  GLY n 
1 66  VAL n 
1 67  THR n 
1 68  VAL n 
1 69  LEU n 
1 70  THR n 
1 71  ALA n 
1 72  LEU n 
1 73  GLY n 
1 74  ALA n 
1 75  ILE n 
1 76  LEU n 
1 77  LYS n 
1 78  LYS n 
1 79  LYS n 
1 80  GLY n 
1 81  HIS n 
1 82  HIS n 
1 83  GLU n 
1 84  ALA n 
1 85  GLU n 
1 86  LEU n 
1 87  LYS n 
1 88  PRO n 
1 89  LEU n 
1 90  ALA n 
1 91  GLN n 
1 92  SER n 
1 93  HIS n 
1 94  ALA n 
1 95  THR n 
1 96  LYS n 
1 97  HIS n 
1 98  LYS n 
1 99  ILE n 
1 100 PRO n 
1 101 ILE n 
1 102 LYS n 
1 103 TYR n 
1 104 LEU n 
1 105 GLU n 
1 106 PHE n 
1 107 ILE n 
1 108 SER n 
1 109 GLU n 
1 110 ALA n 
1 111 ILE n 
1 112 ILE n 
1 113 HIS n 
1 114 VAL n 
1 115 LEU n 
1 116 HIS n 
1 117 SER n 
1 118 ARG n 
1 119 HIS n 
1 120 PRO n 
1 121 GLY n 
1 122 ASP n 
1 123 PHE n 
1 124 GLY n 
1 125 ALA n 
1 126 ASP n 
1 127 ALA n 
1 128 GLN n 
1 129 GLY n 
1 130 ALA n 
1 131 MET n 
1 132 ASN n 
1 133 LYS n 
1 134 ALA n 
1 135 LEU n 
1 136 GLU n 
1 137 LEU n 
1 138 PHE n 
1 139 ARG n 
1 140 LYS n 
1 141 ASP n 
1 142 ILE n 
1 143 ALA n 
1 144 ALA n 
1 145 LYS n 
1 146 TYR n 
1 147 LYS n 
1 148 GLU n 
1 149 LEU n 
1 150 GLY n 
1 151 TYR n 
1 152 GLN n 
1 153 GLY n 
# 
_entity_src_gen.entity_id                          1 
_entity_src_gen.pdbx_src_id                        1 
_entity_src_gen.pdbx_alt_source_flag               sample 
_entity_src_gen.pdbx_seq_type                      ? 
_entity_src_gen.pdbx_beg_seq_num                   ? 
_entity_src_gen.pdbx_end_seq_num                   ? 
_entity_src_gen.gene_src_common_name               'sperm whale' 
_entity_src_gen.gene_src_genus                     Physeter 
_entity_src_gen.pdbx_gene_src_gene                 ? 
_entity_src_gen.gene_src_species                   ? 
_entity_src_gen.gene_src_strain                    ? 
_entity_src_gen.gene_src_tissue                    ? 
_entity_src_gen.gene_src_tissue_fraction           ? 
_entity_src_gen.gene_src_details                   ? 
_entity_src_gen.pdbx_gene_src_fragment             ? 
_entity_src_gen.pdbx_gene_src_scientific_name      'Physeter catodon' 
_entity_src_gen.pdbx_gene_src_ncbi_taxonomy_id     9755 
_entity_src_gen.pdbx_gene_src_variant              ? 
_entity_src_gen.pdbx_gene_src_cell_line            ? 
_entity_src_gen.pdbx_gene_src_atcc                 ? 
_entity_src_gen.pdbx_gene_src_organ                ? 
_entity_src_gen.pdbx_gene_src_organelle            ? 
_entity_src_gen.pdbx_gene_src_cell                 ? 
_entity_src_gen.pdbx_gene_src_cellular_location    ? 
_entity_src_gen.host_org_common_name               ? 
_entity_src_gen.pdbx_host_org_scientific_name      ? 
_entity_src_gen.pdbx_host_org_ncbi_taxonomy_id     ? 
_entity_src_gen.host_org_genus                     ? 
_entity_src_gen.pdbx_host_org_gene                 ? 
_entity_src_gen.pdbx_host_org_organ                ? 
_entity_src_gen.host_org_species                   ? 
_entity_src_gen.pdbx_host_org_tissue               ? 
_entity_src_gen.pdbx_host_org_tissue_fraction      ? 
_entity_src_gen.pdbx_host_org_strain               ? 
_entity_src_gen.pdbx_host_org_variant              ? 
_entity_src_gen.pdbx_host_org_cell_line            ? 
_entity_src_gen.pdbx_host_org_atcc                 ? 
_entity_src_gen.pdbx_host_org_culture_collection   ? 
_entity_src_gen.pdbx_host_org_cell                 ? 
_entity_src_gen.pdbx_host_org_organelle            ? 
_entity_src_gen.pdbx_host_org_cellular_location    ? 
_entity_src_gen.pdbx_host_org_vector_type          ? 
_entity_src_gen.pdbx_host_org_vector               ? 
_entity_src_gen.host_org_details                   ? 
_entity_src_gen.expression_system_id               ? 
_entity_src_gen.plasmid_name                       ? 
_entity_src_gen.plasmid_details                    ? 
_entity_src_gen.pdbx_description                   ? 
# 
loop_
_chem_comp.id 
_chem_comp.type 
_chem_comp.mon_nstd_flag 
_chem_comp.name 
_chem_comp.pdbx_synonyms 
_chem_comp.formula 
_chem_comp.formula_weight 
ALA 'L-peptide linking' y ALANINE                           ?    'C3 H7 N O2'       89.093  
ARG 'L-peptide linking' y ARGININE                          ?    'C6 H15 N4 O2 1'   175.209 
ASN 'L-peptide linking' y ASPARAGINE                        ?    'C4 H8 N2 O3'      132.118 
ASP 'L-peptide linking' y 'ASPARTIC ACID'                   ?    'C4 H7 N O4'       133.103 
GLN 'L-peptide linking' y GLUTAMINE                         ?    'C5 H10 N2 O3'     146.144 
GLU 'L-peptide linking' y 'GLUTAMIC ACID'                   ?    'C5 H9 N O4'       147.129 
GLY 'peptide linking'   y GLYCINE                           ?    'C2 H5 N O2'       75.067  
HEM non-polymer         . 'PROTOPORPHYRIN IX CONTAINING FE' HEME 'C34 H32 Fe N4 O4' 616.487 
HIS 'L-peptide linking' y HISTIDINE                         ?    'C6 H10 N3 O2 1'   156.162 
HOH non-polymer         . WATER                             ?    'H2 O'             18.015  
ILE 'L-peptide linking' y ISOLEUCINE                        ?    'C6 H13 N O2'      131.173 
LEU 'L-peptide linking' y LEUCINE                           ?    'C6 H13 N O2'      131.173 
LYS 'L-peptide linking' y LYSINE                            ?    'C6 H15 N2 O2 1'   147.195 
MET 'L-peptide linking' y METHIONINE                        ?    'C5 H11 N O2 S'    149.211 
NPN non-polymer         . 'N-PROPYL ISOCYANIDE'             ?    'C4 H7 N'          69.105  
PHE 'L-peptide linking' y PHENYLALANINE                     ?    'C9 H11 N O2'      165.189 
PRO 'L-peptide linking' y PROLINE                           ?    'C5 H9 N O2'       115.130 
SER 'L-peptide linking' y SERINE                            ?    'C3 H7 N O3'       105.093 
SO4 non-polymer         . 'SULFATE ION'                     ?    'O4 S -2'          96.063  
THR 'L-peptide linking' y THREONINE                         ?    'C4 H9 N O3'       119.119 
TRP 'L-peptide linking' y TRYPTOPHAN                        ?    'C11 H12 N2 O2'    204.225 
TYR 'L-peptide linking' y TYROSINE                          ?    'C9 H11 N O3'      181.189 
VAL 'L-peptide linking' y VALINE                            ?    'C5 H11 N O2'      117.146 
# 
loop_
_pdbx_poly_seq_scheme.asym_id 
_pdbx_poly_seq_scheme.entity_id 
_pdbx_poly_seq_scheme.seq_id 
_pdbx_poly_seq_scheme.mon_id 
_pdbx_poly_seq_scheme.ndb_seq_num 
_pdbx_poly_seq_scheme.pdb_seq_num 
_pdbx_poly_seq_scheme.auth_seq_num 
_pdbx_poly_seq_scheme.pdb_mon_id 
_pdbx_poly_seq_scheme.auth_mon_id 
_pdbx_poly_seq_scheme.pdb_strand_id 
_pdbx_poly_seq_scheme.pdb_ins_code 
_pdbx_poly_seq_scheme.hetero 
A 1 1   VAL 1   1   1   VAL VAL A . n 
A 1 2   LEU 2   2   2   LEU LEU A . n 
A 1 3   SER 3   3   3   SER SER A . n 
A 1 4   GLU 4   4   4   GLU GLU A . n 
A 1 5   GLY 5   5   5   GLY GLY A . n 
A 1 6   GLU 6   6   6   GLU GLU A . n 
A 1 7   TRP 7   7   7   TRP TRP A . n 
A 1 8   GLN 8   8   8   GLN GLN A . n 
A 1 9   LEU 9   9   9   LEU LEU A . n 
A 1 10  VAL 10  10  10  VAL VAL A . n 
A 1 11  LEU 11  11  11  LEU LEU A . n 
A 1 12  HIS 12  12  12  HIS HIS A . n 
A 1 13  VAL 13  13  13  VAL VAL A . n 
A 1 14  TRP 14  14  14  TRP TRP A . n 
A 1 15  ALA 15  15  15  ALA ALA A . n 
A 1 16  LYS 16  16  16  LYS LYS A . n 
A 1 17  VAL 17  17  17  VAL VAL A . n 
A 1 18  GLU 18  18  18  GLU GLU A . n 
A 1 19  ALA 19  19  19  ALA ALA A . n 
A 1 20  ASP 20  20  20  ASP ASP A . n 
A 1 21  VAL 21  21  21  VAL VAL A . n 
A 1 22  ALA 22  22  22  ALA ALA A . n 
A 1 23  GLY 23  23  23  GLY GLY A . n 
A 1 24  HIS 24  24  24  HIS HIS A . n 
A 1 25  GLY 25  25  25  GLY GLY A . n 
A 1 26  GLN 26  26  26  GLN GLN A . n 
A 1 27  ASP 27  27  27  ASP ASP A . n 
A 1 28  ILE 28  28  28  ILE ILE A . n 
A 1 29  LEU 29  29  29  LEU LEU A . n 
A 1 30  ILE 30  30  30  ILE ILE A . n 
A 1 31  ARG 31  31  31  ARG ARG A . n 
A 1 32  LEU 32  32  32  LEU LEU A . n 
A 1 33  PHE 33  33  33  PHE PHE A . n 
A 1 34  LYS 34  34  34  LYS LYS A . n 
A 1 35  SER 35  35  35  SER SER A . n 
A 1 36  HIS 36  36  36  HIS HIS A . n 
A 1 37  PRO 37  37  37  PRO PRO A . n 
A 1 38  GLU 38  38  38  GLU GLU A . n 
A 1 39  THR 39  39  39  THR THR A . n 
A 1 40  LEU 40  40  40  LEU LEU A . n 
A 1 41  GLU 41  41  41  GLU GLU A . n 
A 1 42  LYS 42  42  42  LYS LYS A . n 
A 1 43  PHE 43  43  43  PHE PHE A . n 
A 1 44  ASP 44  44  44  ASP ASP A . n 
A 1 45  ARG 45  45  45  ARG ARG A . n 
A 1 46  PHE 46  46  46  PHE PHE A . n 
A 1 47  LYS 47  47  47  LYS LYS A . n 
A 1 48  HIS 48  48  48  HIS HIS A . n 
A 1 49  LEU 49  49  49  LEU LEU A . n 
A 1 50  LYS 50  50  50  LYS LYS A . n 
A 1 51  THR 51  51  51  THR THR A . n 
A 1 52  GLU 52  52  52  GLU GLU A . n 
A 1 53  ALA 53  53  53  ALA ALA A . n 
A 1 54  GLU 54  54  54  GLU GLU A . n 
A 1 55  MET 55  55  55  MET MET A . n 
A 1 56  LYS 56  56  56  LYS LYS A . n 
A 1 57  ALA 57  57  57  ALA ALA A . n 
A 1 58  SER 58  58  58  SER SER A . n 
A 1 59  GLU 59  59  59  GLU GLU A . n 
A 1 60  ASP 60  60  60  ASP ASP A . n 
A 1 61  LEU 61  61  61  LEU LEU A . n 
A 1 62  LYS 62  62  62  LYS LYS A . n 
A 1 63  LYS 63  63  63  LYS LYS A . n 
A 1 64  HIS 64  64  64  HIS HIS A . n 
A 1 65  GLY 65  65  65  GLY GLY A . n 
A 1 66  VAL 66  66  66  VAL VAL A . n 
A 1 67  THR 67  67  67  THR THR A . n 
A 1 68  VAL 68  68  68  VAL VAL A . n 
A 1 69  LEU 69  69  69  LEU LEU A . n 
A 1 70  THR 70  70  70  THR THR A . n 
A 1 71  ALA 71  71  71  ALA ALA A . n 
A 1 72  LEU 72  72  72  LEU LEU A . n 
A 1 73  GLY 73  73  73  GLY GLY A . n 
A 1 74  ALA 74  74  74  ALA ALA A . n 
A 1 75  ILE 75  75  75  ILE ILE A . n 
A 1 76  LEU 76  76  76  LEU LEU A . n 
A 1 77  LYS 77  77  77  LYS LYS A . n 
A 1 78  LYS 78  78  78  LYS LYS A . n 
A 1 79  LYS 79  79  79  LYS LYS A . n 
A 1 80  GLY 80  80  80  GLY GLY A . n 
A 1 81  HIS 81  81  81  HIS HIS A . n 
A 1 82  HIS 82  82  82  HIS HIS A . n 
A 1 83  GLU 83  83  83  GLU GLU A . n 
A 1 84  ALA 84  84  84  ALA ALA A . n 
A 1 85  GLU 85  85  85  GLU GLU A . n 
A 1 86  LEU 86  86  86  LEU LEU A . n 
A 1 87  LYS 87  87  87  LYS LYS A . n 
A 1 88  PRO 88  88  88  PRO PRO A . n 
A 1 89  LEU 89  89  89  LEU LEU A . n 
A 1 90  ALA 90  90  90  ALA ALA A . n 
A 1 91  GLN 91  91  91  GLN GLN A . n 
A 1 92  SER 92  92  92  SER SER A . n 
A 1 93  HIS 93  93  93  HIS HIS A . n 
A 1 94  ALA 94  94  94  ALA ALA A . n 
A 1 95  THR 95  95  95  THR THR A . n 
A 1 96  LYS 96  96  96  LYS LYS A . n 
A 1 97  HIS 97  97  97  HIS HIS A . n 
A 1 98  LYS 98  98  98  LYS LYS A . n 
A 1 99  ILE 99  99  99  ILE ILE A . n 
A 1 100 PRO 100 100 100 PRO PRO A . n 
A 1 101 ILE 101 101 101 ILE ILE A . n 
A 1 102 LYS 102 102 102 LYS LYS A . n 
A 1 103 TYR 103 103 103 TYR TYR A . n 
A 1 104 LEU 104 104 104 LEU LEU A . n 
A 1 105 GLU 105 105 105 GLU GLU A . n 
A 1 106 PHE 106 106 106 PHE PHE A . n 
A 1 107 ILE 107 107 107 ILE ILE A . n 
A 1 108 SER 108 108 108 SER SER A . n 
A 1 109 GLU 109 109 109 GLU GLU A . n 
A 1 110 ALA 110 110 110 ALA ALA A . n 
A 1 111 ILE 111 111 111 ILE ILE A . n 
A 1 112 ILE 112 112 112 ILE ILE A . n 
A 1 113 HIS 113 113 113 HIS HIS A . n 
A 1 114 VAL 114 114 114 VAL VAL A . n 
A 1 115 LEU 115 115 115 LEU LEU A . n 
A 1 116 HIS 116 116 116 HIS HIS A . n 
A 1 117 SER 117 117 117 SER SER A . n 
A 1 118 ARG 118 118 118 ARG ARG A . n 
A 1 119 HIS 119 119 119 HIS HIS A . n 
A 1 120 PRO 120 120 120 PRO PRO A . n 
A 1 121 GLY 121 121 121 GLY GLY A . n 
A 1 122 ASP 122 122 122 ASP ASP A . n 
A 1 123 PHE 123 123 123 PHE PHE A . n 
A 1 124 GLY 124 124 124 GLY GLY A . n 
A 1 125 ALA 125 125 125 ALA ALA A . n 
A 1 126 ASP 126 126 126 ASP ASP A . n 
A 1 127 ALA 127 127 127 ALA ALA A . n 
A 1 128 GLN 128 128 128 GLN GLN A . n 
A 1 129 GLY 129 129 129 GLY GLY A . n 
A 1 130 ALA 130 130 130 ALA ALA A . n 
A 1 131 MET 131 131 131 MET MET A . n 
A 1 132 ASN 132 132 132 ASN ASN A . n 
A 1 133 LYS 133 133 133 LYS LYS A . n 
A 1 134 ALA 134 134 134 ALA ALA A . n 
A 1 135 LEU 135 135 135 LEU LEU A . n 
A 1 136 GLU 136 136 136 GLU GLU A . n 
A 1 137 LEU 137 137 137 LEU LEU A . n 
A 1 138 PHE 138 138 138 PHE PHE A . n 
A 1 139 ARG 139 139 139 ARG ARG A . n 
A 1 140 LYS 140 140 140 LYS LYS A . n 
A 1 141 ASP 141 141 141 ASP ASP A . n 
A 1 142 ILE 142 142 142 ILE ILE A . n 
A 1 143 ALA 143 143 143 ALA ALA A . n 
A 1 144 ALA 144 144 144 ALA ALA A . n 
A 1 145 LYS 145 145 145 LYS LYS A . n 
A 1 146 TYR 146 146 146 TYR TYR A . n 
A 1 147 LYS 147 147 147 LYS LYS A . n 
A 1 148 GLU 148 148 148 GLU GLU A . n 
A 1 149 LEU 149 149 149 LEU LEU A . n 
A 1 150 GLY 150 150 150 GLY GLY A . n 
A 1 151 TYR 151 151 151 TYR TYR A . n 
A 1 152 GLN 152 152 152 GLN GLN A . n 
A 1 153 GLY 153 153 153 GLY GLY A . n 
# 
loop_
_pdbx_nonpoly_scheme.asym_id 
_pdbx_nonpoly_scheme.entity_id 
_pdbx_nonpoly_scheme.mon_id 
_pdbx_nonpoly_scheme.ndb_seq_num 
_pdbx_nonpoly_scheme.pdb_seq_num 
_pdbx_nonpoly_scheme.auth_seq_num 
_pdbx_nonpoly_scheme.pdb_mon_id 
_pdbx_nonpoly_scheme.auth_mon_id 
_pdbx_nonpoly_scheme.pdb_strand_id 
_pdbx_nonpoly_scheme.pdb_ins_code 
B 2 SO4 1   156 156 SO4 SO4 A . 
C 3 HEM 1   154 154 HEM HEM A . 
D 4 NPN 1   155 155 NPN NPN A . 
E 5 HOH 1   158 158 HOH HOH A . 
E 5 HOH 2   159 159 HOH HOH A . 
E 5 HOH 3   160 160 HOH HOH A . 
E 5 HOH 4   161 161 HOH HOH A . 
E 5 HOH 5   162 162 HOH HOH A . 
E 5 HOH 6   163 163 HOH HOH A . 
E 5 HOH 7   164 164 HOH HOH A . 
E 5 HOH 8   165 165 HOH HOH A . 
E 5 HOH 9   167 167 HOH HOH A . 
E 5 HOH 10  168 168 HOH HOH A . 
E 5 HOH 11  172 172 HOH HOH A . 
E 5 HOH 12  173 173 HOH HOH A . 
E 5 HOH 13  175 175 HOH HOH A . 
E 5 HOH 14  177 177 HOH HOH A . 
E 5 HOH 15  178 178 HOH HOH A . 
E 5 HOH 16  181 181 HOH HOH A . 
E 5 HOH 17  185 185 HOH HOH A . 
E 5 HOH 18  186 186 HOH HOH A . 
E 5 HOH 19  187 187 HOH HOH A . 
E 5 HOH 20  190 190 HOH HOH A . 
E 5 HOH 21  193 193 HOH HOH A . 
E 5 HOH 22  194 194 HOH HOH A . 
E 5 HOH 23  195 195 HOH HOH A . 
E 5 HOH 24  196 196 HOH HOH A . 
E 5 HOH 25  197 197 HOH HOH A . 
E 5 HOH 26  200 200 HOH HOH A . 
E 5 HOH 27  201 201 HOH HOH A . 
E 5 HOH 28  202 202 HOH HOH A . 
E 5 HOH 29  205 205 HOH HOH A . 
E 5 HOH 30  207 207 HOH HOH A . 
E 5 HOH 31  208 208 HOH HOH A . 
E 5 HOH 32  209 209 HOH HOH A . 
E 5 HOH 33  210 210 HOH HOH A . 
E 5 HOH 34  213 213 HOH HOH A . 
E 5 HOH 35  215 215 HOH HOH A . 
E 5 HOH 36  216 216 HOH HOH A . 
E 5 HOH 37  218 218 HOH HOH A . 
E 5 HOH 38  227 227 HOH HOH A . 
E 5 HOH 39  228 228 HOH HOH A . 
E 5 HOH 40  229 229 HOH HOH A . 
E 5 HOH 41  234 234 HOH HOH A . 
E 5 HOH 42  235 235 HOH HOH A . 
E 5 HOH 43  236 236 HOH HOH A . 
E 5 HOH 44  237 237 HOH HOH A . 
E 5 HOH 45  240 240 HOH HOH A . 
E 5 HOH 46  255 255 HOH HOH A . 
E 5 HOH 47  257 257 HOH HOH A . 
E 5 HOH 48  258 258 HOH HOH A . 
E 5 HOH 49  259 259 HOH HOH A . 
E 5 HOH 50  261 261 HOH HOH A . 
E 5 HOH 51  265 265 HOH HOH A . 
E 5 HOH 52  266 266 HOH HOH A . 
E 5 HOH 53  267 267 HOH HOH A . 
E 5 HOH 54  268 268 HOH HOH A . 
E 5 HOH 55  270 270 HOH HOH A . 
E 5 HOH 56  271 271 HOH HOH A . 
E 5 HOH 57  273 273 HOH HOH A . 
E 5 HOH 58  276 276 HOH HOH A . 
E 5 HOH 59  277 277 HOH HOH A . 
E 5 HOH 60  278 278 HOH HOH A . 
E 5 HOH 61  282 282 HOH HOH A . 
E 5 HOH 62  284 284 HOH HOH A . 
E 5 HOH 63  285 285 HOH HOH A . 
E 5 HOH 64  286 286 HOH HOH A . 
E 5 HOH 65  287 287 HOH HOH A . 
E 5 HOH 66  289 289 HOH HOH A . 
E 5 HOH 67  290 290 HOH HOH A . 
E 5 HOH 68  291 291 HOH HOH A . 
E 5 HOH 69  292 292 HOH HOH A . 
E 5 HOH 70  295 295 HOH HOH A . 
E 5 HOH 71  296 296 HOH HOH A . 
E 5 HOH 72  297 297 HOH HOH A . 
E 5 HOH 73  298 298 HOH HOH A . 
E 5 HOH 74  299 299 HOH HOH A . 
E 5 HOH 75  300 300 HOH HOH A . 
E 5 HOH 76  301 301 HOH HOH A . 
E 5 HOH 77  305 305 HOH HOH A . 
E 5 HOH 78  307 307 HOH HOH A . 
E 5 HOH 79  309 309 HOH HOH A . 
E 5 HOH 80  311 311 HOH HOH A . 
E 5 HOH 81  314 314 HOH HOH A . 
E 5 HOH 82  317 317 HOH HOH A . 
E 5 HOH 83  323 323 HOH HOH A . 
E 5 HOH 84  325 325 HOH HOH A . 
E 5 HOH 85  326 326 HOH HOH A . 
E 5 HOH 86  327 327 HOH HOH A . 
E 5 HOH 87  338 338 HOH HOH A . 
E 5 HOH 88  350 350 HOH HOH A . 
E 5 HOH 89  361 361 HOH HOH A . 
E 5 HOH 90  362 362 HOH HOH A . 
E 5 HOH 91  368 368 HOH HOH A . 
E 5 HOH 92  371 371 HOH HOH A . 
E 5 HOH 93  372 372 HOH HOH A . 
E 5 HOH 94  373 373 HOH HOH A . 
E 5 HOH 95  380 380 HOH HOH A . 
E 5 HOH 96  382 382 HOH HOH A . 
E 5 HOH 97  389 389 HOH HOH A . 
E 5 HOH 98  392 392 HOH HOH A . 
E 5 HOH 99  397 397 HOH HOH A . 
E 5 HOH 100 402 402 HOH HOH A . 
E 5 HOH 101 403 403 HOH HOH A . 
E 5 HOH 102 407 407 HOH HOH A . 
E 5 HOH 103 408 408 HOH HOH A . 
E 5 HOH 104 409 409 HOH HOH A . 
E 5 HOH 105 413 413 HOH HOH A . 
E 5 HOH 106 414 414 HOH HOH A . 
E 5 HOH 107 415 415 HOH HOH A . 
E 5 HOH 108 416 416 HOH HOH A . 
E 5 HOH 109 418 418 HOH HOH A . 
E 5 HOH 110 419 419 HOH HOH A . 
E 5 HOH 111 424 424 HOH HOH A . 
E 5 HOH 112 427 427 HOH HOH A . 
E 5 HOH 113 430 430 HOH HOH A . 
E 5 HOH 114 432 432 HOH HOH A . 
E 5 HOH 115 435 435 HOH HOH A . 
E 5 HOH 116 444 444 HOH HOH A . 
E 5 HOH 117 449 449 HOH HOH A . 
E 5 HOH 118 451 451 HOH HOH A . 
E 5 HOH 119 452 452 HOH HOH A . 
E 5 HOH 120 454 454 HOH HOH A . 
E 5 HOH 121 461 461 HOH HOH A . 
E 5 HOH 122 463 463 HOH HOH A . 
E 5 HOH 123 464 464 HOH HOH A . 
E 5 HOH 124 467 467 HOH HOH A . 
E 5 HOH 125 468 468 HOH HOH A . 
E 5 HOH 126 471 471 HOH HOH A . 
E 5 HOH 127 475 475 HOH HOH A . 
E 5 HOH 128 479 479 HOH HOH A . 
E 5 HOH 129 480 480 HOH HOH A . 
E 5 HOH 130 482 482 HOH HOH A . 
E 5 HOH 131 493 493 HOH HOH A . 
E 5 HOH 132 495 495 HOH HOH A . 
E 5 HOH 133 498 498 HOH HOH A . 
E 5 HOH 134 525 525 HOH HOH A . 
E 5 HOH 135 526 526 HOH HOH A . 
E 5 HOH 136 527 527 HOH HOH A . 
E 5 HOH 137 533 533 HOH HOH A . 
E 5 HOH 138 545 545 HOH HOH A . 
E 5 HOH 139 549 549 HOH HOH A . 
E 5 HOH 140 551 551 HOH HOH A . 
E 5 HOH 141 569 569 HOH HOH A . 
E 5 HOH 142 577 577 HOH HOH A . 
E 5 HOH 143 585 585 HOH HOH A . 
E 5 HOH 144 586 586 HOH HOH A . 
E 5 HOH 145 592 592 HOH HOH A . 
E 5 HOH 146 603 603 HOH HOH A . 
E 5 HOH 147 604 604 HOH HOH A . 
E 5 HOH 148 613 613 HOH HOH A . 
E 5 HOH 149 615 615 HOH HOH A . 
E 5 HOH 150 616 616 HOH HOH A . 
E 5 HOH 151 624 624 HOH HOH A . 
E 5 HOH 152 630 630 HOH HOH A . 
E 5 HOH 153 644 644 HOH HOH A . 
E 5 HOH 154 652 652 HOH HOH A . 
E 5 HOH 155 662 662 HOH HOH A . 
E 5 HOH 156 664 664 HOH HOH A . 
E 5 HOH 157 674 674 HOH HOH A . 
E 5 HOH 158 688 688 HOH HOH A . 
E 5 HOH 159 715 715 HOH HOH A . 
E 5 HOH 160 770 770 HOH HOH A . 
E 5 HOH 161 785 785 HOH HOH A . 
E 5 HOH 162 805 805 HOH HOH A . 
E 5 HOH 163 820 820 HOH HOH A . 
E 5 HOH 164 835 835 HOH HOH A . 
# 
loop_
_software.name 
_software.classification 
_software.version 
_software.citation_id 
_software.pdbx_ordinal 
X-PLOR 'model building' 3.1 ? 1 
X-PLOR refinement       3.1 ? 2 
X-PLOR phasing          3.1 ? 3 
# 
_cell.entry_id           2MYD 
_cell.length_a           64.640 
_cell.length_b           30.950 
_cell.length_c           34.950 
_cell.angle_alpha        90.00 
_cell.angle_beta         106.08 
_cell.angle_gamma        90.00 
_cell.Z_PDB              2 
_cell.pdbx_unique_axis   ? 
# 
_symmetry.entry_id                         2MYD 
_symmetry.space_group_name_H-M             'P 1 21 1' 
_symmetry.pdbx_full_space_group_name_H-M   ? 
_symmetry.cell_setting                     ? 
_symmetry.Int_Tables_number                4 
# 
_exptl.entry_id          2MYD 
_exptl.method            'X-RAY DIFFRACTION' 
_exptl.crystals_number   ? 
# 
_exptl_crystal.id                    1 
_exptl_crystal.density_meas          ? 
_exptl_crystal.density_Matthews      1.95 
_exptl_crystal.density_percent_sol   36.88 
_exptl_crystal.description           ? 
# 
_refine.entry_id                                 2MYD 
_refine.ls_number_reflns_obs                     ? 
_refine.ls_number_reflns_all                     ? 
_refine.pdbx_ls_sigma_I                          ? 
_refine.pdbx_ls_sigma_F                          0.0 
_refine.pdbx_data_cutoff_high_absF               ? 
_refine.pdbx_data_cutoff_low_absF                ? 
_refine.pdbx_data_cutoff_high_rms_absF           ? 
_refine.ls_d_res_low                             5.0 
_refine.ls_d_res_high                            1.8 
_refine.ls_percent_reflns_obs                    ? 
_refine.ls_R_factor_obs                          0.1480000 
_refine.ls_R_factor_all                          ? 
_refine.ls_R_factor_R_work                       0.1480000 
_refine.ls_R_factor_R_free                       ? 
_refine.ls_R_factor_R_free_error                 ? 
_refine.ls_R_factor_R_free_error_details         ? 
_refine.ls_percent_reflns_R_free                 ? 
_refine.ls_number_reflns_R_free                  ? 
_refine.ls_number_parameters                     ? 
_refine.ls_number_restraints                     ? 
_refine.occupancy_min                            ? 
_refine.occupancy_max                            ? 
_refine.B_iso_mean                               ? 
_refine.aniso_B[1][1]                            ? 
_refine.aniso_B[2][2]                            ? 
_refine.aniso_B[3][3]                            ? 
_refine.aniso_B[1][2]                            ? 
_refine.aniso_B[1][3]                            ? 
_refine.aniso_B[2][3]                            ? 
_refine.solvent_model_details                    ? 
_refine.solvent_model_param_ksol                 ? 
_refine.solvent_model_param_bsol                 ? 
_refine.pdbx_ls_cross_valid_method               ? 
_refine.details                                  
;WATERS WERE RETAINED FROM THE STARTING STRUCTURE OF
OXYMYOGLOBIN (PROTEIN DATA BANK ENTRY 1MBO).  ADDITIONAL
WATERS WERE ADDED IF THEY LAY IN 3.5 - 4.O SIGMA PEAKS IN
FO-FC ELECTRON DENSITY MAPS AND 1 SIGMA PEAKS IN 2FO-FC
MAPS.  CONCURRENTLY, A WATER WOULD BE DELETED IF ITS
OCCUPANCY (Q) AND TEMPERATURE FACTOR (B) COMBINED TO MAKE
THE VALUE Q*EXP(-B/36)*100% FALL BELOW 10%.  A PEAK NUMBER
OF 340 WATERS WAS REACHED.  THIS WAS REDUCED TO 164 WATERS
OVER THE LAST FEW REFINEMENT CYCLES BY DELETING WATERS
WHICH FELL BELOW A 20% THRESHOLD.
;
_refine.pdbx_starting_model                      ? 
_refine.pdbx_method_to_determine_struct          ? 
_refine.pdbx_isotropic_thermal_model             ? 
_refine.pdbx_stereochemistry_target_values       ? 
_refine.pdbx_stereochem_target_val_spec_case     ? 
_refine.pdbx_R_Free_selection_details            ? 
_refine.pdbx_overall_ESU_R                       ? 
_refine.pdbx_overall_ESU_R_Free                  ? 
_refine.overall_SU_ML                            ? 
_refine.overall_SU_B                             ? 
_refine.pdbx_refine_id                           'X-RAY DIFFRACTION' 
_refine.pdbx_diffrn_id                           1 
_refine.pdbx_TLS_residual_ADP_flag               ? 
_refine.correlation_coeff_Fo_to_Fc               ? 
_refine.correlation_coeff_Fo_to_Fc_free          ? 
_refine.pdbx_solvent_vdw_probe_radii             ? 
_refine.pdbx_solvent_ion_probe_radii             ? 
_refine.pdbx_solvent_shrinkage_radii             ? 
_refine.pdbx_overall_phase_error                 ? 
_refine.overall_SU_R_Cruickshank_DPI             ? 
_refine.pdbx_overall_SU_R_free_Cruickshank_DPI   ? 
_refine.pdbx_overall_SU_R_Blow_DPI               ? 
_refine.pdbx_overall_SU_R_free_Blow_DPI          ? 
# 
_refine_hist.pdbx_refine_id                   'X-RAY DIFFRACTION' 
_refine_hist.cycle_id                         LAST 
_refine_hist.pdbx_number_atoms_protein        1223 
_refine_hist.pdbx_number_atoms_nucleic_acid   0 
_refine_hist.pdbx_number_atoms_ligand         58 
_refine_hist.number_atoms_solvent             164 
_refine_hist.number_atoms_total               1445 
_refine_hist.d_res_high                       1.8 
_refine_hist.d_res_low                        5.0 
# 
loop_
_refine_ls_restr.type 
_refine_ls_restr.dev_ideal 
_refine_ls_restr.dev_ideal_target 
_refine_ls_restr.weight 
_refine_ls_restr.number 
_refine_ls_restr.pdbx_refine_id 
_refine_ls_restr.pdbx_restraint_function 
x_bond_d                0.020 ?   ? ? 'X-RAY DIFFRACTION' ? 
x_bond_d_na             ?     ?   ? ? 'X-RAY DIFFRACTION' ? 
x_bond_d_prot           ?     ?   ? ? 'X-RAY DIFFRACTION' ? 
x_angle_d               ?     ?   ? ? 'X-RAY DIFFRACTION' ? 
x_angle_d_na            ?     ?   ? ? 'X-RAY DIFFRACTION' ? 
x_angle_d_prot          ?     ?   ? ? 'X-RAY DIFFRACTION' ? 
x_angle_deg             1.602 ?   ? ? 'X-RAY DIFFRACTION' ? 
x_angle_deg_na          ?     ?   ? ? 'X-RAY DIFFRACTION' ? 
x_angle_deg_prot        ?     ?   ? ? 'X-RAY DIFFRACTION' ? 
x_dihedral_angle_d      ?     ?   ? ? 'X-RAY DIFFRACTION' ? 
x_dihedral_angle_d_na   ?     ?   ? ? 'X-RAY DIFFRACTION' ? 
x_dihedral_angle_d_prot ?     ?   ? ? 'X-RAY DIFFRACTION' ? 
x_improper_angle_d      ?     ?   ? ? 'X-RAY DIFFRACTION' ? 
x_improper_angle_d_na   ?     ?   ? ? 'X-RAY DIFFRACTION' ? 
x_improper_angle_d_prot ?     ?   ? ? 'X-RAY DIFFRACTION' ? 
x_mcbond_it             1.5   1.5 ? ? 'X-RAY DIFFRACTION' ? 
x_mcangle_it            2.0   2.0 ? ? 'X-RAY DIFFRACTION' ? 
x_scbond_it             2.0   2.0 ? ? 'X-RAY DIFFRACTION' ? 
x_scangle_it            2.5   2.5 ? ? 'X-RAY DIFFRACTION' ? 
# 
_struct.entry_id                  2MYD 
_struct.title                     'HIGH RESOLUTION X-RAY STRUCTURES OF MYOGLOBIN-AND HEMOGLOBIN-ALKYL ISOCYANIDE COMPLEXES' 
_struct.pdbx_model_details        ? 
_struct.pdbx_CASP_flag            ? 
_struct.pdbx_model_type_details   ? 
# 
_struct_keywords.entry_id        2MYD 
_struct_keywords.pdbx_keywords   'OXYGEN STORAGE' 
_struct_keywords.text            'OXYGEN STORAGE' 
# 
loop_
_struct_asym.id 
_struct_asym.pdbx_blank_PDB_chainid_flag 
_struct_asym.pdbx_modified 
_struct_asym.entity_id 
_struct_asym.details 
A N N 1 ? 
B N N 2 ? 
C N N 3 ? 
D N N 4 ? 
E N N 5 ? 
# 
_struct_ref.id                         1 
_struct_ref.db_name                    UNP 
_struct_ref.db_code                    MYG_PHYCA 
_struct_ref.entity_id                  1 
_struct_ref.pdbx_db_accession          P02185 
_struct_ref.pdbx_align_begin           1 
_struct_ref.pdbx_seq_one_letter_code   
;VLSEGEWQLVLHVWAKVEADVAGHGQDILIRLFKSHPETLEKFDRFKHLKTEAEMKASEDLKKHGVTVLTALGAILKKKG
HHEAELKPLAQSHATKHKIPIKYLEFISEAIIHVLHSRHPGDFGADAQGAMNKALELFRKDIAAKYKELGYQG
;
_struct_ref.pdbx_db_isoform            ? 
# 
_struct_ref_seq.align_id                      1 
_struct_ref_seq.ref_id                        1 
_struct_ref_seq.pdbx_PDB_id_code              2MYD 
_struct_ref_seq.pdbx_strand_id                A 
_struct_ref_seq.seq_align_beg                 1 
_struct_ref_seq.pdbx_seq_align_beg_ins_code   ? 
_struct_ref_seq.seq_align_end                 153 
_struct_ref_seq.pdbx_seq_align_end_ins_code   ? 
_struct_ref_seq.pdbx_db_accession             P02185 
_struct_ref_seq.db_align_beg                  1 
_struct_ref_seq.pdbx_db_align_beg_ins_code    ? 
_struct_ref_seq.db_align_end                  153 
_struct_ref_seq.pdbx_db_align_end_ins_code    ? 
_struct_ref_seq.pdbx_auth_seq_align_beg       1 
_struct_ref_seq.pdbx_auth_seq_align_end       153 
# 
_pdbx_struct_assembly.id                   1 
_pdbx_struct_assembly.details              author_defined_assembly 
_pdbx_struct_assembly.method_details       ? 
_pdbx_struct_assembly.oligomeric_details   monomeric 
_pdbx_struct_assembly.oligomeric_count     1 
# 
_pdbx_struct_assembly_gen.assembly_id       1 
_pdbx_struct_assembly_gen.oper_expression   1 
_pdbx_struct_assembly_gen.asym_id_list      A,B,C,D,E 
# 
_pdbx_struct_oper_list.id                   1 
_pdbx_struct_oper_list.type                 'identity operation' 
_pdbx_struct_oper_list.name                 1_555 
_pdbx_struct_oper_list.symmetry_operation   x,y,z 
_pdbx_struct_oper_list.matrix[1][1]         1.0000000000 
_pdbx_struct_oper_list.matrix[1][2]         0.0000000000 
_pdbx_struct_oper_list.matrix[1][3]         0.0000000000 
_pdbx_struct_oper_list.vector[1]            0.0000000000 
_pdbx_struct_oper_list.matrix[2][1]         0.0000000000 
_pdbx_struct_oper_list.matrix[2][2]         1.0000000000 
_pdbx_struct_oper_list.matrix[2][3]         0.0000000000 
_pdbx_struct_oper_list.vector[2]            0.0000000000 
_pdbx_struct_oper_list.matrix[3][1]         0.0000000000 
_pdbx_struct_oper_list.matrix[3][2]         0.0000000000 
_pdbx_struct_oper_list.matrix[3][3]         1.0000000000 
_pdbx_struct_oper_list.vector[3]            0.0000000000 
# 
_struct_biol.id   1 
# 
loop_
_struct_conf.conf_type_id 
_struct_conf.id 
_struct_conf.pdbx_PDB_helix_id 
_struct_conf.beg_label_comp_id 
_struct_conf.beg_label_asym_id 
_struct_conf.beg_label_seq_id 
_struct_conf.pdbx_beg_PDB_ins_code 
_struct_conf.end_label_comp_id 
_struct_conf.end_label_asym_id 
_struct_conf.end_label_seq_id 
_struct_conf.pdbx_end_PDB_ins_code 
_struct_conf.beg_auth_comp_id 
_struct_conf.beg_auth_asym_id 
_struct_conf.beg_auth_seq_id 
_struct_conf.end_auth_comp_id 
_struct_conf.end_auth_asym_id 
_struct_conf.end_auth_seq_id 
_struct_conf.pdbx_PDB_helix_class 
_struct_conf.details 
_struct_conf.pdbx_PDB_helix_length 
HELX_P HELX_P1 A SER A 3   ? GLU A 18  ? SER A 3   GLU A 18  1 ? 16 
HELX_P HELX_P2 B ASP A 20  ? SER A 35  ? ASP A 20  SER A 35  1 ? 16 
HELX_P HELX_P3 C HIS A 36  ? LYS A 42  ? HIS A 36  LYS A 42  1 ? 7  
HELX_P HELX_P4 D THR A 51  ? ALA A 57  ? THR A 51  ALA A 57  1 ? 7  
HELX_P HELX_P5 E SER A 58  ? LYS A 77  ? SER A 58  LYS A 77  1 ? 20 
HELX_P HELX_P6 F LEU A 86  ? THR A 95  ? LEU A 86  THR A 95  1 ? 10 
HELX_P HELX_P7 G PRO A 100 ? ARG A 118 ? PRO A 100 ARG A 118 1 ? 19 
HELX_P HELX_P8 H GLY A 124 ? LEU A 149 ? GLY A 124 LEU A 149 1 ? 26 
# 
_struct_conf_type.id          HELX_P 
_struct_conf_type.criteria    ? 
_struct_conf_type.reference   ? 
# 
loop_
_struct_conn.id 
_struct_conn.conn_type_id 
_struct_conn.pdbx_leaving_atom_flag 
_struct_conn.pdbx_PDB_id 
_struct_conn.ptnr1_label_asym_id 
_struct_conn.ptnr1_label_comp_id 
_struct_conn.ptnr1_label_seq_id 
_struct_conn.ptnr1_label_atom_id 
_struct_conn.pdbx_ptnr1_label_alt_id 
_struct_conn.pdbx_ptnr1_PDB_ins_code 
_struct_conn.pdbx_ptnr1_standard_comp_id 
_struct_conn.ptnr1_symmetry 
_struct_conn.ptnr2_label_asym_id 
_struct_conn.ptnr2_label_comp_id 
_struct_conn.ptnr2_label_seq_id 
_struct_conn.ptnr2_label_atom_id 
_struct_conn.pdbx_ptnr2_label_alt_id 
_struct_conn.pdbx_ptnr2_PDB_ins_code 
_struct_conn.ptnr1_auth_asym_id 
_struct_conn.ptnr1_auth_comp_id 
_struct_conn.ptnr1_auth_seq_id 
_struct_conn.ptnr2_auth_asym_id 
_struct_conn.ptnr2_auth_comp_id 
_struct_conn.ptnr2_auth_seq_id 
_struct_conn.ptnr2_symmetry 
_struct_conn.pdbx_ptnr3_label_atom_id 
_struct_conn.pdbx_ptnr3_label_seq_id 
_struct_conn.pdbx_ptnr3_label_comp_id 
_struct_conn.pdbx_ptnr3_label_asym_id 
_struct_conn.pdbx_ptnr3_label_alt_id 
_struct_conn.pdbx_ptnr3_PDB_ins_code 
_struct_conn.details 
_struct_conn.pdbx_dist_value 
_struct_conn.pdbx_value_order 
_struct_conn.pdbx_role 
metalc1 metalc ? ? A HIS 93 NE2 ? ? ? 1_555 C HEM . FE ? ? A HIS 93  A HEM 154 1_555 ? ? ? ? ? ? ? 2.077 ? ? 
metalc2 metalc ? ? C HEM .  FE  ? ? ? 1_555 D NPN . C  A ? A HEM 154 A NPN 155 1_555 ? ? ? ? ? ? ? 1.883 ? ? 
metalc3 metalc ? ? C HEM .  FE  ? ? ? 1_555 D NPN . C  B ? A HEM 154 A NPN 155 1_555 ? ? ? ? ? ? ? 1.891 ? ? 
metalc4 metalc ? ? C HEM .  FE  ? ? ? 1_555 D NPN . N  B ? A HEM 154 A NPN 155 1_555 ? ? ? ? ? ? ? 2.772 ? ? 
metalc5 metalc ? ? C HEM .  FE  ? ? ? 1_555 D NPN . N  A ? A HEM 154 A NPN 155 1_555 ? ? ? ? ? ? ? 3.057 ? ? 
# 
_struct_conn_type.id          metalc 
_struct_conn_type.criteria    ? 
_struct_conn_type.reference   ? 
# 
loop_
_pdbx_struct_conn_angle.id 
_pdbx_struct_conn_angle.ptnr1_label_atom_id 
_pdbx_struct_conn_angle.ptnr1_label_alt_id 
_pdbx_struct_conn_angle.ptnr1_label_asym_id 
_pdbx_struct_conn_angle.ptnr1_label_comp_id 
_pdbx_struct_conn_angle.ptnr1_label_seq_id 
_pdbx_struct_conn_angle.ptnr1_auth_atom_id 
_pdbx_struct_conn_angle.ptnr1_auth_asym_id 
_pdbx_struct_conn_angle.ptnr1_auth_comp_id 
_pdbx_struct_conn_angle.ptnr1_auth_seq_id 
_pdbx_struct_conn_angle.ptnr1_PDB_ins_code 
_pdbx_struct_conn_angle.ptnr1_symmetry 
_pdbx_struct_conn_angle.ptnr2_label_atom_id 
_pdbx_struct_conn_angle.ptnr2_label_alt_id 
_pdbx_struct_conn_angle.ptnr2_label_asym_id 
_pdbx_struct_conn_angle.ptnr2_label_comp_id 
_pdbx_struct_conn_angle.ptnr2_label_seq_id 
_pdbx_struct_conn_angle.ptnr2_auth_atom_id 
_pdbx_struct_conn_angle.ptnr2_auth_asym_id 
_pdbx_struct_conn_angle.ptnr2_auth_comp_id 
_pdbx_struct_conn_angle.ptnr2_auth_seq_id 
_pdbx_struct_conn_angle.ptnr2_PDB_ins_code 
_pdbx_struct_conn_angle.ptnr2_symmetry 
_pdbx_struct_conn_angle.ptnr3_label_atom_id 
_pdbx_struct_conn_angle.ptnr3_label_alt_id 
_pdbx_struct_conn_angle.ptnr3_label_asym_id 
_pdbx_struct_conn_angle.ptnr3_label_comp_id 
_pdbx_struct_conn_angle.ptnr3_label_seq_id 
_pdbx_struct_conn_angle.ptnr3_auth_atom_id 
_pdbx_struct_conn_angle.ptnr3_auth_asym_id 
_pdbx_struct_conn_angle.ptnr3_auth_comp_id 
_pdbx_struct_conn_angle.ptnr3_auth_seq_id 
_pdbx_struct_conn_angle.ptnr3_PDB_ins_code 
_pdbx_struct_conn_angle.ptnr3_symmetry 
_pdbx_struct_conn_angle.value 
_pdbx_struct_conn_angle.value_esd 
1  NE2 ? A HIS 93 ? A HIS 93  ? 1_555 FE ? C HEM . ? A HEM 154 ? 1_555 NA ? C HEM . ? A HEM 154 ? 1_555 91.9  ? 
2  NE2 ? A HIS 93 ? A HIS 93  ? 1_555 FE ? C HEM . ? A HEM 154 ? 1_555 NB ? C HEM . ? A HEM 154 ? 1_555 90.3  ? 
3  NA  ? C HEM .  ? A HEM 154 ? 1_555 FE ? C HEM . ? A HEM 154 ? 1_555 NB ? C HEM . ? A HEM 154 ? 1_555 91.5  ? 
4  NE2 ? A HIS 93 ? A HIS 93  ? 1_555 FE ? C HEM . ? A HEM 154 ? 1_555 NC ? C HEM . ? A HEM 154 ? 1_555 89.4  ? 
5  NA  ? C HEM .  ? A HEM 154 ? 1_555 FE ? C HEM . ? A HEM 154 ? 1_555 NC ? C HEM . ? A HEM 154 ? 1_555 178.6 ? 
6  NB  ? C HEM .  ? A HEM 154 ? 1_555 FE ? C HEM . ? A HEM 154 ? 1_555 NC ? C HEM . ? A HEM 154 ? 1_555 88.1  ? 
7  NE2 ? A HIS 93 ? A HIS 93  ? 1_555 FE ? C HEM . ? A HEM 154 ? 1_555 ND ? C HEM . ? A HEM 154 ? 1_555 92.2  ? 
8  NA  ? C HEM .  ? A HEM 154 ? 1_555 FE ? C HEM . ? A HEM 154 ? 1_555 ND ? C HEM . ? A HEM 154 ? 1_555 94.6  ? 
9  NB  ? C HEM .  ? A HEM 154 ? 1_555 FE ? C HEM . ? A HEM 154 ? 1_555 ND ? C HEM . ? A HEM 154 ? 1_555 173.3 ? 
10 NC  ? C HEM .  ? A HEM 154 ? 1_555 FE ? C HEM . ? A HEM 154 ? 1_555 ND ? C HEM . ? A HEM 154 ? 1_555 85.7  ? 
11 NE2 ? A HIS 93 ? A HIS 93  ? 1_555 FE ? C HEM . ? A HEM 154 ? 1_555 C  A D NPN . ? A NPN 155 ? 1_555 171.1 ? 
12 NA  ? C HEM .  ? A HEM 154 ? 1_555 FE ? C HEM . ? A HEM 154 ? 1_555 C  A D NPN . ? A NPN 155 ? 1_555 96.8  ? 
13 NB  ? C HEM .  ? A HEM 154 ? 1_555 FE ? C HEM . ? A HEM 154 ? 1_555 C  A D NPN . ? A NPN 155 ? 1_555 87.7  ? 
14 NC  ? C HEM .  ? A HEM 154 ? 1_555 FE ? C HEM . ? A HEM 154 ? 1_555 C  A D NPN . ? A NPN 155 ? 1_555 81.9  ? 
15 ND  ? C HEM .  ? A HEM 154 ? 1_555 FE ? C HEM . ? A HEM 154 ? 1_555 C  A D NPN . ? A NPN 155 ? 1_555 89.0  ? 
16 NE2 ? A HIS 93 ? A HIS 93  ? 1_555 FE ? C HEM . ? A HEM 154 ? 1_555 C  B D NPN . ? A NPN 155 ? 1_555 176.5 ? 
17 NA  ? C HEM .  ? A HEM 154 ? 1_555 FE ? C HEM . ? A HEM 154 ? 1_555 C  B D NPN . ? A NPN 155 ? 1_555 91.1  ? 
18 NB  ? C HEM .  ? A HEM 154 ? 1_555 FE ? C HEM . ? A HEM 154 ? 1_555 C  B D NPN . ? A NPN 155 ? 1_555 91.6  ? 
19 NC  ? C HEM .  ? A HEM 154 ? 1_555 FE ? C HEM . ? A HEM 154 ? 1_555 C  B D NPN . ? A NPN 155 ? 1_555 87.6  ? 
20 ND  ? C HEM .  ? A HEM 154 ? 1_555 FE ? C HEM . ? A HEM 154 ? 1_555 C  B D NPN . ? A NPN 155 ? 1_555 85.7  ? 
21 C   A D NPN .  ? A NPN 155 ? 1_555 FE ? C HEM . ? A HEM 154 ? 1_555 C  B D NPN . ? A NPN 155 ? 1_555 6.8   ? 
22 NE2 ? A HIS 93 ? A HIS 93  ? 1_555 FE ? C HEM . ? A HEM 154 ? 1_555 N  B D NPN . ? A NPN 155 ? 1_555 157.7 ? 
23 NA  ? C HEM .  ? A HEM 154 ? 1_555 FE ? C HEM . ? A HEM 154 ? 1_555 N  B D NPN . ? A NPN 155 ? 1_555 109.0 ? 
24 NB  ? C HEM .  ? A HEM 154 ? 1_555 FE ? C HEM . ? A HEM 154 ? 1_555 N  B D NPN . ? A NPN 155 ? 1_555 96.8  ? 
25 NC  ? C HEM .  ? A HEM 154 ? 1_555 FE ? C HEM . ? A HEM 154 ? 1_555 N  B D NPN . ? A NPN 155 ? 1_555 69.8  ? 
26 ND  ? C HEM .  ? A HEM 154 ? 1_555 FE ? C HEM . ? A HEM 154 ? 1_555 N  B D NPN . ? A NPN 155 ? 1_555 78.7  ? 
27 C   A D NPN .  ? A NPN 155 ? 1_555 FE ? C HEM . ? A HEM 154 ? 1_555 N  B D NPN . ? A NPN 155 ? 1_555 15.6  ? 
28 C   B D NPN .  ? A NPN 155 ? 1_555 FE ? C HEM . ? A HEM 154 ? 1_555 N  B D NPN . ? A NPN 155 ? 1_555 18.9  ? 
29 NE2 ? A HIS 93 ? A HIS 93  ? 1_555 FE ? C HEM . ? A HEM 154 ? 1_555 N  A D NPN . ? A NPN 155 ? 1_555 172.4 ? 
30 NA  ? C HEM .  ? A HEM 154 ? 1_555 FE ? C HEM . ? A HEM 154 ? 1_555 N  A D NPN . ? A NPN 155 ? 1_555 92.0  ? 
31 NB  ? C HEM .  ? A HEM 154 ? 1_555 FE ? C HEM . ? A HEM 154 ? 1_555 N  A D NPN . ? A NPN 155 ? 1_555 96.2  ? 
32 NC  ? C HEM .  ? A HEM 154 ? 1_555 FE ? C HEM . ? A HEM 154 ? 1_555 N  A D NPN . ? A NPN 155 ? 1_555 86.8  ? 
33 ND  ? C HEM .  ? A HEM 154 ? 1_555 FE ? C HEM . ? A HEM 154 ? 1_555 N  A D NPN . ? A NPN 155 ? 1_555 81.0  ? 
34 C   A D NPN .  ? A NPN 155 ? 1_555 FE ? C HEM . ? A HEM 154 ? 1_555 N  A D NPN . ? A NPN 155 ? 1_555 9.7   ? 
35 C   B D NPN .  ? A NPN 155 ? 1_555 FE ? C HEM . ? A HEM 154 ? 1_555 N  A D NPN . ? A NPN 155 ? 1_555 4.8   ? 
36 N   B D NPN .  ? A NPN 155 ? 1_555 FE ? C HEM . ? A HEM 154 ? 1_555 N  A D NPN . ? A NPN 155 ? 1_555 17.1  ? 
# 
loop_
_struct_site.id 
_struct_site.pdbx_evidence_code 
_struct_site.pdbx_auth_asym_id 
_struct_site.pdbx_auth_comp_id 
_struct_site.pdbx_auth_seq_id 
_struct_site.pdbx_auth_ins_code 
_struct_site.pdbx_num_residues 
_struct_site.details 
AC1 Software A SO4 156 ? 4  'BINDING SITE FOR RESIDUE SO4 A 156' 
AC2 Software A HEM 154 ? 15 'BINDING SITE FOR RESIDUE HEM A 154' 
AC3 Software A NPN 155 ? 7  'BINDING SITE FOR RESIDUE NPN A 155' 
# 
loop_
_struct_site_gen.id 
_struct_site_gen.site_id 
_struct_site_gen.pdbx_num_res 
_struct_site_gen.label_comp_id 
_struct_site_gen.label_asym_id 
_struct_site_gen.label_seq_id 
_struct_site_gen.pdbx_auth_ins_code 
_struct_site_gen.auth_comp_id 
_struct_site_gen.auth_asym_id 
_struct_site_gen.auth_seq_id 
_struct_site_gen.label_atom_id 
_struct_site_gen.label_alt_id 
_struct_site_gen.symmetry 
_struct_site_gen.details 
1  AC1 4  SER A 58  ? SER A 58  . ? 1_555 ? 
2  AC1 4  GLU A 59  ? GLU A 59  . ? 1_555 ? 
3  AC1 4  ASP A 60  ? ASP A 60  . ? 1_555 ? 
4  AC1 4  HOH E .   ? HOH A 259 . ? 1_555 ? 
5  AC2 15 LYS A 42  ? LYS A 42  . ? 1_555 ? 
6  AC2 15 PHE A 43  ? PHE A 43  . ? 1_555 ? 
7  AC2 15 ARG A 45  ? ARG A 45  . ? 1_555 ? 
8  AC2 15 VAL A 68  ? VAL A 68  . ? 1_555 ? 
9  AC2 15 SER A 92  ? SER A 92  . ? 1_555 ? 
10 AC2 15 HIS A 93  ? HIS A 93  . ? 1_555 ? 
11 AC2 15 HIS A 97  ? HIS A 97  . ? 1_555 ? 
12 AC2 15 ILE A 99  ? ILE A 99  . ? 1_555 ? 
13 AC2 15 TYR A 103 ? TYR A 103 . ? 1_555 ? 
14 AC2 15 NPN D .   ? NPN A 155 . ? 1_555 ? 
15 AC2 15 HOH E .   ? HOH A 164 . ? 1_555 ? 
16 AC2 15 HOH E .   ? HOH A 234 . ? 1_555 ? 
17 AC2 15 HOH E .   ? HOH A 265 . ? 1_555 ? 
18 AC2 15 HOH E .   ? HOH A 325 . ? 1_555 ? 
19 AC2 15 HOH E .   ? HOH A 452 . ? 1_555 ? 
20 AC3 7  LEU A 29  ? LEU A 29  . ? 1_555 ? 
21 AC3 7  LEU A 32  ? LEU A 32  . ? 1_555 ? 
22 AC3 7  PHE A 43  ? PHE A 43  . ? 1_555 ? 
23 AC3 7  HIS A 64  ? HIS A 64  . ? 1_555 ? 
24 AC3 7  VAL A 68  ? VAL A 68  . ? 1_555 ? 
25 AC3 7  ILE A 107 ? ILE A 107 . ? 1_555 ? 
26 AC3 7  HEM C .   ? HEM A 154 . ? 1_555 ? 
# 
_pdbx_validate_rmsd_angle.id                         1 
_pdbx_validate_rmsd_angle.PDB_model_num              1 
_pdbx_validate_rmsd_angle.auth_atom_id_1             NE 
_pdbx_validate_rmsd_angle.auth_asym_id_1             A 
_pdbx_validate_rmsd_angle.auth_comp_id_1             ARG 
_pdbx_validate_rmsd_angle.auth_seq_id_1              139 
_pdbx_validate_rmsd_angle.PDB_ins_code_1             ? 
_pdbx_validate_rmsd_angle.label_alt_id_1             ? 
_pdbx_validate_rmsd_angle.auth_atom_id_2             CZ 
_pdbx_validate_rmsd_angle.auth_asym_id_2             A 
_pdbx_validate_rmsd_angle.auth_comp_id_2             ARG 
_pdbx_validate_rmsd_angle.auth_seq_id_2              139 
_pdbx_validate_rmsd_angle.PDB_ins_code_2             ? 
_pdbx_validate_rmsd_angle.label_alt_id_2             ? 
_pdbx_validate_rmsd_angle.auth_atom_id_3             NH1 
_pdbx_validate_rmsd_angle.auth_asym_id_3             A 
_pdbx_validate_rmsd_angle.auth_comp_id_3             ARG 
_pdbx_validate_rmsd_angle.auth_seq_id_3              139 
_pdbx_validate_rmsd_angle.PDB_ins_code_3             ? 
_pdbx_validate_rmsd_angle.label_alt_id_3             ? 
_pdbx_validate_rmsd_angle.angle_value                115.79 
_pdbx_validate_rmsd_angle.angle_target_value         120.30 
_pdbx_validate_rmsd_angle.angle_deviation            -4.51 
_pdbx_validate_rmsd_angle.angle_standard_deviation   0.50 
_pdbx_validate_rmsd_angle.linker_flag                N 
# 
loop_
_pdbx_validate_torsion.id 
_pdbx_validate_torsion.PDB_model_num 
_pdbx_validate_torsion.auth_comp_id 
_pdbx_validate_torsion.auth_asym_id 
_pdbx_validate_torsion.auth_seq_id 
_pdbx_validate_torsion.PDB_ins_code 
_pdbx_validate_torsion.label_alt_id 
_pdbx_validate_torsion.phi 
_pdbx_validate_torsion.psi 
1 1 ASP A 20  ? ? -155.35 75.86  
2 1 HIS A 119 ? ? -144.54 54.97  
3 1 GLN A 152 ? ? -21.11  101.16 
# 
loop_
_pdbx_validate_planes.id 
_pdbx_validate_planes.PDB_model_num 
_pdbx_validate_planes.auth_comp_id 
_pdbx_validate_planes.auth_asym_id 
_pdbx_validate_planes.auth_seq_id 
_pdbx_validate_planes.PDB_ins_code 
_pdbx_validate_planes.label_alt_id 
_pdbx_validate_planes.rmsd 
_pdbx_validate_planes.type 
1 1 ARG A 45  ? ? 0.076 'SIDE CHAIN' 
2 1 ARG A 139 ? ? 0.165 'SIDE CHAIN' 
# 
_pdbx_validate_main_chain_plane.id                       1 
_pdbx_validate_main_chain_plane.PDB_model_num            1 
_pdbx_validate_main_chain_plane.auth_comp_id             PHE 
_pdbx_validate_main_chain_plane.auth_asym_id             A 
_pdbx_validate_main_chain_plane.auth_seq_id              138 
_pdbx_validate_main_chain_plane.PDB_ins_code             ? 
_pdbx_validate_main_chain_plane.label_alt_id             ? 
_pdbx_validate_main_chain_plane.improper_torsion_angle   -10.03 
# 
loop_
_chem_comp_atom.comp_id 
_chem_comp_atom.atom_id 
_chem_comp_atom.type_symbol 
_chem_comp_atom.pdbx_aromatic_flag 
_chem_comp_atom.pdbx_stereo_config 
_chem_comp_atom.pdbx_ordinal 
ALA N    N  N N 1   
ALA CA   C  N S 2   
ALA C    C  N N 3   
ALA O    O  N N 4   
ALA CB   C  N N 5   
ALA OXT  O  N N 6   
ALA H    H  N N 7   
ALA H2   H  N N 8   
ALA HA   H  N N 9   
ALA HB1  H  N N 10  
ALA HB2  H  N N 11  
ALA HB3  H  N N 12  
ALA HXT  H  N N 13  
ARG N    N  N N 14  
ARG CA   C  N S 15  
ARG C    C  N N 16  
ARG O    O  N N 17  
ARG CB   C  N N 18  
ARG CG   C  N N 19  
ARG CD   C  N N 20  
ARG NE   N  N N 21  
ARG CZ   C  N N 22  
ARG NH1  N  N N 23  
ARG NH2  N  N N 24  
ARG OXT  O  N N 25  
ARG H    H  N N 26  
ARG H2   H  N N 27  
ARG HA   H  N N 28  
ARG HB2  H  N N 29  
ARG HB3  H  N N 30  
ARG HG2  H  N N 31  
ARG HG3  H  N N 32  
ARG HD2  H  N N 33  
ARG HD3  H  N N 34  
ARG HE   H  N N 35  
ARG HH11 H  N N 36  
ARG HH12 H  N N 37  
ARG HH21 H  N N 38  
ARG HH22 H  N N 39  
ARG HXT  H  N N 40  
ASN N    N  N N 41  
ASN CA   C  N S 42  
ASN C    C  N N 43  
ASN O    O  N N 44  
ASN CB   C  N N 45  
ASN CG   C  N N 46  
ASN OD1  O  N N 47  
ASN ND2  N  N N 48  
ASN OXT  O  N N 49  
ASN H    H  N N 50  
ASN H2   H  N N 51  
ASN HA   H  N N 52  
ASN HB2  H  N N 53  
ASN HB3  H  N N 54  
ASN HD21 H  N N 55  
ASN HD22 H  N N 56  
ASN HXT  H  N N 57  
ASP N    N  N N 58  
ASP CA   C  N S 59  
ASP C    C  N N 60  
ASP O    O  N N 61  
ASP CB   C  N N 62  
ASP CG   C  N N 63  
ASP OD1  O  N N 64  
ASP OD2  O  N N 65  
ASP OXT  O  N N 66  
ASP H    H  N N 67  
ASP H2   H  N N 68  
ASP HA   H  N N 69  
ASP HB2  H  N N 70  
ASP HB3  H  N N 71  
ASP HD2  H  N N 72  
ASP HXT  H  N N 73  
GLN N    N  N N 74  
GLN CA   C  N S 75  
GLN C    C  N N 76  
GLN O    O  N N 77  
GLN CB   C  N N 78  
GLN CG   C  N N 79  
GLN CD   C  N N 80  
GLN OE1  O  N N 81  
GLN NE2  N  N N 82  
GLN OXT  O  N N 83  
GLN H    H  N N 84  
GLN H2   H  N N 85  
GLN HA   H  N N 86  
GLN HB2  H  N N 87  
GLN HB3  H  N N 88  
GLN HG2  H  N N 89  
GLN HG3  H  N N 90  
GLN HE21 H  N N 91  
GLN HE22 H  N N 92  
GLN HXT  H  N N 93  
GLU N    N  N N 94  
GLU CA   C  N S 95  
GLU C    C  N N 96  
GLU O    O  N N 97  
GLU CB   C  N N 98  
GLU CG   C  N N 99  
GLU CD   C  N N 100 
GLU OE1  O  N N 101 
GLU OE2  O  N N 102 
GLU OXT  O  N N 103 
GLU H    H  N N 104 
GLU H2   H  N N 105 
GLU HA   H  N N 106 
GLU HB2  H  N N 107 
GLU HB3  H  N N 108 
GLU HG2  H  N N 109 
GLU HG3  H  N N 110 
GLU HE2  H  N N 111 
GLU HXT  H  N N 112 
GLY N    N  N N 113 
GLY CA   C  N N 114 
GLY C    C  N N 115 
GLY O    O  N N 116 
GLY OXT  O  N N 117 
GLY H    H  N N 118 
GLY H2   H  N N 119 
GLY HA2  H  N N 120 
GLY HA3  H  N N 121 
GLY HXT  H  N N 122 
HEM CHA  C  N N 123 
HEM CHB  C  N N 124 
HEM CHC  C  N N 125 
HEM CHD  C  N N 126 
HEM C1A  C  Y N 127 
HEM C2A  C  Y N 128 
HEM C3A  C  Y N 129 
HEM C4A  C  Y N 130 
HEM CMA  C  N N 131 
HEM CAA  C  N N 132 
HEM CBA  C  N N 133 
HEM CGA  C  N N 134 
HEM O1A  O  N N 135 
HEM O2A  O  N N 136 
HEM C1B  C  N N 137 
HEM C2B  C  N N 138 
HEM C3B  C  N N 139 
HEM C4B  C  N N 140 
HEM CMB  C  N N 141 
HEM CAB  C  N N 142 
HEM CBB  C  N N 143 
HEM C1C  C  Y N 144 
HEM C2C  C  Y N 145 
HEM C3C  C  Y N 146 
HEM C4C  C  Y N 147 
HEM CMC  C  N N 148 
HEM CAC  C  N N 149 
HEM CBC  C  N N 150 
HEM C1D  C  N N 151 
HEM C2D  C  N N 152 
HEM C3D  C  N N 153 
HEM C4D  C  N N 154 
HEM CMD  C  N N 155 
HEM CAD  C  N N 156 
HEM CBD  C  N N 157 
HEM CGD  C  N N 158 
HEM O1D  O  N N 159 
HEM O2D  O  N N 160 
HEM NA   N  Y N 161 
HEM NB   N  N N 162 
HEM NC   N  Y N 163 
HEM ND   N  N N 164 
HEM FE   FE N N 165 
HEM HHB  H  N N 166 
HEM HHC  H  N N 167 
HEM HHD  H  N N 168 
HEM HMA  H  N N 169 
HEM HMAA H  N N 170 
HEM HMAB H  N N 171 
HEM HAA  H  N N 172 
HEM HAAA H  N N 173 
HEM HBA  H  N N 174 
HEM HBAA H  N N 175 
HEM HMB  H  N N 176 
HEM HMBA H  N N 177 
HEM HMBB H  N N 178 
HEM HAB  H  N N 179 
HEM HBB  H  N N 180 
HEM HBBA H  N N 181 
HEM HMC  H  N N 182 
HEM HMCA H  N N 183 
HEM HMCB H  N N 184 
HEM HAC  H  N N 185 
HEM HBC  H  N N 186 
HEM HBCA H  N N 187 
HEM HMD  H  N N 188 
HEM HMDA H  N N 189 
HEM HMDB H  N N 190 
HEM HAD  H  N N 191 
HEM HADA H  N N 192 
HEM HBD  H  N N 193 
HEM HBDA H  N N 194 
HEM H2A  H  N N 195 
HEM H2D  H  N N 196 
HEM HHA  H  N N 197 
HIS N    N  N N 198 
HIS CA   C  N S 199 
HIS C    C  N N 200 
HIS O    O  N N 201 
HIS CB   C  N N 202 
HIS CG   C  Y N 203 
HIS ND1  N  Y N 204 
HIS CD2  C  Y N 205 
HIS CE1  C  Y N 206 
HIS NE2  N  Y N 207 
HIS OXT  O  N N 208 
HIS H    H  N N 209 
HIS H2   H  N N 210 
HIS HA   H  N N 211 
HIS HB2  H  N N 212 
HIS HB3  H  N N 213 
HIS HD1  H  N N 214 
HIS HD2  H  N N 215 
HIS HE1  H  N N 216 
HIS HE2  H  N N 217 
HIS HXT  H  N N 218 
HOH O    O  N N 219 
HOH H1   H  N N 220 
HOH H2   H  N N 221 
ILE N    N  N N 222 
ILE CA   C  N S 223 
ILE C    C  N N 224 
ILE O    O  N N 225 
ILE CB   C  N S 226 
ILE CG1  C  N N 227 
ILE CG2  C  N N 228 
ILE CD1  C  N N 229 
ILE OXT  O  N N 230 
ILE H    H  N N 231 
ILE H2   H  N N 232 
ILE HA   H  N N 233 
ILE HB   H  N N 234 
ILE HG12 H  N N 235 
ILE HG13 H  N N 236 
ILE HG21 H  N N 237 
ILE HG22 H  N N 238 
ILE HG23 H  N N 239 
ILE HD11 H  N N 240 
ILE HD12 H  N N 241 
ILE HD13 H  N N 242 
ILE HXT  H  N N 243 
LEU N    N  N N 244 
LEU CA   C  N S 245 
LEU C    C  N N 246 
LEU O    O  N N 247 
LEU CB   C  N N 248 
LEU CG   C  N N 249 
LEU CD1  C  N N 250 
LEU CD2  C  N N 251 
LEU OXT  O  N N 252 
LEU H    H  N N 253 
LEU H2   H  N N 254 
LEU HA   H  N N 255 
LEU HB2  H  N N 256 
LEU HB3  H  N N 257 
LEU HG   H  N N 258 
LEU HD11 H  N N 259 
LEU HD12 H  N N 260 
LEU HD13 H  N N 261 
LEU HD21 H  N N 262 
LEU HD22 H  N N 263 
LEU HD23 H  N N 264 
LEU HXT  H  N N 265 
LYS N    N  N N 266 
LYS CA   C  N S 267 
LYS C    C  N N 268 
LYS O    O  N N 269 
LYS CB   C  N N 270 
LYS CG   C  N N 271 
LYS CD   C  N N 272 
LYS CE   C  N N 273 
LYS NZ   N  N N 274 
LYS OXT  O  N N 275 
LYS H    H  N N 276 
LYS H2   H  N N 277 
LYS HA   H  N N 278 
LYS HB2  H  N N 279 
LYS HB3  H  N N 280 
LYS HG2  H  N N 281 
LYS HG3  H  N N 282 
LYS HD2  H  N N 283 
LYS HD3  H  N N 284 
LYS HE2  H  N N 285 
LYS HE3  H  N N 286 
LYS HZ1  H  N N 287 
LYS HZ2  H  N N 288 
LYS HZ3  H  N N 289 
LYS HXT  H  N N 290 
MET N    N  N N 291 
MET CA   C  N S 292 
MET C    C  N N 293 
MET O    O  N N 294 
MET CB   C  N N 295 
MET CG   C  N N 296 
MET SD   S  N N 297 
MET CE   C  N N 298 
MET OXT  O  N N 299 
MET H    H  N N 300 
MET H2   H  N N 301 
MET HA   H  N N 302 
MET HB2  H  N N 303 
MET HB3  H  N N 304 
MET HG2  H  N N 305 
MET HG3  H  N N 306 
MET HE1  H  N N 307 
MET HE2  H  N N 308 
MET HE3  H  N N 309 
MET HXT  H  N N 310 
NPN C    C  N N 311 
NPN N    N  N N 312 
NPN C1   C  N N 313 
NPN C2   C  N N 314 
NPN C3   C  N N 315 
NPN H11  H  N N 316 
NPN H12  H  N N 317 
NPN H21  H  N N 318 
NPN H22  H  N N 319 
NPN H31  H  N N 320 
NPN H32  H  N N 321 
NPN H33  H  N N 322 
PHE N    N  N N 323 
PHE CA   C  N S 324 
PHE C    C  N N 325 
PHE O    O  N N 326 
PHE CB   C  N N 327 
PHE CG   C  Y N 328 
PHE CD1  C  Y N 329 
PHE CD2  C  Y N 330 
PHE CE1  C  Y N 331 
PHE CE2  C  Y N 332 
PHE CZ   C  Y N 333 
PHE OXT  O  N N 334 
PHE H    H  N N 335 
PHE H2   H  N N 336 
PHE HA   H  N N 337 
PHE HB2  H  N N 338 
PHE HB3  H  N N 339 
PHE HD1  H  N N 340 
PHE HD2  H  N N 341 
PHE HE1  H  N N 342 
PHE HE2  H  N N 343 
PHE HZ   H  N N 344 
PHE HXT  H  N N 345 
PRO N    N  N N 346 
PRO CA   C  N S 347 
PRO C    C  N N 348 
PRO O    O  N N 349 
PRO CB   C  N N 350 
PRO CG   C  N N 351 
PRO CD   C  N N 352 
PRO OXT  O  N N 353 
PRO H    H  N N 354 
PRO HA   H  N N 355 
PRO HB2  H  N N 356 
PRO HB3  H  N N 357 
PRO HG2  H  N N 358 
PRO HG3  H  N N 359 
PRO HD2  H  N N 360 
PRO HD3  H  N N 361 
PRO HXT  H  N N 362 
SER N    N  N N 363 
SER CA   C  N S 364 
SER C    C  N N 365 
SER O    O  N N 366 
SER CB   C  N N 367 
SER OG   O  N N 368 
SER OXT  O  N N 369 
SER H    H  N N 370 
SER H2   H  N N 371 
SER HA   H  N N 372 
SER HB2  H  N N 373 
SER HB3  H  N N 374 
SER HG   H  N N 375 
SER HXT  H  N N 376 
SO4 S    S  N N 377 
SO4 O1   O  N N 378 
SO4 O2   O  N N 379 
SO4 O3   O  N N 380 
SO4 O4   O  N N 381 
THR N    N  N N 382 
THR CA   C  N S 383 
THR C    C  N N 384 
THR O    O  N N 385 
THR CB   C  N R 386 
THR OG1  O  N N 387 
THR CG2  C  N N 388 
THR OXT  O  N N 389 
THR H    H  N N 390 
THR H2   H  N N 391 
THR HA   H  N N 392 
THR HB   H  N N 393 
THR HG1  H  N N 394 
THR HG21 H  N N 395 
THR HG22 H  N N 396 
THR HG23 H  N N 397 
THR HXT  H  N N 398 
TRP N    N  N N 399 
TRP CA   C  N S 400 
TRP C    C  N N 401 
TRP O    O  N N 402 
TRP CB   C  N N 403 
TRP CG   C  Y N 404 
TRP CD1  C  Y N 405 
TRP CD2  C  Y N 406 
TRP NE1  N  Y N 407 
TRP CE2  C  Y N 408 
TRP CE3  C  Y N 409 
TRP CZ2  C  Y N 410 
TRP CZ3  C  Y N 411 
TRP CH2  C  Y N 412 
TRP OXT  O  N N 413 
TRP H    H  N N 414 
TRP H2   H  N N 415 
TRP HA   H  N N 416 
TRP HB2  H  N N 417 
TRP HB3  H  N N 418 
TRP HD1  H  N N 419 
TRP HE1  H  N N 420 
TRP HE3  H  N N 421 
TRP HZ2  H  N N 422 
TRP HZ3  H  N N 423 
TRP HH2  H  N N 424 
TRP HXT  H  N N 425 
TYR N    N  N N 426 
TYR CA   C  N S 427 
TYR C    C  N N 428 
TYR O    O  N N 429 
TYR CB   C  N N 430 
TYR CG   C  Y N 431 
TYR CD1  C  Y N 432 
TYR CD2  C  Y N 433 
TYR CE1  C  Y N 434 
TYR CE2  C  Y N 435 
TYR CZ   C  Y N 436 
TYR OH   O  N N 437 
TYR OXT  O  N N 438 
TYR H    H  N N 439 
TYR H2   H  N N 440 
TYR HA   H  N N 441 
TYR HB2  H  N N 442 
TYR HB3  H  N N 443 
TYR HD1  H  N N 444 
TYR HD2  H  N N 445 
TYR HE1  H  N N 446 
TYR HE2  H  N N 447 
TYR HH   H  N N 448 
TYR HXT  H  N N 449 
VAL N    N  N N 450 
VAL CA   C  N S 451 
VAL C    C  N N 452 
VAL O    O  N N 453 
VAL CB   C  N N 454 
VAL CG1  C  N N 455 
VAL CG2  C  N N 456 
VAL OXT  O  N N 457 
VAL H    H  N N 458 
VAL H2   H  N N 459 
VAL HA   H  N N 460 
VAL HB   H  N N 461 
VAL HG11 H  N N 462 
VAL HG12 H  N N 463 
VAL HG13 H  N N 464 
VAL HG21 H  N N 465 
VAL HG22 H  N N 466 
VAL HG23 H  N N 467 
VAL HXT  H  N N 468 
# 
loop_
_chem_comp_bond.comp_id 
_chem_comp_bond.atom_id_1 
_chem_comp_bond.atom_id_2 
_chem_comp_bond.value_order 
_chem_comp_bond.pdbx_aromatic_flag 
_chem_comp_bond.pdbx_stereo_config 
_chem_comp_bond.pdbx_ordinal 
ALA N   CA   sing N N 1   
ALA N   H    sing N N 2   
ALA N   H2   sing N N 3   
ALA CA  C    sing N N 4   
ALA CA  CB   sing N N 5   
ALA CA  HA   sing N N 6   
ALA C   O    doub N N 7   
ALA C   OXT  sing N N 8   
ALA CB  HB1  sing N N 9   
ALA CB  HB2  sing N N 10  
ALA CB  HB3  sing N N 11  
ALA OXT HXT  sing N N 12  
ARG N   CA   sing N N 13  
ARG N   H    sing N N 14  
ARG N   H2   sing N N 15  
ARG CA  C    sing N N 16  
ARG CA  CB   sing N N 17  
ARG CA  HA   sing N N 18  
ARG C   O    doub N N 19  
ARG C   OXT  sing N N 20  
ARG CB  CG   sing N N 21  
ARG CB  HB2  sing N N 22  
ARG CB  HB3  sing N N 23  
ARG CG  CD   sing N N 24  
ARG CG  HG2  sing N N 25  
ARG CG  HG3  sing N N 26  
ARG CD  NE   sing N N 27  
ARG CD  HD2  sing N N 28  
ARG CD  HD3  sing N N 29  
ARG NE  CZ   sing N N 30  
ARG NE  HE   sing N N 31  
ARG CZ  NH1  sing N N 32  
ARG CZ  NH2  doub N N 33  
ARG NH1 HH11 sing N N 34  
ARG NH1 HH12 sing N N 35  
ARG NH2 HH21 sing N N 36  
ARG NH2 HH22 sing N N 37  
ARG OXT HXT  sing N N 38  
ASN N   CA   sing N N 39  
ASN N   H    sing N N 40  
ASN N   H2   sing N N 41  
ASN CA  C    sing N N 42  
ASN CA  CB   sing N N 43  
ASN CA  HA   sing N N 44  
ASN C   O    doub N N 45  
ASN C   OXT  sing N N 46  
ASN CB  CG   sing N N 47  
ASN CB  HB2  sing N N 48  
ASN CB  HB3  sing N N 49  
ASN CG  OD1  doub N N 50  
ASN CG  ND2  sing N N 51  
ASN ND2 HD21 sing N N 52  
ASN ND2 HD22 sing N N 53  
ASN OXT HXT  sing N N 54  
ASP N   CA   sing N N 55  
ASP N   H    sing N N 56  
ASP N   H2   sing N N 57  
ASP CA  C    sing N N 58  
ASP CA  CB   sing N N 59  
ASP CA  HA   sing N N 60  
ASP C   O    doub N N 61  
ASP C   OXT  sing N N 62  
ASP CB  CG   sing N N 63  
ASP CB  HB2  sing N N 64  
ASP CB  HB3  sing N N 65  
ASP CG  OD1  doub N N 66  
ASP CG  OD2  sing N N 67  
ASP OD2 HD2  sing N N 68  
ASP OXT HXT  sing N N 69  
GLN N   CA   sing N N 70  
GLN N   H    sing N N 71  
GLN N   H2   sing N N 72  
GLN CA  C    sing N N 73  
GLN CA  CB   sing N N 74  
GLN CA  HA   sing N N 75  
GLN C   O    doub N N 76  
GLN C   OXT  sing N N 77  
GLN CB  CG   sing N N 78  
GLN CB  HB2  sing N N 79  
GLN CB  HB3  sing N N 80  
GLN CG  CD   sing N N 81  
GLN CG  HG2  sing N N 82  
GLN CG  HG3  sing N N 83  
GLN CD  OE1  doub N N 84  
GLN CD  NE2  sing N N 85  
GLN NE2 HE21 sing N N 86  
GLN NE2 HE22 sing N N 87  
GLN OXT HXT  sing N N 88  
GLU N   CA   sing N N 89  
GLU N   H    sing N N 90  
GLU N   H2   sing N N 91  
GLU CA  C    sing N N 92  
GLU CA  CB   sing N N 93  
GLU CA  HA   sing N N 94  
GLU C   O    doub N N 95  
GLU C   OXT  sing N N 96  
GLU CB  CG   sing N N 97  
GLU CB  HB2  sing N N 98  
GLU CB  HB3  sing N N 99  
GLU CG  CD   sing N N 100 
GLU CG  HG2  sing N N 101 
GLU CG  HG3  sing N N 102 
GLU CD  OE1  doub N N 103 
GLU CD  OE2  sing N N 104 
GLU OE2 HE2  sing N N 105 
GLU OXT HXT  sing N N 106 
GLY N   CA   sing N N 107 
GLY N   H    sing N N 108 
GLY N   H2   sing N N 109 
GLY CA  C    sing N N 110 
GLY CA  HA2  sing N N 111 
GLY CA  HA3  sing N N 112 
GLY C   O    doub N N 113 
GLY C   OXT  sing N N 114 
GLY OXT HXT  sing N N 115 
HEM CHA C1A  sing N N 116 
HEM CHA C4D  doub N N 117 
HEM CHA HHA  sing N N 118 
HEM CHB C4A  sing N N 119 
HEM CHB C1B  doub N N 120 
HEM CHB HHB  sing N N 121 
HEM CHC C4B  sing N N 122 
HEM CHC C1C  doub N N 123 
HEM CHC HHC  sing N N 124 
HEM CHD C4C  doub N N 125 
HEM CHD C1D  sing N N 126 
HEM CHD HHD  sing N N 127 
HEM C1A C2A  doub Y N 128 
HEM C1A NA   sing Y N 129 
HEM C2A C3A  sing Y N 130 
HEM C2A CAA  sing N N 131 
HEM C3A C4A  doub Y N 132 
HEM C3A CMA  sing N N 133 
HEM C4A NA   sing Y N 134 
HEM CMA HMA  sing N N 135 
HEM CMA HMAA sing N N 136 
HEM CMA HMAB sing N N 137 
HEM CAA CBA  sing N N 138 
HEM CAA HAA  sing N N 139 
HEM CAA HAAA sing N N 140 
HEM CBA CGA  sing N N 141 
HEM CBA HBA  sing N N 142 
HEM CBA HBAA sing N N 143 
HEM CGA O1A  doub N N 144 
HEM CGA O2A  sing N N 145 
HEM C1B C2B  sing N N 146 
HEM C1B NB   sing N N 147 
HEM C2B C3B  doub N N 148 
HEM C2B CMB  sing N N 149 
HEM C3B C4B  sing N N 150 
HEM C3B CAB  sing N N 151 
HEM C4B NB   doub N N 152 
HEM CMB HMB  sing N N 153 
HEM CMB HMBA sing N N 154 
HEM CMB HMBB sing N N 155 
HEM CAB CBB  doub N N 156 
HEM CAB HAB  sing N N 157 
HEM CBB HBB  sing N N 158 
HEM CBB HBBA sing N N 159 
HEM C1C C2C  sing Y N 160 
HEM C1C NC   sing Y N 161 
HEM C2C C3C  doub Y N 162 
HEM C2C CMC  sing N N 163 
HEM C3C C4C  sing Y N 164 
HEM C3C CAC  sing N N 165 
HEM C4C NC   sing Y N 166 
HEM CMC HMC  sing N N 167 
HEM CMC HMCA sing N N 168 
HEM CMC HMCB sing N N 169 
HEM CAC CBC  doub N N 170 
HEM CAC HAC  sing N N 171 
HEM CBC HBC  sing N N 172 
HEM CBC HBCA sing N N 173 
HEM C1D C2D  sing N N 174 
HEM C1D ND   doub N N 175 
HEM C2D C3D  doub N N 176 
HEM C2D CMD  sing N N 177 
HEM C3D C4D  sing N N 178 
HEM C3D CAD  sing N N 179 
HEM C4D ND   sing N N 180 
HEM CMD HMD  sing N N 181 
HEM CMD HMDA sing N N 182 
HEM CMD HMDB sing N N 183 
HEM CAD CBD  sing N N 184 
HEM CAD HAD  sing N N 185 
HEM CAD HADA sing N N 186 
HEM CBD CGD  sing N N 187 
HEM CBD HBD  sing N N 188 
HEM CBD HBDA sing N N 189 
HEM CGD O1D  doub N N 190 
HEM CGD O2D  sing N N 191 
HEM O2A H2A  sing N N 192 
HEM O2D H2D  sing N N 193 
HEM FE  NA   sing N N 194 
HEM FE  NB   sing N N 195 
HEM FE  NC   sing N N 196 
HEM FE  ND   sing N N 197 
HIS N   CA   sing N N 198 
HIS N   H    sing N N 199 
HIS N   H2   sing N N 200 
HIS CA  C    sing N N 201 
HIS CA  CB   sing N N 202 
HIS CA  HA   sing N N 203 
HIS C   O    doub N N 204 
HIS C   OXT  sing N N 205 
HIS CB  CG   sing N N 206 
HIS CB  HB2  sing N N 207 
HIS CB  HB3  sing N N 208 
HIS CG  ND1  sing Y N 209 
HIS CG  CD2  doub Y N 210 
HIS ND1 CE1  doub Y N 211 
HIS ND1 HD1  sing N N 212 
HIS CD2 NE2  sing Y N 213 
HIS CD2 HD2  sing N N 214 
HIS CE1 NE2  sing Y N 215 
HIS CE1 HE1  sing N N 216 
HIS NE2 HE2  sing N N 217 
HIS OXT HXT  sing N N 218 
HOH O   H1   sing N N 219 
HOH O   H2   sing N N 220 
ILE N   CA   sing N N 221 
ILE N   H    sing N N 222 
ILE N   H2   sing N N 223 
ILE CA  C    sing N N 224 
ILE CA  CB   sing N N 225 
ILE CA  HA   sing N N 226 
ILE C   O    doub N N 227 
ILE C   OXT  sing N N 228 
ILE CB  CG1  sing N N 229 
ILE CB  CG2  sing N N 230 
ILE CB  HB   sing N N 231 
ILE CG1 CD1  sing N N 232 
ILE CG1 HG12 sing N N 233 
ILE CG1 HG13 sing N N 234 
ILE CG2 HG21 sing N N 235 
ILE CG2 HG22 sing N N 236 
ILE CG2 HG23 sing N N 237 
ILE CD1 HD11 sing N N 238 
ILE CD1 HD12 sing N N 239 
ILE CD1 HD13 sing N N 240 
ILE OXT HXT  sing N N 241 
LEU N   CA   sing N N 242 
LEU N   H    sing N N 243 
LEU N   H2   sing N N 244 
LEU CA  C    sing N N 245 
LEU CA  CB   sing N N 246 
LEU CA  HA   sing N N 247 
LEU C   O    doub N N 248 
LEU C   OXT  sing N N 249 
LEU CB  CG   sing N N 250 
LEU CB  HB2  sing N N 251 
LEU CB  HB3  sing N N 252 
LEU CG  CD1  sing N N 253 
LEU CG  CD2  sing N N 254 
LEU CG  HG   sing N N 255 
LEU CD1 HD11 sing N N 256 
LEU CD1 HD12 sing N N 257 
LEU CD1 HD13 sing N N 258 
LEU CD2 HD21 sing N N 259 
LEU CD2 HD22 sing N N 260 
LEU CD2 HD23 sing N N 261 
LEU OXT HXT  sing N N 262 
LYS N   CA   sing N N 263 
LYS N   H    sing N N 264 
LYS N   H2   sing N N 265 
LYS CA  C    sing N N 266 
LYS CA  CB   sing N N 267 
LYS CA  HA   sing N N 268 
LYS C   O    doub N N 269 
LYS C   OXT  sing N N 270 
LYS CB  CG   sing N N 271 
LYS CB  HB2  sing N N 272 
LYS CB  HB3  sing N N 273 
LYS CG  CD   sing N N 274 
LYS CG  HG2  sing N N 275 
LYS CG  HG3  sing N N 276 
LYS CD  CE   sing N N 277 
LYS CD  HD2  sing N N 278 
LYS CD  HD3  sing N N 279 
LYS CE  NZ   sing N N 280 
LYS CE  HE2  sing N N 281 
LYS CE  HE3  sing N N 282 
LYS NZ  HZ1  sing N N 283 
LYS NZ  HZ2  sing N N 284 
LYS NZ  HZ3  sing N N 285 
LYS OXT HXT  sing N N 286 
MET N   CA   sing N N 287 
MET N   H    sing N N 288 
MET N   H2   sing N N 289 
MET CA  C    sing N N 290 
MET CA  CB   sing N N 291 
MET CA  HA   sing N N 292 
MET C   O    doub N N 293 
MET C   OXT  sing N N 294 
MET CB  CG   sing N N 295 
MET CB  HB2  sing N N 296 
MET CB  HB3  sing N N 297 
MET CG  SD   sing N N 298 
MET CG  HG2  sing N N 299 
MET CG  HG3  sing N N 300 
MET SD  CE   sing N N 301 
MET CE  HE1  sing N N 302 
MET CE  HE2  sing N N 303 
MET CE  HE3  sing N N 304 
MET OXT HXT  sing N N 305 
NPN C   N    trip N N 306 
NPN N   C1   sing N N 307 
NPN C1  C2   sing N N 308 
NPN C1  H11  sing N N 309 
NPN C1  H12  sing N N 310 
NPN C2  C3   sing N N 311 
NPN C2  H21  sing N N 312 
NPN C2  H22  sing N N 313 
NPN C3  H31  sing N N 314 
NPN C3  H32  sing N N 315 
NPN C3  H33  sing N N 316 
PHE N   CA   sing N N 317 
PHE N   H    sing N N 318 
PHE N   H2   sing N N 319 
PHE CA  C    sing N N 320 
PHE CA  CB   sing N N 321 
PHE CA  HA   sing N N 322 
PHE C   O    doub N N 323 
PHE C   OXT  sing N N 324 
PHE CB  CG   sing N N 325 
PHE CB  HB2  sing N N 326 
PHE CB  HB3  sing N N 327 
PHE CG  CD1  doub Y N 328 
PHE CG  CD2  sing Y N 329 
PHE CD1 CE1  sing Y N 330 
PHE CD1 HD1  sing N N 331 
PHE CD2 CE2  doub Y N 332 
PHE CD2 HD2  sing N N 333 
PHE CE1 CZ   doub Y N 334 
PHE CE1 HE1  sing N N 335 
PHE CE2 CZ   sing Y N 336 
PHE CE2 HE2  sing N N 337 
PHE CZ  HZ   sing N N 338 
PHE OXT HXT  sing N N 339 
PRO N   CA   sing N N 340 
PRO N   CD   sing N N 341 
PRO N   H    sing N N 342 
PRO CA  C    sing N N 343 
PRO CA  CB   sing N N 344 
PRO CA  HA   sing N N 345 
PRO C   O    doub N N 346 
PRO C   OXT  sing N N 347 
PRO CB  CG   sing N N 348 
PRO CB  HB2  sing N N 349 
PRO CB  HB3  sing N N 350 
PRO CG  CD   sing N N 351 
PRO CG  HG2  sing N N 352 
PRO CG  HG3  sing N N 353 
PRO CD  HD2  sing N N 354 
PRO CD  HD3  sing N N 355 
PRO OXT HXT  sing N N 356 
SER N   CA   sing N N 357 
SER N   H    sing N N 358 
SER N   H2   sing N N 359 
SER CA  C    sing N N 360 
SER CA  CB   sing N N 361 
SER CA  HA   sing N N 362 
SER C   O    doub N N 363 
SER C   OXT  sing N N 364 
SER CB  OG   sing N N 365 
SER CB  HB2  sing N N 366 
SER CB  HB3  sing N N 367 
SER OG  HG   sing N N 368 
SER OXT HXT  sing N N 369 
SO4 S   O1   doub N N 370 
SO4 S   O2   doub N N 371 
SO4 S   O3   sing N N 372 
SO4 S   O4   sing N N 373 
THR N   CA   sing N N 374 
THR N   H    sing N N 375 
THR N   H2   sing N N 376 
THR CA  C    sing N N 377 
THR CA  CB   sing N N 378 
THR CA  HA   sing N N 379 
THR C   O    doub N N 380 
THR C   OXT  sing N N 381 
THR CB  OG1  sing N N 382 
THR CB  CG2  sing N N 383 
THR CB  HB   sing N N 384 
THR OG1 HG1  sing N N 385 
THR CG2 HG21 sing N N 386 
THR CG2 HG22 sing N N 387 
THR CG2 HG23 sing N N 388 
THR OXT HXT  sing N N 389 
TRP N   CA   sing N N 390 
TRP N   H    sing N N 391 
TRP N   H2   sing N N 392 
TRP CA  C    sing N N 393 
TRP CA  CB   sing N N 394 
TRP CA  HA   sing N N 395 
TRP C   O    doub N N 396 
TRP C   OXT  sing N N 397 
TRP CB  CG   sing N N 398 
TRP CB  HB2  sing N N 399 
TRP CB  HB3  sing N N 400 
TRP CG  CD1  doub Y N 401 
TRP CG  CD2  sing Y N 402 
TRP CD1 NE1  sing Y N 403 
TRP CD1 HD1  sing N N 404 
TRP CD2 CE2  doub Y N 405 
TRP CD2 CE3  sing Y N 406 
TRP NE1 CE2  sing Y N 407 
TRP NE1 HE1  sing N N 408 
TRP CE2 CZ2  sing Y N 409 
TRP CE3 CZ3  doub Y N 410 
TRP CE3 HE3  sing N N 411 
TRP CZ2 CH2  doub Y N 412 
TRP CZ2 HZ2  sing N N 413 
TRP CZ3 CH2  sing Y N 414 
TRP CZ3 HZ3  sing N N 415 
TRP CH2 HH2  sing N N 416 
TRP OXT HXT  sing N N 417 
TYR N   CA   sing N N 418 
TYR N   H    sing N N 419 
TYR N   H2   sing N N 420 
TYR CA  C    sing N N 421 
TYR CA  CB   sing N N 422 
TYR CA  HA   sing N N 423 
TYR C   O    doub N N 424 
TYR C   OXT  sing N N 425 
TYR CB  CG   sing N N 426 
TYR CB  HB2  sing N N 427 
TYR CB  HB3  sing N N 428 
TYR CG  CD1  doub Y N 429 
TYR CG  CD2  sing Y N 430 
TYR CD1 CE1  sing Y N 431 
TYR CD1 HD1  sing N N 432 
TYR CD2 CE2  doub Y N 433 
TYR CD2 HD2  sing N N 434 
TYR CE1 CZ   doub Y N 435 
TYR CE1 HE1  sing N N 436 
TYR CE2 CZ   sing Y N 437 
TYR CE2 HE2  sing N N 438 
TYR CZ  OH   sing N N 439 
TYR OH  HH   sing N N 440 
TYR OXT HXT  sing N N 441 
VAL N   CA   sing N N 442 
VAL N   H    sing N N 443 
VAL N   H2   sing N N 444 
VAL CA  C    sing N N 445 
VAL CA  CB   sing N N 446 
VAL CA  HA   sing N N 447 
VAL C   O    doub N N 448 
VAL C   OXT  sing N N 449 
VAL CB  CG1  sing N N 450 
VAL CB  CG2  sing N N 451 
VAL CB  HB   sing N N 452 
VAL CG1 HG11 sing N N 453 
VAL CG1 HG12 sing N N 454 
VAL CG1 HG13 sing N N 455 
VAL CG2 HG21 sing N N 456 
VAL CG2 HG22 sing N N 457 
VAL CG2 HG23 sing N N 458 
VAL OXT HXT  sing N N 459 
# 
_atom_sites.entry_id                    2MYD 
_atom_sites.fract_transf_matrix[1][1]   -0.00542916 
_atom_sites.fract_transf_matrix[1][2]   -0.00555323 
_atom_sites.fract_transf_matrix[1][3]   -0.01410282 
_atom_sites.fract_transf_matrix[2][1]   -0.02810535 
_atom_sites.fract_transf_matrix[2][2]   0.01518545 
_atom_sites.fract_transf_matrix[2][3]   0.00484018 
_atom_sites.fract_transf_matrix[3][1]   0.00752001 
_atom_sites.fract_transf_matrix[3][2]   0.02040238 
_atom_sites.fract_transf_matrix[3][3]   -0.02034360 
_atom_sites.fract_transf_vector[1]      0.248841 
_atom_sites.fract_transf_vector[2]      0.665163 
_atom_sites.fract_transf_vector[3]      0.249027 
# 
loop_
_atom_type.symbol 
C  
FE 
N  
O  
S  
# 
loop_
_atom_site.group_PDB 
_atom_site.id 
_atom_site.type_symbol 
_atom_site.label_atom_id 
_atom_site.label_alt_id 
_atom_site.label_comp_id 
_atom_site.label_asym_id 
_atom_site.label_entity_id 
_atom_site.label_seq_id 
_atom_site.pdbx_PDB_ins_code 
_atom_site.Cartn_x 
_atom_site.Cartn_y 
_atom_site.Cartn_z 
_atom_site.occupancy 
_atom_site.B_iso_or_equiv 
_atom_site.pdbx_formal_charge 
_atom_site.auth_seq_id 
_atom_site.auth_comp_id 
_atom_site.auth_asym_id 
_atom_site.auth_atom_id 
_atom_site.pdbx_PDB_model_num 
ATOM   1    N  N   . VAL A 1 1   ? 13.820  10.902  7.764   1.00 29.36 ? 1   VAL A N   1 
ATOM   2    C  CA  . VAL A 1 1   ? 13.353  11.777  6.669   1.00 29.29 ? 1   VAL A CA  1 
ATOM   3    C  C   . VAL A 1 1   ? 14.142  11.331  5.467   1.00 27.56 ? 1   VAL A C   1 
ATOM   4    O  O   . VAL A 1 1   ? 15.286  10.881  5.627   1.00 29.70 ? 1   VAL A O   1 
ATOM   5    C  CB  . VAL A 1 1   ? 13.649  13.254  6.979   1.00 30.65 ? 1   VAL A CB  1 
ATOM   6    C  CG1 . VAL A 1 1   ? 12.996  13.609  8.290   1.00 32.23 ? 1   VAL A CG1 1 
ATOM   7    C  CG2 . VAL A 1 1   ? 15.144  13.493  7.103   1.00 32.08 ? 1   VAL A CG2 1 
ATOM   8    N  N   . LEU A 1 2   ? 13.472  11.207  4.329   1.00 22.78 ? 2   LEU A N   1 
ATOM   9    C  CA  . LEU A 1 2   ? 14.155  10.736  3.156   1.00 20.46 ? 2   LEU A CA  1 
ATOM   10   C  C   . LEU A 1 2   ? 14.887  11.914  2.560   1.00 18.49 ? 2   LEU A C   1 
ATOM   11   O  O   . LEU A 1 2   ? 14.377  13.048  2.623   1.00 17.34 ? 2   LEU A O   1 
ATOM   12   C  CB  . LEU A 1 2   ? 13.150  10.196  2.154   1.00 19.98 ? 2   LEU A CB  1 
ATOM   13   C  CG  . LEU A 1 2   ? 12.712  8.728   2.334   1.00 19.09 ? 2   LEU A CG  1 
ATOM   14   C  CD1 . LEU A 1 2   ? 11.733  8.597   3.507   1.00 17.56 ? 2   LEU A CD1 1 
ATOM   15   C  CD2 . LEU A 1 2   ? 12.050  8.306   1.025   1.00 18.71 ? 2   LEU A CD2 1 
ATOM   16   N  N   . SER A 1 3   ? 16.065  11.667  2.010   1.00 16.59 ? 3   SER A N   1 
ATOM   17   C  CA  . SER A 1 3   ? 16.757  12.707  1.252   1.00 17.00 ? 3   SER A CA  1 
ATOM   18   C  C   . SER A 1 3   ? 16.052  12.948  -0.087  1.00 17.25 ? 3   SER A C   1 
ATOM   19   O  O   . SER A 1 3   ? 15.203  12.144  -0.518  1.00 15.97 ? 3   SER A O   1 
ATOM   20   C  CB  . SER A 1 3   ? 18.197  12.304  1.007   1.00 16.24 ? 3   SER A CB  1 
ATOM   21   O  OG  . SER A 1 3   ? 18.307  11.290  0.011   1.00 18.57 ? 3   SER A OG  1 
ATOM   22   N  N   . GLU A 1 4   ? 16.473  13.996  -0.793  1.00 18.07 ? 4   GLU A N   1 
ATOM   23   C  CA  . GLU A 1 4   ? 15.911  14.349  -2.083  1.00 18.92 ? 4   GLU A CA  1 
ATOM   24   C  C   . GLU A 1 4   ? 16.278  13.282  -3.123  1.00 19.58 ? 4   GLU A C   1 
ATOM   25   O  O   . GLU A 1 4   ? 15.431  12.878  -3.939  1.00 19.60 ? 4   GLU A O   1 
ATOM   26   C  CB  . GLU A 1 4   ? 16.472  15.687  -2.505  1.00 19.88 ? 4   GLU A CB  1 
ATOM   27   C  CG  . GLU A 1 4   ? 15.740  16.319  -3.606  1.00 22.84 ? 4   GLU A CG  1 
ATOM   28   C  CD  . GLU A 1 4   ? 14.336  16.750  -3.202  1.00 23.48 ? 4   GLU A CD  1 
ATOM   29   O  OE1 . GLU A 1 4   ? 14.138  17.449  -2.188  1.00 25.74 ? 4   GLU A OE1 1 
ATOM   30   O  OE2 . GLU A 1 4   ? 13.409  16.329  -3.868  1.00 25.67 ? 4   GLU A OE2 1 
ATOM   31   N  N   . GLY A 1 5   ? 17.477  12.719  -2.970  1.00 19.11 ? 5   GLY A N   1 
ATOM   32   C  CA  . GLY A 1 5   ? 17.930  11.620  -3.791  1.00 19.99 ? 5   GLY A CA  1 
ATOM   33   C  C   . GLY A 1 5   ? 17.121  10.358  -3.522  1.00 20.66 ? 5   GLY A C   1 
ATOM   34   O  O   . GLY A 1 5   ? 16.775  9.637   -4.463  1.00 22.22 ? 5   GLY A O   1 
ATOM   35   N  N   . GLU A 1 6   ? 16.751  10.101  -2.275  1.00 18.57 ? 6   GLU A N   1 
ATOM   36   C  CA  . GLU A 1 6   ? 15.910  8.931   -2.020  1.00 17.96 ? 6   GLU A CA  1 
ATOM   37   C  C   . GLU A 1 6   ? 14.473  9.118   -2.524  1.00 17.02 ? 6   GLU A C   1 
ATOM   38   O  O   . GLU A 1 6   ? 13.896  8.191   -3.125  1.00 16.58 ? 6   GLU A O   1 
ATOM   39   C  CB  . GLU A 1 6   ? 15.896  8.611   -0.534  1.00 18.37 ? 6   GLU A CB  1 
ATOM   40   C  CG  . GLU A 1 6   ? 17.195  7.970   -0.027  1.00 19.61 ? 6   GLU A CG  1 
ATOM   41   C  CD  . GLU A 1 6   ? 17.316  8.090   1.505   1.00 20.70 ? 6   GLU A CD  1 
ATOM   42   O  OE1 . GLU A 1 6   ? 16.661  8.973   2.121   1.00 20.55 ? 6   GLU A OE1 1 
ATOM   43   O  OE2 . GLU A 1 6   ? 18.001  7.232   2.092   1.00 24.48 ? 6   GLU A OE2 1 
ATOM   44   N  N   . TRP A 1 7   ? 13.929  10.334  -2.400  1.00 16.11 ? 7   TRP A N   1 
ATOM   45   C  CA  . TRP A 1 7   ? 12.585  10.579  -2.955  1.00 15.68 ? 7   TRP A CA  1 
ATOM   46   C  C   . TRP A 1 7   ? 12.568  10.451  -4.466  1.00 16.02 ? 7   TRP A C   1 
ATOM   47   O  O   . TRP A 1 7   ? 11.586  9.978   -5.052  1.00 14.30 ? 7   TRP A O   1 
ATOM   48   C  CB  . TRP A 1 7   ? 12.012  11.954  -2.605  1.00 13.80 ? 7   TRP A CB  1 
ATOM   49   C  CG  . TRP A 1 7   ? 11.430  12.079  -1.256  1.00 14.79 ? 7   TRP A CG  1 
ATOM   50   C  CD1 . TRP A 1 7   ? 11.871  12.895  -0.264  1.00 15.74 ? 7   TRP A CD1 1 
ATOM   51   C  CD2 . TRP A 1 7   ? 10.314  11.341  -0.711  1.00 14.95 ? 7   TRP A CD2 1 
ATOM   52   N  NE1 . TRP A 1 7   ? 11.146  12.689  0.879   1.00 16.13 ? 7   TRP A NE1 1 
ATOM   53   C  CE2 . TRP A 1 7   ? 10.189  11.735  0.639   1.00 15.51 ? 7   TRP A CE2 1 
ATOM   54   C  CE3 . TRP A 1 7   ? 9.403   10.401  -1.251  1.00 13.89 ? 7   TRP A CE3 1 
ATOM   55   C  CZ2 . TRP A 1 7   ? 9.193   11.214  1.498   1.00 16.76 ? 7   TRP A CZ2 1 
ATOM   56   C  CZ3 . TRP A 1 7   ? 8.412   9.879   -0.410  1.00 16.31 ? 7   TRP A CZ3 1 
ATOM   57   C  CH2 . TRP A 1 7   ? 8.325   10.297  0.973   1.00 16.33 ? 7   TRP A CH2 1 
ATOM   58   N  N   . GLN A 1 8   ? 13.642  10.845  -5.115  1.00 15.68 ? 8   GLN A N   1 
ATOM   59   C  CA  . GLN A 1 8   ? 13.656  10.661  -6.544  1.00 17.82 ? 8   GLN A CA  1 
ATOM   60   C  C   . GLN A 1 8   ? 13.586  9.179   -6.961  1.00 16.12 ? 8   GLN A C   1 
ATOM   61   O  O   . GLN A 1 8   ? 12.956  8.847   -7.956  1.00 15.06 ? 8   GLN A O   1 
ATOM   62   C  CB  . GLN A 1 8   ? 14.890  11.335  -7.143  1.00 20.92 ? 8   GLN A CB  1 
ATOM   63   C  CG  . GLN A 1 8   ? 14.558  12.636  -7.833  1.00 29.04 ? 8   GLN A CG  1 
ATOM   64   C  CD  . GLN A 1 8   ? 15.812  13.361  -8.316  1.00 33.23 ? 8   GLN A CD  1 
ATOM   65   O  OE1 . GLN A 1 8   ? 16.505  12.861  -9.210  1.00 34.73 ? 8   GLN A OE1 1 
ATOM   66   N  NE2 . GLN A 1 8   ? 16.204  14.441  -7.610  1.00 34.58 ? 8   GLN A NE2 1 
ATOM   67   N  N   . LEU A 1 9   ? 14.339  8.312   -6.298  1.00 15.18 ? 9   LEU A N   1 
ATOM   68   C  CA  . LEU A 1 9   ? 14.266  6.886   -6.579  1.00 15.48 ? 9   LEU A CA  1 
ATOM   69   C  C   . LEU A 1 9   ? 12.813  6.376   -6.454  1.00 14.76 ? 9   LEU A C   1 
ATOM   70   O  O   . LEU A 1 9   ? 12.376  5.484   -7.182  1.00 13.52 ? 9   LEU A O   1 
ATOM   71   C  CB  . LEU A 1 9   ? 15.156  6.103   -5.620  1.00 15.42 ? 9   LEU A CB  1 
ATOM   72   C  CG  . LEU A 1 9   ? 16.657  6.303   -5.805  1.00 19.01 ? 9   LEU A CG  1 
ATOM   73   C  CD1 . LEU A 1 9   ? 17.334  5.707   -4.573  1.00 20.82 ? 9   LEU A CD1 1 
ATOM   74   C  CD2 . LEU A 1 9   ? 17.184  5.623   -7.047  1.00 17.71 ? 9   LEU A CD2 1 
ATOM   75   N  N   . VAL A 1 10  ? 12.133  6.849   -5.419  1.00 14.66 ? 10  VAL A N   1 
ATOM   76   C  CA  . VAL A 1 10  ? 10.798  6.388   -5.101  1.00 14.91 ? 10  VAL A CA  1 
ATOM   77   C  C   . VAL A 1 10  ? 9.852   6.810   -6.219  1.00 15.08 ? 10  VAL A C   1 
ATOM   78   O  O   . VAL A 1 10  ? 9.102   5.997   -6.742  1.00 13.38 ? 10  VAL A O   1 
ATOM   79   C  CB  . VAL A 1 10  ? 10.325  6.970   -3.735  1.00 15.75 ? 10  VAL A CB  1 
ATOM   80   C  CG1 . VAL A 1 10  ? 8.828   6.666   -3.494  1.00 15.73 ? 10  VAL A CG1 1 
ATOM   81   C  CG2 . VAL A 1 10  ? 11.156  6.361   -2.604  1.00 16.88 ? 10  VAL A CG2 1 
ATOM   82   N  N   . LEU A 1 11  ? 9.908   8.079   -6.600  1.00 13.87 ? 11  LEU A N   1 
ATOM   83   C  CA  . LEU A 1 11  ? 8.956   8.621   -7.516  1.00 13.55 ? 11  LEU A CA  1 
ATOM   84   C  C   . LEU A 1 11  ? 9.288   8.201   -8.938  1.00 15.39 ? 11  LEU A C   1 
ATOM   85   O  O   . LEU A 1 11  ? 8.376   8.051   -9.771  1.00 15.70 ? 11  LEU A O   1 
ATOM   86   C  CB  . LEU A 1 11  ? 8.935   10.119  -7.396  1.00 14.76 ? 11  LEU A CB  1 
ATOM   87   C  CG  . LEU A 1 11  ? 8.261   10.596  -6.114  1.00 15.88 ? 11  LEU A CG  1 
ATOM   88   C  CD1 . LEU A 1 11  ? 8.467   12.076  -5.942  1.00 17.98 ? 11  LEU A CD1 1 
ATOM   89   C  CD2 . LEU A 1 11  ? 6.772   10.292  -6.213  1.00 17.99 ? 11  LEU A CD2 1 
ATOM   90   N  N   . HIS A 1 12  ? 10.554  7.904   -9.210  1.00 14.99 ? 12  HIS A N   1 
ATOM   91   C  CA  . HIS A 1 12  ? 10.914  7.368   -10.522 1.00 16.70 ? 12  HIS A CA  1 
ATOM   92   C  C   . HIS A 1 12  ? 10.269  5.980   -10.769 1.00 16.99 ? 12  HIS A C   1 
ATOM   93   O  O   . HIS A 1 12  ? 9.562   5.813   -11.727 1.00 17.18 ? 12  HIS A O   1 
ATOM   94   C  CB  . HIS A 1 12  ? 12.440  7.284   -10.690 1.00 18.03 ? 12  HIS A CB  1 
ATOM   95   C  CG  . HIS A 1 12  ? 12.875  6.831   -12.048 1.00 22.74 ? 12  HIS A CG  1 
ATOM   96   N  ND1 . HIS A 1 12  ? 12.868  7.660   -13.151 1.00 24.37 ? 12  HIS A ND1 1 
ATOM   97   C  CD2 . HIS A 1 12  ? 13.252  5.607   -12.514 1.00 23.10 ? 12  HIS A CD2 1 
ATOM   98   C  CE1 . HIS A 1 12  ? 13.210  6.878   -14.229 1.00 22.30 ? 12  HIS A CE1 1 
ATOM   99   N  NE2 . HIS A 1 12  ? 13.435  5.644   -13.830 1.00 23.67 ? 12  HIS A NE2 1 
ATOM   100  N  N   . VAL A 1 13  ? 10.326  5.077   -9.799  1.00 16.58 ? 13  VAL A N   1 
ATOM   101  C  CA  . VAL A 1 13  ? 9.579   3.839   -9.953  1.00 18.29 ? 13  VAL A CA  1 
ATOM   102  C  C   . VAL A 1 13  ? 8.073   4.025   -9.885  1.00 17.41 ? 13  VAL A C   1 
ATOM   103  O  O   . VAL A 1 13  ? 7.374   3.394   -10.653 1.00 18.75 ? 13  VAL A O   1 
ATOM   104  C  CB  . VAL A 1 13  ? 10.008  2.733   -8.957  1.00 20.39 ? 13  VAL A CB  1 
ATOM   105  C  CG1 . VAL A 1 13  ? 11.519  2.659   -8.939  1.00 24.66 ? 13  VAL A CG1 1 
ATOM   106  C  CG2 . VAL A 1 13  ? 9.533   3.019   -7.547  1.00 19.61 ? 13  VAL A CG2 1 
ATOM   107  N  N   . TRP A 1 14  ? 7.557   4.887   -9.022  1.00 15.61 ? 14  TRP A N   1 
ATOM   108  C  CA  . TRP A 1 14  ? 6.124   5.074   -8.994  1.00 15.89 ? 14  TRP A CA  1 
ATOM   109  C  C   . TRP A 1 14  ? 5.576   5.568   -10.348 1.00 15.92 ? 14  TRP A C   1 
ATOM   110  O  O   . TRP A 1 14  ? 4.474   5.172   -10.761 1.00 16.75 ? 14  TRP A O   1 
ATOM   111  C  CB  . TRP A 1 14  ? 5.672   6.049   -7.892  1.00 15.83 ? 14  TRP A CB  1 
ATOM   112  C  CG  . TRP A 1 14  ? 4.232   5.852   -7.543  1.00 15.92 ? 14  TRP A CG  1 
ATOM   113  C  CD1 . TRP A 1 14  ? 3.155   6.593   -7.963  1.00 16.51 ? 14  TRP A CD1 1 
ATOM   114  C  CD2 . TRP A 1 14  ? 3.698   4.765   -6.779  1.00 15.62 ? 14  TRP A CD2 1 
ATOM   115  N  NE1 . TRP A 1 14  ? 1.972   6.035   -7.493  1.00 16.82 ? 14  TRP A NE1 1 
ATOM   116  C  CE2 . TRP A 1 14  ? 2.277   4.920   -6.752  1.00 15.80 ? 14  TRP A CE2 1 
ATOM   117  C  CE3 . TRP A 1 14  ? 4.280   3.697   -6.086  1.00 14.62 ? 14  TRP A CE3 1 
ATOM   118  C  CZ2 . TRP A 1 14  ? 1.438   4.046   -6.042  1.00 16.69 ? 14  TRP A CZ2 1 
ATOM   119  C  CZ3 . TRP A 1 14  ? 3.422   2.808   -5.381  1.00 16.69 ? 14  TRP A CZ3 1 
ATOM   120  C  CH2 . TRP A 1 14  ? 2.024   2.996   -5.364  1.00 14.58 ? 14  TRP A CH2 1 
ATOM   121  N  N   . ALA A 1 15  ? 6.345   6.360   -11.076 1.00 16.31 ? 15  ALA A N   1 
ATOM   122  C  CA  . ALA A 1 15  ? 5.857   6.804   -12.376 1.00 18.79 ? 15  ALA A CA  1 
ATOM   123  C  C   . ALA A 1 15  ? 5.659   5.600   -13.308 1.00 19.72 ? 15  ALA A C   1 
ATOM   124  O  O   . ALA A 1 15  ? 4.786   5.634   -14.169 1.00 20.73 ? 15  ALA A O   1 
ATOM   125  C  CB  . ALA A 1 15  ? 6.801   7.812   -13.012 1.00 16.96 ? 15  ALA A CB  1 
ATOM   126  N  N   . LYS A 1 16  ? 6.383   4.500   -13.081 1.00 20.92 ? 16  LYS A N   1 
ATOM   127  C  CA  . LYS A 1 16  ? 6.170   3.261   -13.860 1.00 20.74 ? 16  LYS A CA  1 
ATOM   128  C  C   . LYS A 1 16  ? 4.941   2.524   -13.357 1.00 22.13 ? 16  LYS A C   1 
ATOM   129  O  O   . LYS A 1 16  ? 4.114   2.067   -14.146 1.00 24.03 ? 16  LYS A O   1 
ATOM   130  C  CB  . LYS A 1 16  ? 7.353   2.310   -13.734 1.00 21.89 ? 16  LYS A CB  1 
ATOM   131  C  CG  . LYS A 1 16  ? 8.767   2.916   -13.842 1.00 23.88 ? 16  LYS A CG  1 
ATOM   132  C  CD  . LYS A 1 16  ? 9.016   3.582   -15.147 1.00 24.46 ? 16  LYS A CD  1 
ATOM   133  C  CE  . LYS A 1 16  ? 10.515  3.604   -15.454 1.00 25.92 ? 16  LYS A CE  1 
ATOM   134  N  NZ  . LYS A 1 16  ? 10.795  3.782   -16.906 1.00 24.53 ? 16  LYS A NZ  1 
ATOM   135  N  N   . VAL A 1 17  ? 4.765   2.455   -12.044 1.00 21.20 ? 17  VAL A N   1 
ATOM   136  C  CA  . VAL A 1 17  ? 3.534   1.891   -11.478 1.00 20.47 ? 17  VAL A CA  1 
ATOM   137  C  C   . VAL A 1 17  ? 2.342   2.573   -12.129 1.00 22.01 ? 17  VAL A C   1 
ATOM   138  O  O   . VAL A 1 17  ? 1.308   1.935   -12.394 1.00 22.56 ? 17  VAL A O   1 
ATOM   139  C  CB  . VAL A 1 17  ? 3.412   2.150   -9.949  1.00 19.28 ? 17  VAL A CB  1 
ATOM   140  C  CG1 . VAL A 1 17  ? 2.019   1.756   -9.427  1.00 17.87 ? 17  VAL A CG1 1 
ATOM   141  C  CG2 . VAL A 1 17  ? 4.466   1.406   -9.224  1.00 18.45 ? 17  VAL A CG2 1 
ATOM   142  N  N   . GLU A 1 18  ? 2.445   3.883   -12.339 1.00 21.27 ? 18  GLU A N   1 
ATOM   143  C  CA  . GLU A 1 18  ? 1.297   4.603   -12.873 1.00 22.48 ? 18  GLU A CA  1 
ATOM   144  C  C   . GLU A 1 18  ? 0.929   4.354   -14.328 1.00 22.28 ? 18  GLU A C   1 
ATOM   145  O  O   . GLU A 1 18  ? -0.206  4.640   -14.747 1.00 22.45 ? 18  GLU A O   1 
ATOM   146  C  CB  . GLU A 1 18  ? 1.453   6.071   -12.611 1.00 23.63 ? 18  GLU A CB  1 
ATOM   147  C  CG  . GLU A 1 18  ? 1.279   6.348   -11.117 1.00 25.58 ? 18  GLU A CG  1 
ATOM   148  C  CD  . GLU A 1 18  ? 1.159   7.822   -10.825 1.00 27.03 ? 18  GLU A CD  1 
ATOM   149  O  OE1 . GLU A 1 18  ? 1.624   8.643   -11.644 1.00 27.35 ? 18  GLU A OE1 1 
ATOM   150  O  OE2 . GLU A 1 18  ? 0.549   8.152   -9.794  1.00 28.71 ? 18  GLU A OE2 1 
ATOM   151  N  N   . ALA A 1 19  ? 1.806   3.656   -15.038 1.00 21.82 ? 19  ALA A N   1 
ATOM   152  C  CA  . ALA A 1 19  ? 1.503   3.247   -16.394 1.00 20.97 ? 19  ALA A CA  1 
ATOM   153  C  C   . ALA A 1 19  ? 0.415   2.173   -16.386 1.00 20.94 ? 19  ALA A C   1 
ATOM   154  O  O   . ALA A 1 19  ? -0.104  1.813   -17.433 1.00 21.83 ? 19  ALA A O   1 
ATOM   155  C  CB  . ALA A 1 19  ? 2.774   2.695   -17.067 1.00 21.71 ? 19  ALA A CB  1 
ATOM   156  N  N   . ASP A 1 20  ? 0.266   1.480   -15.270 1.00 19.07 ? 20  ASP A N   1 
ATOM   157  C  CA  . ASP A 1 20  ? -0.688  0.403   -15.209 1.00 18.51 ? 20  ASP A CA  1 
ATOM   158  C  C   . ASP A 1 20  ? -1.087  0.215   -13.764 1.00 17.26 ? 20  ASP A C   1 
ATOM   159  O  O   . ASP A 1 20  ? -0.710  -0.762  -13.124 1.00 16.66 ? 20  ASP A O   1 
ATOM   160  C  CB  . ASP A 1 20  ? -0.090  -0.885  -15.768 1.00 21.35 ? 20  ASP A CB  1 
ATOM   161  C  CG  . ASP A 1 20  ? -1.075  -2.071  -15.725 1.00 24.33 ? 20  ASP A CG  1 
ATOM   162  O  OD1 . ASP A 1 20  ? -2.303  -1.854  -15.552 1.00 24.53 ? 20  ASP A OD1 1 
ATOM   163  O  OD2 . ASP A 1 20  ? -0.603  -3.234  -15.829 1.00 28.66 ? 20  ASP A OD2 1 
ATOM   164  N  N   . VAL A 1 21  ? -1.922  1.112   -13.276 1.00 16.85 ? 21  VAL A N   1 
ATOM   165  C  CA  . VAL A 1 21  ? -2.275  1.104   -11.861 1.00 17.20 ? 21  VAL A CA  1 
ATOM   166  C  C   . VAL A 1 21  ? -3.061  -0.161  -11.543 1.00 17.20 ? 21  VAL A C   1 
ATOM   167  O  O   . VAL A 1 21  ? -2.934  -0.738  -10.448 1.00 15.20 ? 21  VAL A O   1 
ATOM   168  C  CB  . VAL A 1 21  ? -3.146  2.320   -11.509 1.00 19.20 ? 21  VAL A CB  1 
ATOM   169  C  CG1 . VAL A 1 21  ? -3.453  2.350   -9.985  1.00 17.88 ? 21  VAL A CG1 1 
ATOM   170  C  CG2 . VAL A 1 21  ? -2.416  3.612   -11.941 1.00 21.25 ? 21  VAL A CG2 1 
ATOM   171  N  N   . ALA A 1 22  ? -3.989  -0.487  -12.450 1.00 17.50 ? 22  ALA A N   1 
ATOM   172  C  CA  . ALA A 1 22  ? -4.929  -1.564  -12.228 1.00 17.14 ? 22  ALA A CA  1 
ATOM   173  C  C   . ALA A 1 22  ? -4.223  -2.948  -12.123 1.00 16.07 ? 22  ALA A C   1 
ATOM   174  O  O   . ALA A 1 22  ? -4.481  -3.728  -11.154 1.00 14.95 ? 22  ALA A O   1 
ATOM   175  C  CB  . ALA A 1 22  ? -6.035  -1.550  -13.346 1.00 15.87 ? 22  ALA A CB  1 
ATOM   176  N  N   . GLY A 1 23  ? -3.245  -3.194  -13.006 1.00 16.68 ? 23  GLY A N   1 
ATOM   177  C  CA  . GLY A 1 23  ? -2.514  -4.476  -12.964 1.00 14.44 ? 23  GLY A CA  1 
ATOM   178  C  C   . GLY A 1 23  ? -1.683  -4.582  -11.674 1.00 15.37 ? 23  GLY A C   1 
ATOM   179  O  O   . GLY A 1 23  ? -1.627  -5.634  -11.028 1.00 14.68 ? 23  GLY A O   1 
ATOM   180  N  N   . HIS A 1 24  ? -1.103  -3.449  -11.260 1.00 13.66 ? 24  HIS A N   1 
ATOM   181  C  CA  . HIS A 1 24  ? -0.328  -3.357  -10.039 1.00 13.32 ? 24  HIS A CA  1 
ATOM   182  C  C   . HIS A 1 24  ? -1.229  -3.549  -8.839  1.00 11.95 ? 24  HIS A C   1 
ATOM   183  O  O   . HIS A 1 24  ? -0.902  -4.319  -7.924  1.00 11.77 ? 24  HIS A O   1 
ATOM   184  C  CB  . HIS A 1 24  ? 0.414   -2.002  -9.944  1.00 12.77 ? 24  HIS A CB  1 
ATOM   185  C  CG  . HIS A 1 24  ? 1.676   -1.950  -10.774 1.00 14.36 ? 24  HIS A CG  1 
ATOM   186  N  ND1 . HIS A 1 24  ? 1.690   -1.562  -12.107 1.00 15.70 ? 24  HIS A ND1 1 
ATOM   187  C  CD2 . HIS A 1 24  ? 2.971   -2.228  -10.454 1.00 13.95 ? 24  HIS A CD2 1 
ATOM   188  C  CE1 . HIS A 1 24  ? 3.014   -1.619  -12.520 1.00 13.78 ? 24  HIS A CE1 1 
ATOM   189  N  NE2 . HIS A 1 24  ? 3.769   -2.029  -11.511 1.00 15.96 ? 24  HIS A NE2 1 
ATOM   190  N  N   . GLY A 1 25  ? -2.377  -2.904  -8.861  1.00 11.06 ? 25  GLY A N   1 
ATOM   191  C  CA  . GLY A 1 25  ? -3.274  -3.021  -7.728  1.00 13.86 ? 25  GLY A CA  1 
ATOM   192  C  C   . GLY A 1 25  ? -3.624  -4.473  -7.529  1.00 15.20 ? 25  GLY A C   1 
ATOM   193  O  O   . GLY A 1 25  ? -3.800  -4.939  -6.413  1.00 14.89 ? 25  GLY A O   1 
ATOM   194  N  N   . GLN A 1 26  ? -3.962  -5.125  -8.630  1.00 17.41 ? 26  GLN A N   1 
ATOM   195  C  CA  . GLN A 1 26  ? -4.421  -6.504  -8.577  1.00 18.57 ? 26  GLN A CA  1 
ATOM   196  C  C   . GLN A 1 26  ? -3.394  -7.426  -7.970  1.00 16.82 ? 26  GLN A C   1 
ATOM   197  O  O   . GLN A 1 26  ? -3.715  -8.234  -7.101  1.00 16.57 ? 26  GLN A O   1 
ATOM   198  C  CB  . GLN A 1 26  ? -4.770  -6.971  -9.973  1.00 22.03 ? 26  GLN A CB  1 
ATOM   199  C  CG  . GLN A 1 26  ? -6.141  -7.533  -10.033 1.00 28.32 ? 26  GLN A CG  1 
ATOM   200  C  CD  . GLN A 1 26  ? -6.357  -8.365  -11.255 1.00 30.56 ? 26  GLN A CD  1 
ATOM   201  O  OE1 . GLN A 1 26  ? -7.144  -7.988  -12.118 1.00 30.28 ? 26  GLN A OE1 1 
ATOM   202  N  NE2 . GLN A 1 26  ? -5.422  -9.283  -11.491 1.00 33.56 ? 26  GLN A NE2 1 
ATOM   203  N  N   . ASP A 1 27  ? -2.171  -7.332  -8.470  1.00 15.08 ? 27  ASP A N   1 
ATOM   204  C  CA  . ASP A 1 27  ? -1.087  -8.155  -7.968  1.00 14.96 ? 27  ASP A CA  1 
ATOM   205  C  C   . ASP A 1 27  ? -0.849  -7.958  -6.467  1.00 13.85 ? 27  ASP A C   1 
ATOM   206  O  O   . ASP A 1 27  ? -0.567  -8.917  -5.713  1.00 12.96 ? 27  ASP A O   1 
ATOM   207  C  CB  . ASP A 1 27  ? 0.200   -7.839  -8.738  1.00 16.06 ? 27  ASP A CB  1 
ATOM   208  C  CG  . ASP A 1 27  ? 0.166   -8.329  -10.204 1.00 19.89 ? 27  ASP A CG  1 
ATOM   209  O  OD1 . ASP A 1 27  ? -0.761  -9.080  -10.549 1.00 18.96 ? 27  ASP A OD1 1 
ATOM   210  O  OD2 . ASP A 1 27  ? 1.057   -7.952  -11.009 1.00 20.43 ? 27  ASP A OD2 1 
ATOM   211  N  N   . ILE A 1 28  ? -0.906  -6.700  -6.051  1.00 12.91 ? 28  ILE A N   1 
ATOM   212  C  CA  . ILE A 1 28  ? -0.599  -6.367  -4.664  1.00 12.95 ? 28  ILE A CA  1 
ATOM   213  C  C   . ILE A 1 28  ? -1.676  -6.908  -3.699  1.00 12.32 ? 28  ILE A C   1 
ATOM   214  O  O   . ILE A 1 28  ? -1.354  -7.648  -2.765  1.00 11.95 ? 28  ILE A O   1 
ATOM   215  C  CB  . ILE A 1 28  ? -0.406  -4.837  -4.520  1.00 11.73 ? 28  ILE A CB  1 
ATOM   216  C  CG1 . ILE A 1 28  ? 0.865   -4.424  -5.290  1.00 11.12 ? 28  ILE A CG1 1 
ATOM   217  C  CG2 . ILE A 1 28  ? -0.322  -4.460  -3.025  1.00 11.89 ? 28  ILE A CG2 1 
ATOM   218  C  CD1 . ILE A 1 28  ? 1.053   -2.936  -5.390  1.00 13.68 ? 28  ILE A CD1 1 
ATOM   219  N  N   . LEU A 1 29  ? -2.951  -6.659  -4.000  1.00 12.53 ? 29  LEU A N   1 
ATOM   220  C  CA  . LEU A 1 29  ? -4.046  -7.230  -3.177  1.00 12.97 ? 29  LEU A CA  1 
ATOM   221  C  C   . LEU A 1 29  ? -4.033  -8.757  -3.142  1.00 13.66 ? 29  LEU A C   1 
ATOM   222  O  O   . LEU A 1 29  ? -4.194  -9.374  -2.069  1.00 13.13 ? 29  LEU A O   1 
ATOM   223  C  CB  . LEU A 1 29  ? -5.438  -6.740  -3.666  1.00 12.92 ? 29  LEU A CB  1 
ATOM   224  C  CG  . LEU A 1 29  ? -5.721  -5.247  -3.430  1.00 15.83 ? 29  LEU A CG  1 
ATOM   225  C  CD1 . LEU A 1 29  ? -7.158  -4.860  -3.723  1.00 16.64 ? 29  LEU A CD1 1 
ATOM   226  C  CD2 . LEU A 1 29  ? -5.461  -4.956  -1.968  1.00 16.63 ? 29  LEU A CD2 1 
ATOM   227  N  N   . ILE A 1 30  ? -3.792  -9.392  -4.288  1.00 14.61 ? 30  ILE A N   1 
ATOM   228  C  CA  . ILE A 1 30  ? -3.800  -10.855 -4.315  1.00 15.51 ? 30  ILE A CA  1 
ATOM   229  C  C   . ILE A 1 30  ? -2.620  -11.415 -3.498  1.00 15.77 ? 30  ILE A C   1 
ATOM   230  O  O   . ILE A 1 30  ? -2.755  -12.429 -2.754  1.00 14.36 ? 30  ILE A O   1 
ATOM   231  C  CB  . ILE A 1 30  ? -3.724  -11.363 -5.802  1.00 16.94 ? 30  ILE A CB  1 
ATOM   232  C  CG1 . ILE A 1 30  ? -5.099  -11.163 -6.487  1.00 16.81 ? 30  ILE A CG1 1 
ATOM   233  C  CG2 . ILE A 1 30  ? -3.240  -12.834 -5.850  1.00 16.94 ? 30  ILE A CG2 1 
ATOM   234  C  CD1 . ILE A 1 30  ? -5.127  -11.463 -7.995  1.00 16.79 ? 30  ILE A CD1 1 
ATOM   235  N  N   . ARG A 1 31  ? -1.464  -10.761 -3.637  1.00 15.31 ? 31  ARG A N   1 
ATOM   236  C  CA  . ARG A 1 31  ? -0.262  -11.184 -2.889  1.00 16.41 ? 31  ARG A CA  1 
ATOM   237  C  C   . ARG A 1 31  ? -0.553  -11.087 -1.411  1.00 15.18 ? 31  ARG A C   1 
ATOM   238  O  O   . ARG A 1 31  ? -0.283  -11.998 -0.632  1.00 15.67 ? 31  ARG A O   1 
ATOM   239  C  CB  . ARG A 1 31  ? 0.911   -10.279 -3.277  1.00 18.19 ? 31  ARG A CB  1 
ATOM   240  C  CG  . ARG A 1 31  ? 2.173   -10.495 -2.504  1.00 24.17 ? 31  ARG A CG  1 
ATOM   241  C  CD  . ARG A 1 31  ? 2.604   -11.895 -2.519  1.00 28.14 ? 31  ARG A CD  1 
ATOM   242  N  NE  . ARG A 1 31  ? 3.913   -12.013 -1.891  1.00 34.95 ? 31  ARG A NE  1 
ATOM   243  C  CZ  . ARG A 1 31  ? 4.943   -12.680 -2.408  1.00 37.07 ? 31  ARG A CZ  1 
ATOM   244  N  NH1 . ARG A 1 31  ? 4.829   -13.301 -3.579  1.00 37.74 ? 31  ARG A NH1 1 
ATOM   245  N  NH2 . ARG A 1 31  ? 6.129   -12.620 -1.797  1.00 38.49 ? 31  ARG A NH2 1 
ATOM   246  N  N   . LEU A 1 32  ? -1.167  -9.989  -1.022  1.00 15.24 ? 32  LEU A N   1 
ATOM   247  C  CA  . LEU A 1 32  ? -1.505  -9.768  0.388   1.00 13.98 ? 32  LEU A CA  1 
ATOM   248  C  C   . LEU A 1 32  ? -2.505  -10.850 0.886   1.00 13.84 ? 32  LEU A C   1 
ATOM   249  O  O   . LEU A 1 32  ? -2.338  -11.425 2.001   1.00 11.04 ? 32  LEU A O   1 
ATOM   250  C  CB  . LEU A 1 32  ? -2.119  -8.370  0.542   1.00 12.67 ? 32  LEU A CB  1 
ATOM   251  C  CG  . LEU A 1 32  ? -2.672  -8.058  1.937   1.00 14.15 ? 32  LEU A CG  1 
ATOM   252  C  CD1 . LEU A 1 32  ? -1.504  -7.899  2.931   1.00 13.70 ? 32  LEU A CD1 1 
ATOM   253  C  CD2 . LEU A 1 32  ? -3.518  -6.774  1.879   1.00 15.80 ? 32  LEU A CD2 1 
ATOM   254  N  N   . PHE A 1 33  ? -3.565  -11.072 0.087   1.00 12.88 ? 33  PHE A N   1 
ATOM   255  C  CA  . PHE A 1 33  ? -4.649  -11.969 0.495   1.00 13.95 ? 33  PHE A CA  1 
ATOM   256  C  C   . PHE A 1 33  ? -4.201  -13.422 0.561   1.00 14.19 ? 33  PHE A C   1 
ATOM   257  O  O   . PHE A 1 33  ? -4.645  -14.174 1.466   1.00 16.04 ? 33  PHE A O   1 
ATOM   258  C  CB  . PHE A 1 33  ? -5.816  -11.864 -0.461  1.00 13.26 ? 33  PHE A CB  1 
ATOM   259  C  CG  . PHE A 1 33  ? -6.577  -10.585 -0.375  1.00 13.72 ? 33  PHE A CG  1 
ATOM   260  C  CD1 . PHE A 1 33  ? -6.513  -9.765  0.755   1.00 13.66 ? 33  PHE A CD1 1 
ATOM   261  C  CD2 . PHE A 1 33  ? -7.373  -10.187 -1.443  1.00 13.42 ? 33  PHE A CD2 1 
ATOM   262  C  CE1 . PHE A 1 33  ? -7.239  -8.560  0.801   1.00 13.99 ? 33  PHE A CE1 1 
ATOM   263  C  CE2 . PHE A 1 33  ? -8.098  -8.973  -1.404  1.00 14.21 ? 33  PHE A CE2 1 
ATOM   264  C  CZ  . PHE A 1 33  ? -8.020  -8.159  -0.279  1.00 13.14 ? 33  PHE A CZ  1 
ATOM   265  N  N   . LYS A 1 34  ? -3.269  -13.797 -0.317  1.00 14.44 ? 34  LYS A N   1 
ATOM   266  C  CA  . LYS A 1 34  ? -2.658  -15.133 -0.280  1.00 16.23 ? 34  LYS A CA  1 
ATOM   267  C  C   . LYS A 1 34  ? -1.606  -15.363 0.830   1.00 15.99 ? 34  LYS A C   1 
ATOM   268  O  O   . LYS A 1 34  ? -1.722  -16.329 1.635   1.00 13.54 ? 34  LYS A O   1 
ATOM   269  C  CB  . LYS A 1 34  ? -2.077  -15.454 -1.632  1.00 19.25 ? 34  LYS A CB  1 
ATOM   270  C  CG  . LYS A 1 34  ? -3.209  -15.884 -2.604  1.00 24.96 ? 34  LYS A CG  1 
ATOM   271  C  CD  . LYS A 1 34  ? -2.639  -16.419 -3.932  1.00 30.89 ? 34  LYS A CD  1 
ATOM   272  C  CE  . LYS A 1 34  ? -1.916  -17.795 -3.752  1.00 32.21 ? 34  LYS A CE  1 
ATOM   273  N  NZ  . LYS A 1 34  ? -1.015  -18.107 -4.917  1.00 31.40 ? 34  LYS A NZ  1 
ATOM   274  N  N   . SER A 1 35  ? -0.776  -14.347 1.044   1.00 14.64 ? 35  SER A N   1 
ATOM   275  C  CA  . SER A 1 35  ? 0.270   -14.423 2.083   1.00 16.15 ? 35  SER A CA  1 
ATOM   276  C  C   . SER A 1 35  ? -0.293  -14.352 3.477   1.00 14.58 ? 35  SER A C   1 
ATOM   277  O  O   . SER A 1 35  ? 0.295   -14.920 4.412   1.00 15.69 ? 35  SER A O   1 
ATOM   278  C  CB  . SER A 1 35  ? 1.280   -13.293 1.926   1.00 17.72 ? 35  SER A CB  1 
ATOM   279  O  OG  . SER A 1 35  ? 1.883   -13.375 0.655   1.00 22.28 ? 35  SER A OG  1 
ATOM   280  N  N   . HIS A 1 36  ? -1.307  -13.498 3.641   1.00 14.59 ? 36  HIS A N   1 
ATOM   281  C  CA  . HIS A 1 36  ? -1.908  -13.217 4.956   1.00 13.74 ? 36  HIS A CA  1 
ATOM   282  C  C   . HIS A 1 36  ? -3.418  -13.272 4.811   1.00 14.27 ? 36  HIS A C   1 
ATOM   283  O  O   . HIS A 1 36  ? -4.097  -12.259 4.868   1.00 13.66 ? 36  HIS A O   1 
ATOM   284  C  CB  . HIS A 1 36  ? -1.466  -11.828 5.456   1.00 13.45 ? 36  HIS A CB  1 
ATOM   285  C  CG  . HIS A 1 36  ? 0.027   -11.626 5.441   1.00 13.65 ? 36  HIS A CG  1 
ATOM   286  N  ND1 . HIS A 1 36  ? 0.854   -12.127 6.411   1.00 15.73 ? 36  HIS A ND1 1 
ATOM   287  C  CD2 . HIS A 1 36  ? 0.854   -11.086 4.511   1.00 14.82 ? 36  HIS A CD2 1 
ATOM   288  C  CE1 . HIS A 1 36  ? 2.116   -11.894 6.016   1.00 14.85 ? 36  HIS A CE1 1 
ATOM   289  N  NE2 . HIS A 1 36  ? 2.119   -11.259 4.867   1.00 14.97 ? 36  HIS A NE2 1 
ATOM   290  N  N   . PRO A 1 37  ? -3.989  -14.502 4.832   1.00 15.40 ? 37  PRO A N   1 
ATOM   291  C  CA  . PRO A 1 37  ? -5.435  -14.746 4.627   1.00 13.59 ? 37  PRO A CA  1 
ATOM   292  C  C   . PRO A 1 37  ? -6.336  -14.027 5.626   1.00 14.34 ? 37  PRO A C   1 
ATOM   293  O  O   . PRO A 1 37  ? -7.463  -13.638 5.294   1.00 15.56 ? 37  PRO A O   1 
ATOM   294  C  CB  . PRO A 1 37  ? -5.562  -16.270 4.738   1.00 14.13 ? 37  PRO A CB  1 
ATOM   295  C  CG  . PRO A 1 37  ? -4.181  -16.786 4.419   1.00 14.75 ? 37  PRO A CG  1 
ATOM   296  C  CD  . PRO A 1 37  ? -3.224  -15.752 4.978   1.00 13.82 ? 37  PRO A CD  1 
ATOM   297  N  N   . GLU A 1 38  ? -5.864  -13.845 6.863   1.00 14.45 ? 38  GLU A N   1 
ATOM   298  C  CA  . GLU A 1 38  ? -6.605  -13.058 7.820   1.00 14.63 ? 38  GLU A CA  1 
ATOM   299  C  C   . GLU A 1 38  ? -6.952  -11.638 7.292   1.00 16.31 ? 38  GLU A C   1 
ATOM   300  O  O   . GLU A 1 38  ? -7.951  -11.063 7.731   1.00 17.79 ? 38  GLU A O   1 
ATOM   301  C  CB  . GLU A 1 38  ? -5.821  -12.960 9.136   1.00 14.58 ? 38  GLU A CB  1 
ATOM   302  C  CG  . GLU A 1 38  ? -4.624  -11.990 9.125   1.00 15.20 ? 38  GLU A CG  1 
ATOM   303  C  CD  . GLU A 1 38  ? -3.297  -12.664 8.795   1.00 15.64 ? 38  GLU A CD  1 
ATOM   304  O  OE1 . GLU A 1 38  ? -3.244  -13.519 7.918   1.00 14.96 ? 38  GLU A OE1 1 
ATOM   305  O  OE2 . GLU A 1 38  ? -2.284  -12.341 9.423   1.00 16.19 ? 38  GLU A OE2 1 
ATOM   306  N  N   . THR A 1 39  ? -6.136  -11.046 6.407   1.00 15.85 ? 39  THR A N   1 
ATOM   307  C  CA  . THR A 1 39  ? -6.481  -9.713  5.910   1.00 16.14 ? 39  THR A CA  1 
ATOM   308  C  C   . THR A 1 39  ? -7.776  -9.746  5.050   1.00 17.01 ? 39  THR A C   1 
ATOM   309  O  O   . THR A 1 39  ? -8.564  -8.780  5.027   1.00 15.97 ? 39  THR A O   1 
ATOM   310  C  CB  . THR A 1 39  ? -5.314  -9.038  5.097   1.00 15.58 ? 39  THR A CB  1 
ATOM   311  O  OG1 . THR A 1 39  ? -4.974  -9.788  3.928   1.00 14.24 ? 39  THR A OG1 1 
ATOM   312  C  CG2 . THR A 1 39  ? -4.066  -8.920  5.974   1.00 16.36 ? 39  THR A CG2 1 
ATOM   313  N  N   . LEU A 1 40  ? -8.000  -10.866 4.365   1.00 17.41 ? 40  LEU A N   1 
ATOM   314  C  CA  . LEU A 1 40  ? -9.120  -10.960 3.421   1.00 19.07 ? 40  LEU A CA  1 
ATOM   315  C  C   . LEU A 1 40  ? -10.443 -10.908 4.185   1.00 18.79 ? 40  LEU A C   1 
ATOM   316  O  O   . LEU A 1 40  ? -11.401 -10.277 3.744   1.00 20.32 ? 40  LEU A O   1 
ATOM   317  C  CB  . LEU A 1 40  ? -9.012  -12.264 2.590   1.00 18.79 ? 40  LEU A CB  1 
ATOM   318  C  CG  . LEU A 1 40  ? -10.095 -12.577 1.535   1.00 21.14 ? 40  LEU A CG  1 
ATOM   319  C  CD1 . LEU A 1 40  ? -10.239 -11.391 0.586   1.00 17.43 ? 40  LEU A CD1 1 
ATOM   320  C  CD2 . LEU A 1 40  ? -9.716  -13.884 0.748   1.00 19.68 ? 40  LEU A CD2 1 
ATOM   321  N  N   . GLU A 1 41  ? -10.436 -11.450 5.401   1.00 19.54 ? 41  GLU A N   1 
ATOM   322  C  CA  . GLU A 1 41  ? -11.601 -11.441 6.274   1.00 20.67 ? 41  GLU A CA  1 
ATOM   323  C  C   . GLU A 1 41  ? -12.108 -10.039 6.717   1.00 21.51 ? 41  GLU A C   1 
ATOM   324  O  O   . GLU A 1 41  ? -13.233 -9.910  7.155   1.00 22.40 ? 41  GLU A O   1 
ATOM   325  C  CB  . GLU A 1 41  ? -11.250 -12.304 7.469   1.00 23.42 ? 41  GLU A CB  1 
ATOM   326  C  CG  . GLU A 1 41  ? -12.418 -12.936 8.155   1.00 29.18 ? 41  GLU A CG  1 
ATOM   327  C  CD  . GLU A 1 41  ? -13.281 -13.795 7.254   1.00 31.61 ? 41  GLU A CD  1 
ATOM   328  O  OE1 . GLU A 1 41  ? -12.740 -14.557 6.429   1.00 33.97 ? 41  GLU A OE1 1 
ATOM   329  O  OE2 . GLU A 1 41  ? -14.517 -13.727 7.406   1.00 35.80 ? 41  GLU A OE2 1 
ATOM   330  N  N   . LYS A 1 42  ? -11.306 -8.971  6.573   1.00 20.45 ? 42  LYS A N   1 
ATOM   331  C  CA  . LYS A 1 42  ? -11.780 -7.608  6.823   1.00 18.83 ? 42  LYS A CA  1 
ATOM   332  C  C   . LYS A 1 42  ? -12.707 -7.074  5.741   1.00 18.44 ? 42  LYS A C   1 
ATOM   333  O  O   . LYS A 1 42  ? -13.173 -5.942  5.835   1.00 18.62 ? 42  LYS A O   1 
ATOM   334  C  CB  . LYS A 1 42  ? -10.587 -6.642  6.919   1.00 19.56 ? 42  LYS A CB  1 
ATOM   335  C  CG  . LYS A 1 42  ? -9.803  -6.724  8.197   1.00 20.82 ? 42  LYS A CG  1 
ATOM   336  C  CD  . LYS A 1 42  ? -10.683 -6.304  9.372   1.00 22.11 ? 42  LYS A CD  1 
ATOM   337  C  CE  . LYS A 1 42  ? -9.965  -6.513  10.674  1.00 23.45 ? 42  LYS A CE  1 
ATOM   338  N  NZ  . LYS A 1 42  ? -10.742 -5.906  11.801  1.00 24.20 ? 42  LYS A NZ  1 
ATOM   339  N  N   . PHE A 1 43  ? -12.703 -7.707  4.581   1.00 17.90 ? 43  PHE A N   1 
ATOM   340  C  CA  . PHE A 1 43  ? -13.454 -7.152  3.448   1.00 18.12 ? 43  PHE A CA  1 
ATOM   341  C  C   . PHE A 1 43  ? -14.697 -8.023  3.269   1.00 20.33 ? 43  PHE A C   1 
ATOM   342  O  O   . PHE A 1 43  ? -14.596 -9.170  2.771   1.00 17.46 ? 43  PHE A O   1 
ATOM   343  C  CB  . PHE A 1 43  ? -12.619 -7.204  2.167   1.00 17.23 ? 43  PHE A CB  1 
ATOM   344  C  CG  . PHE A 1 43  ? -11.421 -6.291  2.181   1.00 16.45 ? 43  PHE A CG  1 
ATOM   345  C  CD1 . PHE A 1 43  ? -11.524 -4.981  1.714   1.00 17.94 ? 43  PHE A CD1 1 
ATOM   346  C  CD2 . PHE A 1 43  ? -10.205 -6.738  2.637   1.00 15.98 ? 43  PHE A CD2 1 
ATOM   347  C  CE1 . PHE A 1 43  ? -10.420 -4.126  1.672   1.00 16.39 ? 43  PHE A CE1 1 
ATOM   348  C  CE2 . PHE A 1 43  ? -9.096  -5.904  2.603   1.00 17.17 ? 43  PHE A CE2 1 
ATOM   349  C  CZ  . PHE A 1 43  ? -9.208  -4.585  2.102   1.00 17.14 ? 43  PHE A CZ  1 
ATOM   350  N  N   . ASP A 1 44  ? -15.840 -7.538  3.747   1.00 20.12 ? 44  ASP A N   1 
ATOM   351  C  CA  . ASP A 1 44  ? -17.087 -8.253  3.489   1.00 23.13 ? 44  ASP A CA  1 
ATOM   352  C  C   . ASP A 1 44  ? -17.264 -8.411  1.964   1.00 22.88 ? 44  ASP A C   1 
ATOM   353  O  O   . ASP A 1 44  ? -17.722 -9.465  1.511   1.00 23.41 ? 44  ASP A O   1 
ATOM   354  C  CB  . ASP A 1 44  ? -18.309 -7.494  4.076   1.00 26.21 ? 44  ASP A CB  1 
ATOM   355  C  CG  . ASP A 1 44  ? -18.544 -7.793  5.568   1.00 31.33 ? 44  ASP A CG  1 
ATOM   356  O  OD1 . ASP A 1 44  ? -18.098 -8.851  6.081   1.00 33.32 ? 44  ASP A OD1 1 
ATOM   357  O  OD2 . ASP A 1 44  ? -19.053 -6.897  6.280   1.00 35.27 ? 44  ASP A OD2 1 
ATOM   358  N  N   . ARG A 1 45  ? -16.820 -7.412  1.176   1.00 22.56 ? 45  ARG A N   1 
ATOM   359  C  CA  . ARG A 1 45  ? -17.064 -7.447  -0.262  1.00 21.54 ? 45  ARG A CA  1 
ATOM   360  C  C   . ARG A 1 45  ? -16.148 -8.410  -1.026  1.00 20.11 ? 45  ARG A C   1 
ATOM   361  O  O   . ARG A 1 45  ? -16.379 -8.679  -2.198  1.00 20.05 ? 45  ARG A O   1 
ATOM   362  C  CB  . ARG A 1 45  ? -16.975 -6.033  -0.867  1.00 24.33 ? 45  ARG A CB  1 
ATOM   363  C  CG  . ARG A 1 45  ? -15.590 -5.663  -1.218  1.00 25.61 ? 45  ARG A CG  1 
ATOM   364  C  CD  . ARG A 1 45  ? -15.387 -4.167  -1.135  1.00 30.66 ? 45  ARG A CD  1 
ATOM   365  N  NE  . ARG A 1 45  ? -15.861 -3.506  -2.326  1.00 31.24 ? 45  ARG A NE  1 
ATOM   366  C  CZ  . ARG A 1 45  ? -16.955 -2.769  -2.360  1.00 33.76 ? 45  ARG A CZ  1 
ATOM   367  N  NH1 . ARG A 1 45  ? -17.418 -2.239  -1.246  1.00 34.85 ? 45  ARG A NH1 1 
ATOM   368  N  NH2 . ARG A 1 45  ? -17.454 -2.392  -3.530  1.00 35.02 ? 45  ARG A NH2 1 
ATOM   369  N  N   . PHE A 1 46  ? -15.124 -8.946  -0.374  1.00 18.74 ? 46  PHE A N   1 
ATOM   370  C  CA  . PHE A 1 46  ? -14.223 -9.913  -1.028  1.00 18.65 ? 46  PHE A CA  1 
ATOM   371  C  C   . PHE A 1 46  ? -14.203 -11.314 -0.393  1.00 18.26 ? 46  PHE A C   1 
ATOM   372  O  O   . PHE A 1 46  ? -13.477 -12.196 -0.840  1.00 17.52 ? 46  PHE A O   1 
ATOM   373  C  CB  . PHE A 1 46  ? -12.787 -9.365  -1.040  1.00 17.59 ? 46  PHE A CB  1 
ATOM   374  C  CG  . PHE A 1 46  ? -12.628 -8.097  -1.832  1.00 17.53 ? 46  PHE A CG  1 
ATOM   375  C  CD1 . PHE A 1 46  ? -13.294 -7.937  -3.028  1.00 16.50 ? 46  PHE A CD1 1 
ATOM   376  C  CD2 . PHE A 1 46  ? -11.825 -7.075  -1.368  1.00 17.29 ? 46  PHE A CD2 1 
ATOM   377  C  CE1 . PHE A 1 46  ? -13.169 -6.788  -3.764  1.00 18.42 ? 46  PHE A CE1 1 
ATOM   378  C  CE2 . PHE A 1 46  ? -11.702 -5.873  -2.105  1.00 17.66 ? 46  PHE A CE2 1 
ATOM   379  C  CZ  . PHE A 1 46  ? -12.374 -5.733  -3.296  1.00 18.56 ? 46  PHE A CZ  1 
ATOM   380  N  N   . LYS A 1 47  ? -14.827 -11.437 0.757   1.00 20.49 ? 47  LYS A N   1 
ATOM   381  C  CA  . LYS A 1 47  ? -14.669 -12.591 1.596   1.00 23.40 ? 47  LYS A CA  1 
ATOM   382  C  C   . LYS A 1 47  ? -15.018 -13.878 0.854   1.00 23.87 ? 47  LYS A C   1 
ATOM   383  O  O   . LYS A 1 47  ? -14.641 -14.973 1.325   1.00 24.10 ? 47  LYS A O   1 
ATOM   384  C  CB  . LYS A 1 47  ? -15.584 -12.481 2.820   1.00 26.95 ? 47  LYS A CB  1 
ATOM   385  C  CG  . LYS A 1 47  ? -14.961 -11.820 3.997   1.00 33.19 ? 47  LYS A CG  1 
ATOM   386  C  CD  . LYS A 1 47  ? -15.750 -12.108 5.270   1.00 36.69 ? 47  LYS A CD  1 
ATOM   387  C  CE  . LYS A 1 47  ? -17.170 -11.536 5.162   1.00 40.61 ? 47  LYS A CE  1 
ATOM   388  N  NZ  . LYS A 1 47  ? -18.278 -12.509 5.498   1.00 41.70 ? 47  LYS A NZ  1 
ATOM   389  N  N   . HIS A 1 48  ? -15.891 -13.779 -0.164  1.00 22.77 ? 48  HIS A N   1 
ATOM   390  C  CA  . HIS A 1 48  ? -16.357 -14.954 -0.885  1.00 21.10 ? 48  HIS A CA  1 
ATOM   391  C  C   . HIS A 1 48  ? -15.281 -15.552 -1.769  1.00 20.83 ? 48  HIS A C   1 
ATOM   392  O  O   . HIS A 1 48  ? -15.427 -16.667 -2.242  1.00 22.10 ? 48  HIS A O   1 
ATOM   393  C  CB  . HIS A 1 48  ? -17.610 -14.640 -1.725  1.00 20.64 ? 48  HIS A CB  1 
ATOM   394  C  CG  . HIS A 1 48  ? -17.403 -13.608 -2.802  1.00 19.17 ? 48  HIS A CG  1 
ATOM   395  N  ND1 . HIS A 1 48  ? -17.277 -12.264 -2.538  1.00 18.58 ? 48  HIS A ND1 1 
ATOM   396  C  CD2 . HIS A 1 48  ? -17.230 -13.728 -4.144  1.00 19.67 ? 48  HIS A CD2 1 
ATOM   397  C  CE1 . HIS A 1 48  ? -17.017 -11.660 -3.729  1.00 18.94 ? 48  HIS A CE1 1 
ATOM   398  N  NE2 . HIS A 1 48  ? -16.988 -12.544 -4.709  1.00 18.83 ? 48  HIS A NE2 1 
ATOM   399  N  N   . LEU A 1 49  ? -14.245 -14.793 -2.071  1.00 19.35 ? 49  LEU A N   1 
ATOM   400  C  CA  . LEU A 1 49  ? -13.239 -15.228 -3.039  1.00 19.80 ? 49  LEU A CA  1 
ATOM   401  C  C   . LEU A 1 49  ? -12.308 -16.297 -2.423  1.00 20.72 ? 49  LEU A C   1 
ATOM   402  O  O   . LEU A 1 49  ? -11.833 -16.129 -1.314  1.00 20.26 ? 49  LEU A O   1 
ATOM   403  C  CB  . LEU A 1 49  ? -12.418 -14.009 -3.522  1.00 18.91 ? 49  LEU A CB  1 
ATOM   404  C  CG  . LEU A 1 49  ? -13.225 -12.941 -4.255  1.00 18.52 ? 49  LEU A CG  1 
ATOM   405  C  CD1 . LEU A 1 49  ? -12.427 -11.613 -4.358  1.00 20.30 ? 49  LEU A CD1 1 
ATOM   406  C  CD2 . LEU A 1 49  ? -13.535 -13.453 -5.682  1.00 19.54 ? 49  LEU A CD2 1 
ATOM   407  N  N   . LYS A 1 50  ? -12.298 -17.491 -3.010  1.00 21.91 ? 50  LYS A N   1 
ATOM   408  C  CA  . LYS A 1 50  ? -11.606 -18.630 -2.404  1.00 22.55 ? 50  LYS A CA  1 
ATOM   409  C  C   . LYS A 1 50  ? -10.305 -19.001 -3.108  1.00 22.46 ? 50  LYS A C   1 
ATOM   410  O  O   . LYS A 1 50  ? -9.298  -19.304 -2.460  1.00 24.56 ? 50  LYS A O   1 
ATOM   411  C  CB  . LYS A 1 50  ? -12.542 -19.832 -2.321  1.00 25.34 ? 50  LYS A CB  1 
ATOM   412  C  CG  . LYS A 1 50  ? -13.602 -19.656 -1.240  1.00 29.64 ? 50  LYS A CG  1 
ATOM   413  C  CD  . LYS A 1 50  ? -13.832 -20.955 -0.461  1.00 34.79 ? 50  LYS A CD  1 
ATOM   414  C  CE  . LYS A 1 50  ? -14.510 -20.699 0.903   1.00 37.85 ? 50  LYS A CE  1 
ATOM   415  N  NZ  . LYS A 1 50  ? -14.974 -21.986 1.571   1.00 39.61 ? 50  LYS A NZ  1 
ATOM   416  N  N   . THR A 1 51  ? -10.205 -18.738 -4.394  1.00 17.99 ? 51  THR A N   1 
ATOM   417  C  CA  . THR A 1 51  ? -8.985  -19.157 -5.051  1.00 15.54 ? 51  THR A CA  1 
ATOM   418  C  C   . THR A 1 51  ? -8.282  -17.938 -5.684  1.00 14.88 ? 51  THR A C   1 
ATOM   419  O  O   . THR A 1 51  ? -8.922  -16.912 -5.971  1.00 13.48 ? 51  THR A O   1 
ATOM   420  C  CB  . THR A 1 51  ? -9.318  -20.217 -6.162  1.00 15.50 ? 51  THR A CB  1 
ATOM   421  O  OG1 . THR A 1 51  ? -9.991  -19.557 -7.264  1.00 16.03 ? 51  THR A OG1 1 
ATOM   422  C  CG2 . THR A 1 51  ? -10.192 -21.383 -5.578  1.00 13.64 ? 51  THR A CG2 1 
ATOM   423  N  N   . GLU A 1 52  ? -7.041  -18.138 -6.114  1.00 12.95 ? 52  GLU A N   1 
ATOM   424  C  CA  . GLU A 1 52  ? -6.361  -17.076 -6.777  1.00 12.94 ? 52  GLU A CA  1 
ATOM   425  C  C   . GLU A 1 52  ? -7.037  -16.718 -8.094  1.00 12.71 ? 52  GLU A C   1 
ATOM   426  O  O   . GLU A 1 52  ? -7.153  -15.533 -8.452  1.00 11.29 ? 52  GLU A O   1 
ATOM   427  C  CB  . GLU A 1 52  ? -4.924  -17.477 -6.997  1.00 14.14 ? 52  GLU A CB  1 
ATOM   428  C  CG  . GLU A 1 52  ? -4.141  -16.410 -7.732  1.00 15.23 ? 52  GLU A CG  1 
ATOM   429  C  CD  . GLU A 1 52  ? -2.641  -16.605 -7.629  1.00 17.17 ? 52  GLU A CD  1 
ATOM   430  O  OE1 . GLU A 1 52  ? -2.187  -17.669 -7.167  1.00 18.89 ? 52  GLU A OE1 1 
ATOM   431  O  OE2 . GLU A 1 52  ? -1.933  -15.786 -8.219  1.00 18.80 ? 52  GLU A OE2 1 
ATOM   432  N  N   . ALA A 1 53  ? -7.482  -17.746 -8.834  1.00 12.88 ? 53  ALA A N   1 
ATOM   433  C  CA  . ALA A 1 53  ? -8.207  -17.543 -10.105 1.00 12.78 ? 53  ALA A CA  1 
ATOM   434  C  C   . ALA A 1 53  ? -9.471  -16.711 -9.917  1.00 13.00 ? 53  ALA A C   1 
ATOM   435  O  O   . ALA A 1 53  ? -9.751  -15.802 -10.735 1.00 15.45 ? 53  ALA A O   1 
ATOM   436  C  CB  . ALA A 1 53  ? -8.576  -18.878 -10.724 1.00 13.68 ? 53  ALA A CB  1 
ATOM   437  N  N   . GLU A 1 54  ? -10.207 -16.973 -8.850  1.00 11.34 ? 54  GLU A N   1 
ATOM   438  C  CA  . GLU A 1 54  ? -11.403 -16.171 -8.560  1.00 12.19 ? 54  GLU A CA  1 
ATOM   439  C  C   . GLU A 1 54  ? -11.011 -14.724 -8.255  1.00 12.22 ? 54  GLU A C   1 
ATOM   440  O  O   . GLU A 1 54  ? -11.716 -13.794 -8.606  1.00 11.69 ? 54  GLU A O   1 
ATOM   441  C  CB  . GLU A 1 54  ? -12.129 -16.743 -7.352  1.00 12.57 ? 54  GLU A CB  1 
ATOM   442  C  CG  . GLU A 1 54  ? -12.913 -18.034 -7.683  1.00 15.52 ? 54  GLU A CG  1 
ATOM   443  C  CD  . GLU A 1 54  ? -13.428 -18.724 -6.456  1.00 19.51 ? 54  GLU A CD  1 
ATOM   444  O  OE1 . GLU A 1 54  ? -13.150 -18.297 -5.316  1.00 18.57 ? 54  GLU A OE1 1 
ATOM   445  O  OE2 . GLU A 1 54  ? -14.071 -19.778 -6.623  1.00 22.86 ? 54  GLU A OE2 1 
ATOM   446  N  N   . MET A 1 55  ? -9.885  -14.543 -7.582  1.00 10.70 ? 55  MET A N   1 
ATOM   447  C  CA  . MET A 1 55  ? -9.439  -13.193 -7.254  1.00 10.93 ? 55  MET A CA  1 
ATOM   448  C  C   . MET A 1 55  ? -9.057  -12.442 -8.497  1.00 10.12 ? 55  MET A C   1 
ATOM   449  O  O   . MET A 1 55  ? -9.457  -11.279 -8.674  1.00 11.21 ? 55  MET A O   1 
ATOM   450  C  CB  . MET A 1 55  ? -8.232  -13.261 -6.311  1.00 10.99 ? 55  MET A CB  1 
ATOM   451  C  CG  . MET A 1 55  ? -8.640  -13.686 -4.887  1.00 12.67 ? 55  MET A CG  1 
ATOM   452  S  SD  . MET A 1 55  ? -7.201  -13.819 -3.803  1.00 16.41 ? 55  MET A SD  1 
ATOM   453  C  CE  . MET A 1 55  ? -8.018  -14.570 -2.408  1.00 14.66 ? 55  MET A CE  1 
ATOM   454  N  N   . LYS A 1 56  ? -8.251  -13.081 -9.331  1.00 11.53 ? 56  LYS A N   1 
ATOM   455  C  CA  . LYS A 1 56  ? -7.888  -12.527 -10.643 1.00 14.48 ? 56  LYS A CA  1 
ATOM   456  C  C   . LYS A 1 56  ? -9.077  -12.162 -11.564 1.00 14.23 ? 56  LYS A C   1 
ATOM   457  O  O   . LYS A 1 56  ? -9.058  -11.114 -12.235 1.00 15.77 ? 56  LYS A O   1 
ATOM   458  C  CB  . LYS A 1 56  ? -6.923  -13.471 -11.362 1.00 16.54 ? 56  LYS A CB  1 
ATOM   459  C  CG  . LYS A 1 56  ? -5.481  -13.221 -10.943 1.00 20.78 ? 56  LYS A CG  1 
ATOM   460  C  CD  . LYS A 1 56  ? -4.487  -14.277 -11.366 1.00 24.32 ? 56  LYS A CD  1 
ATOM   461  C  CE  . LYS A 1 56  ? -3.142  -14.080 -10.593 1.00 28.82 ? 56  LYS A CE  1 
ATOM   462  N  NZ  . LYS A 1 56  ? -2.060  -13.411 -11.417 1.00 31.63 ? 56  LYS A NZ  1 
ATOM   463  N  N   . ALA A 1 57  ? -10.179 -12.884 -11.407 1.00 14.37 ? 57  ALA A N   1 
ATOM   464  C  CA  . ALA A 1 57  ? -11.345 -12.680 -12.248 1.00 14.20 ? 57  ALA A CA  1 
ATOM   465  C  C   . ALA A 1 57  ? -12.236 -11.552 -11.730 1.00 14.19 ? 57  ALA A C   1 
ATOM   466  O  O   . ALA A 1 57  ? -13.045 -11.033 -12.469 1.00 15.03 ? 57  ALA A O   1 
ATOM   467  C  CB  . ALA A 1 57  ? -12.119 -13.956 -12.307 1.00 13.78 ? 57  ALA A CB  1 
ATOM   468  N  N   . SER A 1 58  ? -12.062 -11.130 -10.475 1.00 13.89 ? 58  SER A N   1 
ATOM   469  C  CA  . SER A 1 58  ? -12.963 -10.158 -9.870  1.00 13.26 ? 58  SER A CA  1 
ATOM   470  C  C   . SER A 1 58  ? -12.735 -8.698  -10.314 1.00 14.56 ? 58  SER A C   1 
ATOM   471  O  O   . SER A 1 58  ? -11.663 -8.114  -10.084 1.00 14.02 ? 58  SER A O   1 
ATOM   472  C  CB  . SER A 1 58  ? -12.898 -10.252 -8.363  1.00 12.06 ? 58  SER A CB  1 
ATOM   473  O  OG  . SER A 1 58  ? -13.693 -9.218  -7.818  1.00 11.77 ? 58  SER A OG  1 
ATOM   474  N  N   . GLU A 1 59  ? -13.733 -8.114  -10.970 1.00 14.66 ? 59  GLU A N   1 
ATOM   475  C  CA  . GLU A 1 59  ? -13.584 -6.731  -11.456 1.00 15.22 ? 59  GLU A CA  1 
ATOM   476  C  C   . GLU A 1 59  ? -13.660 -5.763  -10.256 1.00 14.09 ? 59  GLU A C   1 
ATOM   477  O  O   . GLU A 1 59  ? -13.042 -4.687  -10.232 1.00 11.99 ? 59  GLU A O   1 
ATOM   478  C  CB  . GLU A 1 59  ? -14.676 -6.400  -12.514 1.00 15.83 ? 59  GLU A CB  1 
ATOM   479  C  CG  . GLU A 1 59  ? -14.464 -5.026  -13.260 1.00 17.18 ? 59  GLU A CG  1 
ATOM   480  C  CD  . GLU A 1 59  ? -13.185 -4.987  -14.111 1.00 17.26 ? 59  GLU A CD  1 
ATOM   481  O  OE1 . GLU A 1 59  ? -12.582 -6.036  -14.364 1.00 17.97 ? 59  GLU A OE1 1 
ATOM   482  O  OE2 . GLU A 1 59  ? -12.846 -3.905  -14.632 1.00 17.98 ? 59  GLU A OE2 1 
ATOM   483  N  N   . ASP A 1 60  ? -14.392 -6.162  -9.236  1.00 13.62 ? 60  ASP A N   1 
ATOM   484  C  CA  . ASP A 1 60  ? -14.535 -5.276  -8.130  1.00 14.32 ? 60  ASP A CA  1 
ATOM   485  C  C   . ASP A 1 60  ? -13.182 -5.194  -7.406  1.00 15.31 ? 60  ASP A C   1 
ATOM   486  O  O   . ASP A 1 60  ? -12.834 -4.153  -6.894  1.00 13.90 ? 60  ASP A O   1 
ATOM   487  C  CB  . ASP A 1 60  ? -15.642 -5.763  -7.207  1.00 14.76 ? 60  ASP A CB  1 
ATOM   488  C  CG  . ASP A 1 60  ? -16.056 -4.705  -6.176  1.00 15.89 ? 60  ASP A CG  1 
ATOM   489  O  OD1 . ASP A 1 60  ? -16.395 -3.569  -6.528  1.00 16.65 ? 60  ASP A OD1 1 
ATOM   490  O  OD2 . ASP A 1 60  ? -16.083 -5.045  -5.015  1.00 16.12 ? 60  ASP A OD2 1 
ATOM   491  N  N   . LEU A 1 61  ? -12.532 -6.334  -7.202  1.00 14.00 ? 61  LEU A N   1 
ATOM   492  C  CA  . LEU A 1 61  ? -11.220 -6.384  -6.618  1.00 13.56 ? 61  LEU A CA  1 
ATOM   493  C  C   . LEU A 1 61  ? -10.244 -5.490  -7.426  1.00 14.47 ? 61  LEU A C   1 
ATOM   494  O  O   . LEU A 1 61  ? -9.583  -4.600  -6.863  1.00 14.23 ? 61  LEU A O   1 
ATOM   495  C  CB  . LEU A 1 61  ? -10.738 -7.846  -6.568  1.00 14.02 ? 61  LEU A CB  1 
ATOM   496  C  CG  . LEU A 1 61  ? -9.411  -8.124  -5.849  1.00 17.00 ? 61  LEU A CG  1 
ATOM   497  C  CD1 . LEU A 1 61  ? -9.313  -7.165  -4.618  1.00 20.33 ? 61  LEU A CD1 1 
ATOM   498  C  CD2 . LEU A 1 61  ? -9.363  -9.567  -5.343  1.00 17.48 ? 61  LEU A CD2 1 
ATOM   499  N  N   . LYS A 1 62  ? -10.193 -5.657  -8.742  1.00 13.27 ? 62  LYS A N   1 
ATOM   500  C  CA  . LYS A 1 62  ? -9.364  -4.761  -9.559  1.00 14.43 ? 62  LYS A CA  1 
ATOM   501  C  C   . LYS A 1 62  ? -9.683  -3.268  -9.310  1.00 14.37 ? 62  LYS A C   1 
ATOM   502  O  O   . LYS A 1 62  ? -8.777  -2.450  -9.262  1.00 14.69 ? 62  LYS A O   1 
ATOM   503  C  CB  . LYS A 1 62  ? -9.558  -5.144  -11.039 1.00 16.62 ? 62  LYS A CB  1 
ATOM   504  C  CG  . LYS A 1 62  ? -8.767  -4.365  -12.084 1.00 18.77 ? 62  LYS A CG  1 
ATOM   505  C  CD  . LYS A 1 62  ? -8.880  -5.185  -13.362 1.00 20.47 ? 62  LYS A CD  1 
ATOM   506  C  CE  . LYS A 1 62  ? -8.019  -4.650  -14.439 1.00 21.66 ? 62  LYS A CE  1 
ATOM   507  N  NZ  . LYS A 1 62  ? -8.446  -5.137  -15.795 1.00 23.37 ? 62  LYS A NZ  1 
ATOM   508  N  N   . LYS A 1 63  ? -10.964 -2.897  -9.242  1.00 14.47 ? 63  LYS A N   1 
ATOM   509  C  CA  . LYS A 1 63  ? -11.379 -1.492  -9.011  1.00 16.33 ? 63  LYS A CA  1 
ATOM   510  C  C   . LYS A 1 63  ? -10.813 -0.961  -7.688  1.00 16.84 ? 63  LYS A C   1 
ATOM   511  O  O   . LYS A 1 63  ? -10.454 0.193   -7.577  1.00 14.72 ? 63  LYS A O   1 
ATOM   512  C  CB  . LYS A 1 63  ? -12.928 -1.377  -8.924  1.00 17.84 ? 63  LYS A CB  1 
ATOM   513  C  CG  . LYS A 1 63  ? -13.594 -0.683  -10.061 1.00 21.27 ? 63  LYS A CG  1 
ATOM   514  C  CD  . LYS A 1 63  ? -15.097 -0.984  -10.115 1.00 22.50 ? 63  LYS A CD  1 
ATOM   515  C  CE  . LYS A 1 63  ? -15.889 0.033   -9.286  1.00 23.52 ? 63  LYS A CE  1 
ATOM   516  N  NZ  . LYS A 1 63  ? -17.390 -0.241  -9.364  1.00 23.47 ? 63  LYS A NZ  1 
ATOM   517  N  N   . HIS A 1 64  ? -10.847 -1.793  -6.654  1.00 16.46 ? 64  HIS A N   1 
ATOM   518  C  CA  . HIS A 1 64  ? -10.433 -1.340  -5.354  1.00 17.71 ? 64  HIS A CA  1 
ATOM   519  C  C   . HIS A 1 64  ? -8.886  -1.305  -5.206  1.00 17.13 ? 64  HIS A C   1 
ATOM   520  O  O   . HIS A 1 64  ? -8.366  -0.366  -4.593  1.00 15.72 ? 64  HIS A O   1 
ATOM   521  C  CB  A HIS A 1 64  ? -11.134 -2.186  -4.290  0.68 18.37 ? 64  HIS A CB  1 
ATOM   522  C  CB  B HIS A 1 64  ? -10.969 -2.214  -4.231  0.26 17.51 ? 64  HIS A CB  1 
ATOM   523  C  CG  A HIS A 1 64  ? -12.617 -1.890  -4.164  0.68 20.36 ? 64  HIS A CG  1 
ATOM   524  C  CG  B HIS A 1 64  ? -10.813 -1.577  -2.893  0.26 17.76 ? 64  HIS A CG  1 
ATOM   525  N  ND1 A HIS A 1 64  ? -13.538 -2.223  -5.135  0.68 19.64 ? 64  HIS A ND1 1 
ATOM   526  N  ND1 B HIS A 1 64  ? -11.585 -0.506  -2.490  0.26 18.23 ? 64  HIS A ND1 1 
ATOM   527  C  CD2 A HIS A 1 64  ? -13.334 -1.249  -3.193  0.68 21.30 ? 64  HIS A CD2 1 
ATOM   528  C  CD2 B HIS A 1 64  ? -9.997  -1.866  -1.847  0.26 18.28 ? 64  HIS A CD2 1 
ATOM   529  C  CE1 A HIS A 1 64  ? -14.741 -1.759  -4.710  0.68 20.37 ? 64  HIS A CE1 1 
ATOM   530  C  CE1 B HIS A 1 64  ? -11.199 -0.216  -1.227  0.26 17.89 ? 64  HIS A CE1 1 
ATOM   531  N  NE2 A HIS A 1 64  ? -14.619 -1.175  -3.532  0.68 22.68 ? 64  HIS A NE2 1 
ATOM   532  N  NE2 B HIS A 1 64  ? -10.247 -1.041  -0.836  0.26 17.62 ? 64  HIS A NE2 1 
ATOM   533  N  N   . GLY A 1 65  ? -8.199  -2.126  -6.023  1.00 14.85 ? 65  GLY A N   1 
ATOM   534  C  CA  . GLY A 1 65  ? -6.788  -1.966  -6.282  1.00 14.79 ? 65  GLY A CA  1 
ATOM   535  C  C   . GLY A 1 65  ? -6.377  -0.575  -6.775  1.00 15.07 ? 65  GLY A C   1 
ATOM   536  O  O   . GLY A 1 65  ? -5.344  0.016   -6.343  1.00 14.66 ? 65  GLY A O   1 
ATOM   537  N  N   . VAL A 1 66  ? -7.089  -0.079  -7.777  1.00 14.93 ? 66  VAL A N   1 
ATOM   538  C  CA  . VAL A 1 66  ? -6.854  1.296   -8.272  1.00 13.99 ? 66  VAL A CA  1 
ATOM   539  C  C   . VAL A 1 66  ? -7.100  2.346   -7.164  1.00 14.89 ? 66  VAL A C   1 
ATOM   540  O  O   . VAL A 1 66  ? -6.293  3.264   -6.967  1.00 14.05 ? 66  VAL A O   1 
ATOM   541  C  CB  . VAL A 1 66  ? -7.764  1.576   -9.454  1.00 13.51 ? 66  VAL A CB  1 
ATOM   542  C  CG1 . VAL A 1 66  ? -7.704  3.031   -9.851  1.00 12.33 ? 66  VAL A CG1 1 
ATOM   543  C  CG2 . VAL A 1 66  ? -7.371  0.612   -10.583 1.00 15.13 ? 66  VAL A CG2 1 
ATOM   544  N  N   . THR A 1 67  ? -8.150  2.139   -6.379  1.00 15.13 ? 67  THR A N   1 
ATOM   545  C  CA  . THR A 1 67  ? -8.466  3.041   -5.276  1.00 17.22 ? 67  THR A CA  1 
ATOM   546  C  C   . THR A 1 67  ? -7.294  3.194   -4.334  1.00 16.62 ? 67  THR A C   1 
ATOM   547  O  O   . THR A 1 67  ? -6.882  4.320   -4.031  1.00 16.24 ? 67  THR A O   1 
ATOM   548  C  CB  . THR A 1 67  ? -9.718  2.556   -4.474  1.00 17.88 ? 67  THR A CB  1 
ATOM   549  O  OG1 . THR A 1 67  ? -10.888 2.792   -5.269  1.00 17.58 ? 67  THR A OG1 1 
ATOM   550  C  CG2 . THR A 1 67  ? -9.865  3.340   -3.125  1.00 20.88 ? 67  THR A CG2 1 
ATOM   551  N  N   . VAL A 1 68  ? -6.795  2.060   -3.840  1.00 15.34 ? 68  VAL A N   1 
ATOM   552  C  CA  . VAL A 1 68  ? -5.664  2.046   -2.913  1.00 15.70 ? 68  VAL A CA  1 
ATOM   553  C  C   . VAL A 1 68  ? -4.391  2.648   -3.456  1.00 13.42 ? 68  VAL A C   1 
ATOM   554  O  O   . VAL A 1 68  ? -3.751  3.430   -2.778  1.00 11.24 ? 68  VAL A O   1 
ATOM   555  C  CB  . VAL A 1 68  ? -5.378  0.611   -2.446  1.00 16.86 ? 68  VAL A CB  1 
ATOM   556  C  CG1 . VAL A 1 68  ? -4.226  0.601   -1.403  1.00 18.82 ? 68  VAL A CG1 1 
ATOM   557  C  CG2 . VAL A 1 68  ? -6.631  0.083   -1.876  1.00 18.51 ? 68  VAL A CG2 1 
ATOM   558  N  N   . LEU A 1 69  ? -4.000  2.240   -4.665  1.00 13.69 ? 69  LEU A N   1 
ATOM   559  C  CA  . LEU A 1 69  ? -2.795  2.774   -5.284  1.00 14.09 ? 69  LEU A CA  1 
ATOM   560  C  C   . LEU A 1 69  ? -2.870  4.255   -5.620  1.00 14.13 ? 69  LEU A C   1 
ATOM   561  O  O   . LEU A 1 69  ? -1.857  4.950   -5.561  1.00 15.94 ? 69  LEU A O   1 
ATOM   562  C  CB  . LEU A 1 69  ? -2.378  1.970   -6.529  1.00 12.26 ? 69  LEU A CB  1 
ATOM   563  C  CG  . LEU A 1 69  ? -1.895  0.556   -6.141  1.00 14.20 ? 69  LEU A CG  1 
ATOM   564  C  CD1 . LEU A 1 69  ? -1.072  -0.008  -7.308  1.00 16.46 ? 69  LEU A CD1 1 
ATOM   565  C  CD2 . LEU A 1 69  ? -1.082  0.517   -4.853  1.00 14.25 ? 69  LEU A CD2 1 
ATOM   566  N  N   . THR A 1 70  ? -4.052  4.753   -5.929  1.00 14.57 ? 70  THR A N   1 
ATOM   567  C  CA  . THR A 1 70  ? -4.214  6.178   -6.262  1.00 16.53 ? 70  THR A CA  1 
ATOM   568  C  C   . THR A 1 70  ? -4.059  7.070   -5.026  1.00 16.38 ? 70  THR A C   1 
ATOM   569  O  O   . THR A 1 70  ? -3.395  8.115   -5.089  1.00 15.49 ? 70  THR A O   1 
ATOM   570  C  CB  . THR A 1 70  ? -5.585  6.414   -6.852  1.00 17.74 ? 70  THR A CB  1 
ATOM   571  O  OG1 . THR A 1 70  ? -5.621  5.797   -8.148  1.00 20.66 ? 70  THR A OG1 1 
ATOM   572  C  CG2 . THR A 1 70  ? -5.859  7.915   -6.973  1.00 19.96 ? 70  THR A CG2 1 
ATOM   573  N  N   . ALA A 1 71  ? -4.557  6.571   -3.893  1.00 14.88 ? 71  ALA A N   1 
ATOM   574  C  CA  . ALA A 1 71  ? -4.403  7.254   -2.589  1.00 14.83 ? 71  ALA A CA  1 
ATOM   575  C  C   . ALA A 1 71  ? -2.946  7.220   -2.164  1.00 14.63 ? 71  ALA A C   1 
ATOM   576  O  O   . ALA A 1 71  ? -2.441  8.215   -1.615  1.00 15.21 ? 71  ALA A O   1 
ATOM   577  C  CB  . ALA A 1 71  ? -5.252  6.563   -1.517  1.00 11.74 ? 71  ALA A CB  1 
ATOM   578  N  N   . LEU A 1 72  ? -2.308  6.051   -2.291  1.00 14.06 ? 72  LEU A N   1 
ATOM   579  C  CA  . LEU A 1 72  ? -0.911  5.930   -1.893  1.00 12.94 ? 72  LEU A CA  1 
ATOM   580  C  C   . LEU A 1 72  ? -0.057  6.860   -2.775  1.00 11.72 ? 72  LEU A C   1 
ATOM   581  O  O   . LEU A 1 72  ? 0.801   7.605   -2.284  1.00 13.01 ? 72  LEU A O   1 
ATOM   582  C  CB  . LEU A 1 72  ? -0.439  4.449   -1.980  1.00 13.57 ? 72  LEU A CB  1 
ATOM   583  C  CG  . LEU A 1 72  ? 1.044   4.240   -1.567  1.00 14.46 ? 72  LEU A CG  1 
ATOM   584  C  CD1 . LEU A 1 72  ? 1.198   4.563   -0.061  1.00 16.39 ? 72  LEU A CD1 1 
ATOM   585  C  CD2 . LEU A 1 72  ? 1.525   2.789   -1.805  1.00 16.32 ? 72  LEU A CD2 1 
ATOM   586  N  N   . GLY A 1 73  ? -0.310  6.845   -4.075  1.00 11.67 ? 73  GLY A N   1 
ATOM   587  C  CA  . GLY A 1 73  ? 0.395   7.734   -4.993  1.00 11.39 ? 73  GLY A CA  1 
ATOM   588  C  C   . GLY A 1 73  ? 0.287   9.192   -4.602  1.00 13.84 ? 73  GLY A C   1 
ATOM   589  O  O   . GLY A 1 73  ? 1.305   9.918   -4.580  1.00 14.66 ? 73  GLY A O   1 
ATOM   590  N  N   . ALA A 1 74  ? -0.913  9.645   -4.225  1.00 13.29 ? 74  ALA A N   1 
ATOM   591  C  CA  . ALA A 1 74  ? -1.082  11.047  -3.798  1.00 13.89 ? 74  ALA A CA  1 
ATOM   592  C  C   . ALA A 1 74  ? -0.230  11.364  -2.569  1.00 14.01 ? 74  ALA A C   1 
ATOM   593  O  O   . ALA A 1 74  ? 0.259   12.470  -2.407  1.00 15.55 ? 74  ALA A O   1 
ATOM   594  C  CB  . ALA A 1 74  ? -2.569  11.325  -3.508  1.00 14.88 ? 74  ALA A CB  1 
ATOM   595  N  N   . ILE A 1 75  ? -0.017  10.389  -1.710  1.00 12.84 ? 75  ILE A N   1 
ATOM   596  C  CA  . ILE A 1 75  ? 0.786   10.615  -0.512  1.00 14.38 ? 75  ILE A CA  1 
ATOM   597  C  C   . ILE A 1 75  ? 2.281   10.663  -0.871  1.00 14.21 ? 75  ILE A C   1 
ATOM   598  O  O   . ILE A 1 75  ? 3.013   11.576  -0.458  1.00 13.79 ? 75  ILE A O   1 
ATOM   599  C  CB  . ILE A 1 75  ? 0.513   9.483   0.568   1.00 14.38 ? 75  ILE A CB  1 
ATOM   600  C  CG1 . ILE A 1 75  ? -0.894  9.616   1.150   1.00 13.93 ? 75  ILE A CG1 1 
ATOM   601  C  CG2 . ILE A 1 75  ? 1.557   9.516   1.659   1.00 14.50 ? 75  ILE A CG2 1 
ATOM   602  C  CD1 . ILE A 1 75  ? -1.398  8.280   1.780   1.00 16.80 ? 75  ILE A CD1 1 
ATOM   603  N  N   . LEU A 1 76  ? 2.735   9.688   -1.647  1.00 13.71 ? 76  LEU A N   1 
ATOM   604  C  CA  . LEU A 1 76  ? 4.155   9.623   -2.005  1.00 15.21 ? 76  LEU A CA  1 
ATOM   605  C  C   . LEU A 1 76  ? 4.653   10.916  -2.676  1.00 15.87 ? 76  LEU A C   1 
ATOM   606  O  O   . LEU A 1 76  ? 5.745   11.430  -2.380  1.00 15.92 ? 76  LEU A O   1 
ATOM   607  C  CB  . LEU A 1 76  ? 4.398   8.437   -2.936  1.00 14.41 ? 76  LEU A CB  1 
ATOM   608  C  CG  . LEU A 1 76  ? 4.270   7.021   -2.317  1.00 14.90 ? 76  LEU A CG  1 
ATOM   609  C  CD1 . LEU A 1 76  ? 4.672   5.988   -3.398  1.00 15.83 ? 76  LEU A CD1 1 
ATOM   610  C  CD2 . LEU A 1 76  ? 5.130   6.868   -1.027  1.00 13.77 ? 76  LEU A CD2 1 
ATOM   611  N  N   . LYS A 1 77  ? 3.803   11.494  -3.507  1.00 15.56 ? 77  LYS A N   1 
ATOM   612  C  CA  . LYS A 1 77  ? 4.190   12.671  -4.268  1.00 15.87 ? 77  LYS A CA  1 
ATOM   613  C  C   . LYS A 1 77  ? 4.203   13.935  -3.404  1.00 16.89 ? 77  LYS A C   1 
ATOM   614  O  O   . LYS A 1 77  ? 4.716   14.944  -3.851  1.00 16.92 ? 77  LYS A O   1 
ATOM   615  C  CB  . LYS A 1 77  ? 3.250   12.862  -5.441  1.00 16.27 ? 77  LYS A CB  1 
ATOM   616  C  CG  . LYS A 1 77  ? 3.522   11.951  -6.583  1.00 15.23 ? 77  LYS A CG  1 
ATOM   617  C  CD  . LYS A 1 77  ? 2.337   12.073  -7.516  1.00 18.37 ? 77  LYS A CD  1 
ATOM   618  C  CE  . LYS A 1 77  ? 2.208   10.840  -8.472  1.00 18.16 ? 77  LYS A CE  1 
ATOM   619  N  NZ  . LYS A 1 77  ? 1.251   11.068  -9.621  1.00 19.94 ? 77  LYS A NZ  1 
ATOM   620  N  N   . LYS A 1 78  ? 3.733   13.847  -2.157  1.00 16.01 ? 78  LYS A N   1 
ATOM   621  C  CA  . LYS A 1 78  ? 3.850   14.963  -1.208  1.00 15.75 ? 78  LYS A CA  1 
ATOM   622  C  C   . LYS A 1 78  ? 5.222   14.987  -0.583  1.00 15.62 ? 78  LYS A C   1 
ATOM   623  O  O   . LYS A 1 78  ? 5.549   15.911  0.176   1.00 16.28 ? 78  LYS A O   1 
ATOM   624  C  CB  . LYS A 1 78  ? 2.829   14.830  -0.103  1.00 18.28 ? 78  LYS A CB  1 
ATOM   625  C  CG  . LYS A 1 78  ? 1.421   15.031  -0.541  1.00 21.25 ? 78  LYS A CG  1 
ATOM   626  C  CD  . LYS A 1 78  ? 1.276   16.433  -0.980  1.00 25.18 ? 78  LYS A CD  1 
ATOM   627  C  CE  . LYS A 1 78  ? -0.061  16.576  -1.611  1.00 29.80 ? 78  LYS A CE  1 
ATOM   628  N  NZ  . LYS A 1 78  ? -0.498  17.982  -1.457  1.00 35.00 ? 78  LYS A NZ  1 
ATOM   629  N  N   . LYS A 1 79  ? 6.003   13.947  -0.860  1.00 15.15 ? 79  LYS A N   1 
ATOM   630  C  CA  . LYS A 1 79  ? 7.345   13.775  -0.275  1.00 16.00 ? 79  LYS A CA  1 
ATOM   631  C  C   . LYS A 1 79  ? 7.360   14.108  1.212   1.00 17.30 ? 79  LYS A C   1 
ATOM   632  O  O   . LYS A 1 79  ? 8.134   14.989  1.649   1.00 16.99 ? 79  LYS A O   1 
ATOM   633  C  CB  . LYS A 1 79  ? 8.389   14.630  -1.018  1.00 15.50 ? 79  LYS A CB  1 
ATOM   634  C  CG  . LYS A 1 79  ? 8.483   14.262  -2.516  1.00 15.46 ? 79  LYS A CG  1 
ATOM   635  C  CD  . LYS A 1 79  ? 9.061   15.411  -3.381  1.00 17.50 ? 79  LYS A CD  1 
ATOM   636  C  CE  . LYS A 1 79  ? 10.563  15.608  -3.141  1.00 17.44 ? 79  LYS A CE  1 
ATOM   637  N  NZ  . LYS A 1 79  ? 11.055  16.758  -3.959  1.00 14.86 ? 79  LYS A NZ  1 
ATOM   638  N  N   . GLY A 1 80  ? 6.521   13.407  1.980   1.00 16.79 ? 80  GLY A N   1 
ATOM   639  C  CA  . GLY A 1 80  ? 6.578   13.544  3.420   1.00 18.20 ? 80  GLY A CA  1 
ATOM   640  C  C   . GLY A 1 80  ? 5.684   14.653  3.961   1.00 19.77 ? 80  GLY A C   1 
ATOM   641  O  O   . GLY A 1 80  ? 5.261   14.578  5.097   1.00 20.57 ? 80  GLY A O   1 
ATOM   642  N  N   . HIS A 1 81  ? 5.229   15.573  3.120   1.00 19.36 ? 81  HIS A N   1 
ATOM   643  C  CA  . HIS A 1 81  ? 4.352   16.620  3.600   1.00 20.80 ? 81  HIS A CA  1 
ATOM   644  C  C   . HIS A 1 81  ? 2.905   16.205  3.418   1.00 19.64 ? 81  HIS A C   1 
ATOM   645  O  O   . HIS A 1 81  ? 2.161   16.852  2.685   1.00 18.94 ? 81  HIS A O   1 
ATOM   646  C  CB  . HIS A 1 81  ? 4.624   17.912  2.830   1.00 23.90 ? 81  HIS A CB  1 
ATOM   647  C  CG  . HIS A 1 81  ? 6.046   18.368  2.921   1.00 28.89 ? 81  HIS A CG  1 
ATOM   648  N  ND1 . HIS A 1 81  ? 7.037   17.885  2.088   1.00 31.27 ? 81  HIS A ND1 1 
ATOM   649  C  CD2 . HIS A 1 81  ? 6.682   19.131  3.845   1.00 30.15 ? 81  HIS A CD2 1 
ATOM   650  C  CE1 . HIS A 1 81  ? 8.217   18.385  2.561   1.00 31.39 ? 81  HIS A CE1 1 
ATOM   651  N  NE2 . HIS A 1 81  ? 7.992   19.135  3.622   1.00 31.95 ? 81  HIS A NE2 1 
ATOM   652  N  N   . HIS A 1 82  ? 2.504   15.113  4.059   1.00 18.87 ? 82  HIS A N   1 
ATOM   653  C  CA  . HIS A 1 82  ? 1.290   14.415  3.634   1.00 18.49 ? 82  HIS A CA  1 
ATOM   654  C  C   . HIS A 1 82  ? 0.166   14.452  4.670   1.00 20.29 ? 82  HIS A C   1 
ATOM   655  O  O   . HIS A 1 82  ? -0.707  13.544  4.707   1.00 19.47 ? 82  HIS A O   1 
ATOM   656  C  CB  . HIS A 1 82  ? 1.647   12.955  3.288   1.00 17.91 ? 82  HIS A CB  1 
ATOM   657  C  CG  . HIS A 1 82  ? 2.437   12.251  4.354   1.00 16.95 ? 82  HIS A CG  1 
ATOM   658  N  ND1 . HIS A 1 82  ? 3.565   11.504  4.080   1.00 16.01 ? 82  HIS A ND1 1 
ATOM   659  C  CD2 . HIS A 1 82  ? 2.285   12.212  5.703   1.00 14.68 ? 82  HIS A CD2 1 
ATOM   660  C  CE1 . HIS A 1 82  ? 4.031   11.059  5.272   1.00 15.79 ? 82  HIS A CE1 1 
ATOM   661  N  NE2 . HIS A 1 82  ? 3.257   11.493  6.240   1.00 17.21 ? 82  HIS A NE2 1 
ATOM   662  N  N   . GLU A 1 83  ? 0.166   15.505  5.488   1.00 20.71 ? 83  GLU A N   1 
ATOM   663  C  CA  . GLU A 1 83  ? -0.732  15.618  6.633   1.00 23.30 ? 83  GLU A CA  1 
ATOM   664  C  C   . GLU A 1 83  ? -2.209  15.527  6.208   1.00 23.38 ? 83  GLU A C   1 
ATOM   665  O  O   . GLU A 1 83  ? -2.960  14.692  6.718   1.00 23.90 ? 83  GLU A O   1 
ATOM   666  C  CB  . GLU A 1 83  ? -0.527  16.975  7.338   1.00 25.35 ? 83  GLU A CB  1 
ATOM   667  C  CG  . GLU A 1 83  ? 0.802   17.142  8.019   1.00 30.22 ? 83  GLU A CG  1 
ATOM   668  C  CD  . GLU A 1 83  ? 1.957   17.537  7.078   1.00 32.07 ? 83  GLU A CD  1 
ATOM   669  O  OE1 . GLU A 1 83  ? 1.741   18.281  6.078   1.00 33.43 ? 83  GLU A OE1 1 
ATOM   670  O  OE2 . GLU A 1 83  ? 3.090   17.067  7.360   1.00 34.72 ? 83  GLU A OE2 1 
ATOM   671  N  N   . ALA A 1 84  ? -2.604  16.375  5.265   1.00 22.70 ? 84  ALA A N   1 
ATOM   672  C  CA  . ALA A 1 84  ? -3.989  16.435  4.817   1.00 23.89 ? 84  ALA A CA  1 
ATOM   673  C  C   . ALA A 1 84  ? -4.484  15.112  4.207   1.00 23.61 ? 84  ALA A C   1 
ATOM   674  O  O   . ALA A 1 84  ? -5.671  14.798  4.287   1.00 22.90 ? 84  ALA A O   1 
ATOM   675  C  CB  . ALA A 1 84  ? -4.169  17.568  3.799   1.00 23.74 ? 84  ALA A CB  1 
ATOM   676  N  N   . GLU A 1 85  ? -3.589  14.377  3.547   1.00 23.32 ? 85  GLU A N   1 
ATOM   677  C  CA  . GLU A 1 85  ? -3.985  13.164  2.820   1.00 24.29 ? 85  GLU A CA  1 
ATOM   678  C  C   . GLU A 1 85  ? -4.049  11.988  3.804   1.00 24.89 ? 85  GLU A C   1 
ATOM   679  O  O   . GLU A 1 85  ? -4.946  11.138  3.724   1.00 25.44 ? 85  GLU A O   1 
ATOM   680  C  CB  . GLU A 1 85  ? -2.988  12.838  1.710   1.00 23.98 ? 85  GLU A CB  1 
ATOM   681  C  CG  . GLU A 1 85  ? -2.980  13.795  0.490   1.00 27.63 ? 85  GLU A CG  1 
ATOM   682  C  CD  . GLU A 1 85  ? -2.366  15.199  0.761   1.00 29.72 ? 85  GLU A CD  1 
ATOM   683  O  OE1 . GLU A 1 85  ? -1.730  15.437  1.824   1.00 29.24 ? 85  GLU A OE1 1 
ATOM   684  O  OE2 . GLU A 1 85  ? -2.547  16.090  -0.102  1.00 32.62 ? 85  GLU A OE2 1 
ATOM   685  N  N   . LEU A 1 86  ? -3.195  12.015  4.828   1.00 24.68 ? 86  LEU A N   1 
ATOM   686  C  CA  . LEU A 1 86  ? -3.039  10.865  5.688   1.00 23.80 ? 86  LEU A CA  1 
ATOM   687  C  C   . LEU A 1 86  ? -4.118  10.811  6.734   1.00 23.46 ? 86  LEU A C   1 
ATOM   688  O  O   . LEU A 1 86  ? -4.658  9.747   7.019   1.00 20.90 ? 86  LEU A O   1 
ATOM   689  C  CB  . LEU A 1 86  ? -1.671  10.894  6.351   1.00 24.70 ? 86  LEU A CB  1 
ATOM   690  C  CG  . LEU A 1 86  ? -1.170  9.638   7.047   1.00 25.68 ? 86  LEU A CG  1 
ATOM   691  C  CD1 . LEU A 1 86  ? 0.326   9.479   6.742   1.00 25.28 ? 86  LEU A CD1 1 
ATOM   692  C  CD2 . LEU A 1 86  ? -1.396  9.738   8.556   1.00 26.54 ? 86  LEU A CD2 1 
ATOM   693  N  N   . LYS A 1 87  ? -4.496  11.980  7.239   1.00 23.20 ? 87  LYS A N   1 
ATOM   694  C  CA  . LYS A 1 87  ? -5.429  12.051  8.344   1.00 23.95 ? 87  LYS A CA  1 
ATOM   695  C  C   . LYS A 1 87  ? -6.750  11.326  8.100   1.00 22.99 ? 87  LYS A C   1 
ATOM   696  O  O   . LYS A 1 87  ? -7.175  10.519  8.952   1.00 23.40 ? 87  LYS A O   1 
ATOM   697  C  CB  . LYS A 1 87  ? -5.681  13.512  8.731   1.00 26.23 ? 87  LYS A CB  1 
ATOM   698  C  CG  . LYS A 1 87  ? -6.724  13.713  9.821   1.00 30.20 ? 87  LYS A CG  1 
ATOM   699  C  CD  . LYS A 1 87  ? -6.306  14.867  10.705  1.00 33.59 ? 87  LYS A CD  1 
ATOM   700  C  CE  . LYS A 1 87  ? -7.483  15.466  11.449  1.00 35.44 ? 87  LYS A CE  1 
ATOM   701  N  NZ  . LYS A 1 87  ? -7.028  16.776  12.006  1.00 37.20 ? 87  LYS A NZ  1 
ATOM   702  N  N   . PRO A 1 88  ? -7.452  11.615  6.969   1.00 21.91 ? 88  PRO A N   1 
ATOM   703  C  CA  . PRO A 1 88  ? -8.744  10.952  6.731   1.00 20.82 ? 88  PRO A CA  1 
ATOM   704  C  C   . PRO A 1 88  ? -8.624  9.426   6.640   1.00 20.98 ? 88  PRO A C   1 
ATOM   705  O  O   . PRO A 1 88  ? -9.450  8.676   7.165   1.00 21.70 ? 88  PRO A O   1 
ATOM   706  C  CB  . PRO A 1 88  ? -9.212  11.547  5.407   1.00 20.42 ? 88  PRO A CB  1 
ATOM   707  C  CG  . PRO A 1 88  ? -8.527  12.797  5.286   1.00 17.72 ? 88  PRO A CG  1 
ATOM   708  C  CD  . PRO A 1 88  ? -7.198  12.659  5.954   1.00 20.88 ? 88  PRO A CD  1 
ATOM   709  N  N   . LEU A 1 89  ? -7.502  8.983   6.099   1.00 20.48 ? 89  LEU A N   1 
ATOM   710  C  CA  . LEU A 1 89  ? -7.215  7.578   5.889   1.00 20.39 ? 89  LEU A CA  1 
ATOM   711  C  C   . LEU A 1 89  ? -7.022  6.851   7.220   1.00 19.59 ? 89  LEU A C   1 
ATOM   712  O  O   . LEU A 1 89  ? -7.587  5.791   7.444   1.00 18.43 ? 89  LEU A O   1 
ATOM   713  C  CB  . LEU A 1 89  ? -5.954  7.495   5.047   1.00 23.23 ? 89  LEU A CB  1 
ATOM   714  C  CG  . LEU A 1 89  ? -5.721  6.293   4.169   1.00 26.08 ? 89  LEU A CG  1 
ATOM   715  C  CD1 . LEU A 1 89  ? -4.518  6.557   3.296   1.00 28.52 ? 89  LEU A CD1 1 
ATOM   716  C  CD2 . LEU A 1 89  ? -5.495  5.100   5.012   1.00 27.99 ? 89  LEU A CD2 1 
ATOM   717  N  N   . ALA A 1 90  ? -6.194  7.392   8.093   1.00 19.15 ? 90  ALA A N   1 
ATOM   718  C  CA  . ALA A 1 90  ? -5.999  6.775   9.410   1.00 19.64 ? 90  ALA A CA  1 
ATOM   719  C  C   . ALA A 1 90  ? -7.309  6.737   10.192  1.00 20.25 ? 90  ALA A C   1 
ATOM   720  O  O   . ALA A 1 90  ? -7.560  5.801   10.986  1.00 19.88 ? 90  ALA A O   1 
ATOM   721  C  CB  . ALA A 1 90  ? -4.944  7.564   10.222  1.00 20.18 ? 90  ALA A CB  1 
ATOM   722  N  N   . GLN A 1 91  ? -8.028  7.849   10.164  1.00 20.03 ? 91  GLN A N   1 
ATOM   723  C  CA  . GLN A 1 91  ? -9.322  7.874   10.819  1.00 23.41 ? 91  GLN A CA  1 
ATOM   724  C  C   . GLN A 1 91  ? -10.268 6.698   10.374  1.00 23.12 ? 91  GLN A C   1 
ATOM   725  O  O   . GLN A 1 91  ? -10.732 5.866   11.202  1.00 20.81 ? 91  GLN A O   1 
ATOM   726  C  CB  . GLN A 1 91  ? -9.970  9.240   10.589  1.00 27.39 ? 91  GLN A CB  1 
ATOM   727  C  CG  . GLN A 1 91  ? -9.318  10.383  11.421  1.00 33.01 ? 91  GLN A CG  1 
ATOM   728  C  CD  . GLN A 1 91  ? -9.807  11.823  11.022  1.00 36.79 ? 91  GLN A CD  1 
ATOM   729  O  OE1 . GLN A 1 91  ? -9.167  12.823  11.379  1.00 39.03 ? 91  GLN A OE1 1 
ATOM   730  N  NE2 . GLN A 1 91  ? -10.923 11.917  10.269  1.00 38.37 ? 91  GLN A NE2 1 
ATOM   731  N  N   . SER A 1 92  ? -10.458 6.553   9.062   1.00 20.70 ? 92  SER A N   1 
ATOM   732  C  CA  . SER A 1 92  ? -11.338 5.523   8.618   1.00 20.52 ? 92  SER A CA  1 
ATOM   733  C  C   . SER A 1 92  ? -10.736 4.154   8.911   1.00 19.64 ? 92  SER A C   1 
ATOM   734  O  O   . SER A 1 92  ? -11.465 3.241   9.323   1.00 20.83 ? 92  SER A O   1 
ATOM   735  C  CB  . SER A 1 92  ? -11.630 5.682   7.123   1.00 22.16 ? 92  SER A CB  1 
ATOM   736  O  OG  . SER A 1 92  ? -10.472 5.488   6.342   1.00 24.59 ? 92  SER A OG  1 
ATOM   737  N  N   . HIS A 1 93  ? -9.429  3.959   8.686   1.00 18.62 ? 93  HIS A N   1 
ATOM   738  C  CA  . HIS A 1 93  ? -8.857  2.619   8.909   1.00 17.57 ? 93  HIS A CA  1 
ATOM   739  C  C   . HIS A 1 93  ? -8.726  2.191   10.374  1.00 17.02 ? 93  HIS A C   1 
ATOM   740  O  O   . HIS A 1 93  ? -8.907  1.024   10.712  1.00 16.46 ? 93  HIS A O   1 
ATOM   741  C  CB  . HIS A 1 93  ? -7.540  2.454   8.177   1.00 17.19 ? 93  HIS A CB  1 
ATOM   742  C  CG  . HIS A 1 93  ? -7.708  2.310   6.697   1.00 17.09 ? 93  HIS A CG  1 
ATOM   743  N  ND1 . HIS A 1 93  ? -8.198  3.323   5.908   1.00 17.91 ? 93  HIS A ND1 1 
ATOM   744  C  CD2 . HIS A 1 93  ? -7.486  1.263   5.856   1.00 17.31 ? 93  HIS A CD2 1 
ATOM   745  C  CE1 . HIS A 1 93  ? -8.247  2.836   4.639   1.00 16.96 ? 93  HIS A CE1 1 
ATOM   746  N  NE2 . HIS A 1 93  ? -7.814  1.591   4.612   1.00 16.02 ? 93  HIS A NE2 1 
ATOM   747  N  N   . ALA A 1 94  ? -8.615  3.165   11.255  1.00 18.19 ? 94  ALA A N   1 
ATOM   748  C  CA  . ALA A 1 94  ? -8.584  2.879   12.673  1.00 19.95 ? 94  ALA A CA  1 
ATOM   749  C  C   . ALA A 1 94  ? -10.022 2.629   13.171  1.00 21.29 ? 94  ALA A C   1 
ATOM   750  O  O   . ALA A 1 94  ? -10.309 1.634   13.873  1.00 20.24 ? 94  ALA A O   1 
ATOM   751  C  CB  . ALA A 1 94  ? -7.949  4.066   13.435  1.00 20.01 ? 94  ALA A CB  1 
ATOM   752  N  N   . THR A 1 95  ? -10.919 3.547   12.828  1.00 22.57 ? 95  THR A N   1 
ATOM   753  C  CA  . THR A 1 95  ? -12.203 3.559   13.492  1.00 25.09 ? 95  THR A CA  1 
ATOM   754  C  C   . THR A 1 95  ? -13.314 2.834   12.751  1.00 26.01 ? 95  THR A C   1 
ATOM   755  O  O   . THR A 1 95  ? -14.130 2.157   13.378  1.00 27.16 ? 95  THR A O   1 
ATOM   756  C  CB  . THR A 1 95  ? -12.646 4.989   13.832  1.00 25.23 ? 95  THR A CB  1 
ATOM   757  O  OG1 . THR A 1 95  ? -13.168 5.630   12.662  1.00 28.20 ? 95  THR A OG1 1 
ATOM   758  C  CG2 . THR A 1 95  ? -11.439 5.797   14.405  1.00 25.78 ? 95  THR A CG2 1 
ATOM   759  N  N   . LYS A 1 96  ? -13.310 2.898   11.426  1.00 25.61 ? 96  LYS A N   1 
ATOM   760  C  CA  . LYS A 1 96  ? -14.388 2.273   10.656  1.00 26.16 ? 96  LYS A CA  1 
ATOM   761  C  C   . LYS A 1 96  ? -13.934 0.909   10.202  1.00 25.21 ? 96  LYS A C   1 
ATOM   762  O  O   . LYS A 1 96  ? -14.514 -0.087  10.578  1.00 25.93 ? 96  LYS A O   1 
ATOM   763  C  CB  . LYS A 1 96  ? -14.769 3.150   9.458   1.00 26.78 ? 96  LYS A CB  1 
ATOM   764  C  CG  . LYS A 1 96  ? -15.674 2.515   8.457   1.00 31.23 ? 96  LYS A CG  1 
ATOM   765  C  CD  . LYS A 1 96  ? -17.120 2.383   8.952   1.00 35.18 ? 96  LYS A CD  1 
ATOM   766  C  CE  . LYS A 1 96  ? -18.052 3.483   8.379   1.00 36.11 ? 96  LYS A CE  1 
ATOM   767  N  NZ  . LYS A 1 96  ? -17.734 3.873   6.966   1.00 37.77 ? 96  LYS A NZ  1 
ATOM   768  N  N   . HIS A 1 97  ? -12.789 0.823   9.550   1.00 24.24 ? 97  HIS A N   1 
ATOM   769  C  CA  . HIS A 1 97  ? -12.366 -0.477  9.035   1.00 23.41 ? 97  HIS A CA  1 
ATOM   770  C  C   . HIS A 1 97  ? -11.738 -1.424  10.067  1.00 23.99 ? 97  HIS A C   1 
ATOM   771  O  O   . HIS A 1 97  ? -11.704 -2.642  9.852   1.00 23.66 ? 97  HIS A O   1 
ATOM   772  C  CB  . HIS A 1 97  ? -11.430 -0.262  7.834   1.00 21.99 ? 97  HIS A CB  1 
ATOM   773  C  CG  . HIS A 1 97  ? -11.996 0.669   6.800   1.00 21.68 ? 97  HIS A CG  1 
ATOM   774  N  ND1 . HIS A 1 97  ? -13.316 0.614   6.394   1.00 20.64 ? 97  HIS A ND1 1 
ATOM   775  C  CD2 . HIS A 1 97  ? -11.465 1.767   6.197   1.00 19.72 ? 97  HIS A CD2 1 
ATOM   776  C  CE1 . HIS A 1 97  ? -13.508 1.694   5.590   1.00 19.81 ? 97  HIS A CE1 1 
ATOM   777  N  NE2 . HIS A 1 97  ? -12.391 2.376   5.477   1.00 19.25 ? 97  HIS A NE2 1 
ATOM   778  N  N   . LYS A 1 98  ? -11.192 -0.877  11.158  1.00 23.80 ? 98  LYS A N   1 
ATOM   779  C  CA  . LYS A 1 98  ? -10.525 -1.682  12.178  1.00 23.72 ? 98  LYS A CA  1 
ATOM   780  C  C   . LYS A 1 98  ? -9.294  -2.456  11.648  1.00 22.31 ? 98  LYS A C   1 
ATOM   781  O  O   . LYS A 1 98  ? -9.132  -3.649  11.882  1.00 21.25 ? 98  LYS A O   1 
ATOM   782  C  CB  . LYS A 1 98  ? -11.528 -2.651  12.786  1.00 26.48 ? 98  LYS A CB  1 
ATOM   783  C  CG  . LYS A 1 98  ? -12.004 -2.282  14.182  1.00 32.46 ? 98  LYS A CG  1 
ATOM   784  C  CD  . LYS A 1 98  ? -13.062 -1.202  14.162  1.00 35.68 ? 98  LYS A CD  1 
ATOM   785  C  CE  . LYS A 1 98  ? -12.581 0.010   14.930  1.00 38.86 ? 98  LYS A CE  1 
ATOM   786  N  NZ  . LYS A 1 98  ? -13.253 0.142   16.287  1.00 42.07 ? 98  LYS A NZ  1 
ATOM   787  N  N   . ILE A 1 99  ? -8.360  -1.728  11.057  1.00 20.27 ? 99  ILE A N   1 
ATOM   788  C  CA  . ILE A 1 99  ? -7.181  -2.329  10.443  1.00 19.36 ? 99  ILE A CA  1 
ATOM   789  C  C   . ILE A 1 99  ? -6.009  -2.168  11.398  1.00 19.46 ? 99  ILE A C   1 
ATOM   790  O  O   . ILE A 1 99  ? -5.432  -1.081  11.463  1.00 20.81 ? 99  ILE A O   1 
ATOM   791  C  CB  . ILE A 1 99  ? -6.802  -1.608  9.105   1.00 18.18 ? 99  ILE A CB  1 
ATOM   792  C  CG1 . ILE A 1 99  ? -8.020  -1.556  8.139   1.00 19.51 ? 99  ILE A CG1 1 
ATOM   793  C  CG2 . ILE A 1 99  ? -5.672  -2.355  8.420   1.00 15.39 ? 99  ILE A CG2 1 
ATOM   794  C  CD1 . ILE A 1 99  ? -8.814  -2.896  8.084   1.00 19.93 ? 99  ILE A CD1 1 
ATOM   795  N  N   . PRO A 1 100 ? -5.529  -3.264  12.000  1.00 19.34 ? 100 PRO A N   1 
ATOM   796  C  CA  . PRO A 1 100 ? -4.257  -3.153  12.737  1.00 19.61 ? 100 PRO A CA  1 
ATOM   797  C  C   . PRO A 1 100 ? -3.077  -2.616  11.916  1.00 20.25 ? 100 PRO A C   1 
ATOM   798  O  O   . PRO A 1 100 ? -2.963  -2.833  10.694  1.00 19.84 ? 100 PRO A O   1 
ATOM   799  C  CB  . PRO A 1 100 ? -3.980  -4.570  13.236  1.00 21.82 ? 100 PRO A CB  1 
ATOM   800  C  CG  . PRO A 1 100 ? -5.214  -5.401  12.897  1.00 20.80 ? 100 PRO A CG  1 
ATOM   801  C  CD  . PRO A 1 100 ? -6.023  -4.646  11.886  1.00 19.96 ? 100 PRO A CD  1 
ATOM   802  N  N   . ILE A 1 101 ? -2.142  -1.948  12.606  1.00 20.18 ? 101 ILE A N   1 
ATOM   803  C  CA  . ILE A 1 101 ? -0.938  -1.402  11.949  1.00 18.49 ? 101 ILE A CA  1 
ATOM   804  C  C   . ILE A 1 101 ? -0.126  -2.508  11.345  1.00 16.79 ? 101 ILE A C   1 
ATOM   805  O  O   . ILE A 1 101 ? 0.432   -2.354  10.283  1.00 16.92 ? 101 ILE A O   1 
ATOM   806  C  CB  . ILE A 1 101 ? -0.061  -0.587  12.968  1.00 19.79 ? 101 ILE A CB  1 
ATOM   807  C  CG1 . ILE A 1 101 ? -0.750  0.749   13.287  1.00 19.57 ? 101 ILE A CG1 1 
ATOM   808  C  CG2 . ILE A 1 101 ? 1.325   -0.354  12.413  1.00 21.07 ? 101 ILE A CG2 1 
ATOM   809  C  CD1 . ILE A 1 101 ? -0.851  1.660   12.086  1.00 20.29 ? 101 ILE A CD1 1 
ATOM   810  N  N   . LYS A 1 102 ? -0.201  -3.695  11.941  1.00 17.15 ? 102 LYS A N   1 
ATOM   811  C  CA  . LYS A 1 102 ? 0.583   -4.828  11.429  1.00 16.62 ? 102 LYS A CA  1 
ATOM   812  C  C   . LYS A 1 102 ? 0.239   -5.170  9.957   1.00 16.15 ? 102 LYS A C   1 
ATOM   813  O  O   . LYS A 1 102 ? 1.126   -5.593  9.182   1.00 14.54 ? 102 LYS A O   1 
ATOM   814  C  CB  . LYS A 1 102 ? 0.386   -6.074  12.326  1.00 17.64 ? 102 LYS A CB  1 
ATOM   815  C  CG  . LYS A 1 102 ? 1.256   -7.309  11.907  1.00 20.22 ? 102 LYS A CG  1 
ATOM   816  C  CD  . LYS A 1 102 ? 2.669   -7.222  12.510  1.00 21.33 ? 102 LYS A CD  1 
ATOM   817  C  CE  . LYS A 1 102 ? 3.604   -8.234  11.894  1.00 22.12 ? 102 LYS A CE  1 
ATOM   818  N  NZ  . LYS A 1 102 ? 5.004   -7.852  12.227  1.00 23.04 ? 102 LYS A NZ  1 
ATOM   819  N  N   . TYR A 1 103 ? -1.053  -5.055  9.611   1.00 15.98 ? 103 TYR A N   1 
ATOM   820  C  CA  . TYR A 1 103 ? -1.544  -5.308  8.242   1.00 14.97 ? 103 TYR A CA  1 
ATOM   821  C  C   . TYR A 1 103 ? -0.945  -4.266  7.287   1.00 15.08 ? 103 TYR A C   1 
ATOM   822  O  O   . TYR A 1 103 ? -0.730  -4.532  6.105   1.00 14.49 ? 103 TYR A O   1 
ATOM   823  C  CB  . TYR A 1 103 ? -3.075  -5.183  8.156   1.00 14.32 ? 103 TYR A CB  1 
ATOM   824  C  CG  . TYR A 1 103 ? -3.861  -6.261  8.871   1.00 15.47 ? 103 TYR A CG  1 
ATOM   825  C  CD1 . TYR A 1 103 ? -3.244  -7.160  9.716   1.00 16.27 ? 103 TYR A CD1 1 
ATOM   826  C  CD2 . TYR A 1 103 ? -5.222  -6.364  8.683   1.00 15.72 ? 103 TYR A CD2 1 
ATOM   827  C  CE1 . TYR A 1 103 ? -3.976  -8.180  10.358  1.00 19.43 ? 103 TYR A CE1 1 
ATOM   828  C  CE2 . TYR A 1 103 ? -5.979  -7.369  9.330   1.00 16.84 ? 103 TYR A CE2 1 
ATOM   829  C  CZ  . TYR A 1 103 ? -5.351  -8.271  10.143  1.00 17.85 ? 103 TYR A CZ  1 
ATOM   830  O  OH  . TYR A 1 103 ? -6.056  -9.333  10.670  1.00 21.09 ? 103 TYR A OH  1 
ATOM   831  N  N   . LEU A 1 104 ? -0.706  -3.055  7.776   1.00 15.58 ? 104 LEU A N   1 
ATOM   832  C  CA  . LEU A 1 104 ? -0.100  -2.031  6.889   1.00 15.10 ? 104 LEU A CA  1 
ATOM   833  C  C   . LEU A 1 104 ? 1.353   -2.401  6.619   1.00 15.25 ? 104 LEU A C   1 
ATOM   834  O  O   . LEU A 1 104 ? 1.837   -2.246  5.492   1.00 16.64 ? 104 LEU A O   1 
ATOM   835  C  CB  . LEU A 1 104 ? -0.193  -0.610  7.505   1.00 15.55 ? 104 LEU A CB  1 
ATOM   836  C  CG  . LEU A 1 104 ? -1.569  -0.046  7.839   1.00 17.82 ? 104 LEU A CG  1 
ATOM   837  C  CD1 . LEU A 1 104 ? -1.393  1.241   8.603   1.00 20.58 ? 104 LEU A CD1 1 
ATOM   838  C  CD2 . LEU A 1 104 ? -2.354  0.239   6.585   1.00 20.34 ? 104 LEU A CD2 1 
ATOM   839  N  N   . GLU A 1 105 ? 1.970   -3.087  7.578   1.00 14.52 ? 105 GLU A N   1 
ATOM   840  C  CA  . GLU A 1 105 ? 3.263   -3.701  7.335   1.00 15.60 ? 105 GLU A CA  1 
ATOM   841  C  C   . GLU A 1 105 ? 3.190   -4.851  6.262   1.00 15.50 ? 105 GLU A C   1 
ATOM   842  O  O   . GLU A 1 105 ? 4.017   -4.911  5.319   1.00 14.35 ? 105 GLU A O   1 
ATOM   843  C  CB  . GLU A 1 105 ? 3.848   -4.235  8.665   1.00 15.98 ? 105 GLU A CB  1 
ATOM   844  C  CG  . GLU A 1 105 ? 5.152   -4.954  8.449   1.00 17.95 ? 105 GLU A CG  1 
ATOM   845  C  CD  . GLU A 1 105 ? 5.745   -5.517  9.697   1.00 23.19 ? 105 GLU A CD  1 
ATOM   846  O  OE1 . GLU A 1 105 ? 5.055   -5.677  10.722  1.00 24.10 ? 105 GLU A OE1 1 
ATOM   847  O  OE2 . GLU A 1 105 ? 6.956   -5.752  9.677   1.00 27.05 ? 105 GLU A OE2 1 
ATOM   848  N  N   . PHE A 1 106 ? 2.168   -5.708  6.357   1.00 14.75 ? 106 PHE A N   1 
ATOM   849  C  CA  . PHE A 1 106 ? 1.952   -6.742  5.323   1.00 14.21 ? 106 PHE A CA  1 
ATOM   850  C  C   . PHE A 1 106 ? 1.773   -6.106  3.932   1.00 12.80 ? 106 PHE A C   1 
ATOM   851  O  O   . PHE A 1 106 ? 2.318   -6.612  2.944   1.00 12.89 ? 106 PHE A O   1 
ATOM   852  C  CB  . PHE A 1 106 ? 0.698   -7.621  5.629   1.00 13.76 ? 106 PHE A CB  1 
ATOM   853  C  CG  . PHE A 1 106 ? 0.788   -8.415  6.896   1.00 11.80 ? 106 PHE A CG  1 
ATOM   854  C  CD1 . PHE A 1 106 ? 2.022   -8.783  7.447   1.00 12.42 ? 106 PHE A CD1 1 
ATOM   855  C  CD2 . PHE A 1 106 ? -0.371  -8.769  7.555   1.00 13.49 ? 106 PHE A CD2 1 
ATOM   856  C  CE1 . PHE A 1 106 ? 2.077   -9.497  8.649   1.00 14.30 ? 106 PHE A CE1 1 
ATOM   857  C  CE2 . PHE A 1 106 ? -0.323  -9.454  8.761   1.00 14.22 ? 106 PHE A CE2 1 
ATOM   858  C  CZ  . PHE A 1 106 ? 0.909   -9.819  9.300   1.00 14.74 ? 106 PHE A CZ  1 
ATOM   859  N  N   . ILE A 1 107 ? 0.929   -5.089  3.825   1.00 11.43 ? 107 ILE A N   1 
ATOM   860  C  CA  . ILE A 1 107 ? 0.671   -4.578  2.509   1.00 11.96 ? 107 ILE A CA  1 
ATOM   861  C  C   . ILE A 1 107 ? 1.903   -3.847  1.962   1.00 12.68 ? 107 ILE A C   1 
ATOM   862  O  O   . ILE A 1 107 ? 2.236   -3.986  0.743   1.00 14.07 ? 107 ILE A O   1 
ATOM   863  C  CB  . ILE A 1 107 ? -0.605  -3.659  2.398   1.00 13.10 ? 107 ILE A CB  1 
ATOM   864  C  CG1 . ILE A 1 107 ? -0.953  -3.530  0.877   1.00 14.09 ? 107 ILE A CG1 1 
ATOM   865  C  CG2 . ILE A 1 107 ? -0.376  -2.239  3.045   1.00 10.08 ? 107 ILE A CG2 1 
ATOM   866  C  CD1 . ILE A 1 107 ? -2.193  -2.779  0.556   1.00 15.23 ? 107 ILE A CD1 1 
ATOM   867  N  N   . SER A 1 108 ? 2.682   -3.213  2.849   1.00 11.59 ? 108 SER A N   1 
ATOM   868  C  CA  . SER A 1 108 ? 3.994   -2.699  2.428   1.00 11.55 ? 108 SER A CA  1 
ATOM   869  C  C   . SER A 1 108 ? 4.882   -3.742  1.762   1.00 11.63 ? 108 SER A C   1 
ATOM   870  O  O   . SER A 1 108 ? 5.586   -3.445  0.782   1.00 8.82  ? 108 SER A O   1 
ATOM   871  C  CB  . SER A 1 108 ? 4.728   -2.122  3.632   1.00 12.84 ? 108 SER A CB  1 
ATOM   872  O  OG  . SER A 1 108 ? 4.007   -1.006  4.099   1.00 14.52 ? 108 SER A OG  1 
ATOM   873  N  N   . GLU A 1 109 ? 4.965   -4.921  2.372   1.00 12.97 ? 109 GLU A N   1 
ATOM   874  C  CA  . GLU A 1 109 ? 5.814   -5.991  1.859   1.00 14.42 ? 109 GLU A CA  1 
ATOM   875  C  C   . GLU A 1 109 ? 5.275   -6.521  0.538   1.00 13.47 ? 109 GLU A C   1 
ATOM   876  O  O   . GLU A 1 109 ? 6.052   -6.767  -0.363  1.00 13.02 ? 109 GLU A O   1 
ATOM   877  C  CB  . GLU A 1 109 ? 5.936   -7.155  2.860   1.00 18.94 ? 109 GLU A CB  1 
ATOM   878  C  CG  . GLU A 1 109 ? 6.722   -6.838  4.168   1.00 28.04 ? 109 GLU A CG  1 
ATOM   879  C  CD  . GLU A 1 109 ? 8.171   -6.315  3.938   1.00 34.08 ? 109 GLU A CD  1 
ATOM   880  O  OE1 . GLU A 1 109 ? 8.898   -6.868  3.046   1.00 38.41 ? 109 GLU A OE1 1 
ATOM   881  O  OE2 . GLU A 1 109 ? 8.568   -5.310  4.613   1.00 36.73 ? 109 GLU A OE2 1 
ATOM   882  N  N   . ALA A 1 110 ? 3.950   -6.490  0.352   1.00 13.37 ? 110 ALA A N   1 
ATOM   883  C  CA  . ALA A 1 110 ? 3.339   -6.917  -0.926  1.00 12.58 ? 110 ALA A CA  1 
ATOM   884  C  C   . ALA A 1 110 ? 3.712   -5.892  -2.031  1.00 12.03 ? 110 ALA A C   1 
ATOM   885  O  O   . ALA A 1 110 ? 4.002   -6.248  -3.158  1.00 12.82 ? 110 ALA A O   1 
ATOM   886  C  CB  . ALA A 1 110 ? 1.825   -7.006  -0.771  1.00 11.55 ? 110 ALA A CB  1 
ATOM   887  N  N   . ILE A 1 111 ? 3.718   -4.609  -1.676  1.00 12.13 ? 111 ILE A N   1 
ATOM   888  C  CA  . ILE A 1 111 ? 4.046   -3.560  -2.620  1.00 11.18 ? 111 ILE A CA  1 
ATOM   889  C  C   . ILE A 1 111 ? 5.491   -3.675  -3.052  1.00 13.34 ? 111 ILE A C   1 
ATOM   890  O  O   . ILE A 1 111 ? 5.790   -3.648  -4.260  1.00 15.99 ? 111 ILE A O   1 
ATOM   891  C  CB  . ILE A 1 111 ? 3.765   -2.162  -1.999  1.00 12.30 ? 111 ILE A CB  1 
ATOM   892  C  CG1 . ILE A 1 111 ? 2.277   -2.015  -1.688  1.00 11.27 ? 111 ILE A CG1 1 
ATOM   893  C  CG2 . ILE A 1 111 ? 4.240   -1.008  -2.951  1.00 11.27 ? 111 ILE A CG2 1 
ATOM   894  C  CD1 . ILE A 1 111 ? 1.945   -0.635  -1.090  1.00 12.70 ? 111 ILE A CD1 1 
ATOM   895  N  N   . ILE A 1 112 ? 6.390   -3.927  -2.118  1.00 13.78 ? 112 ILE A N   1 
ATOM   896  C  CA  . ILE A 1 112 ? 7.798   -4.083  -2.473  1.00 15.72 ? 112 ILE A CA  1 
ATOM   897  C  C   . ILE A 1 112 ? 8.100   -5.339  -3.334  1.00 16.81 ? 112 ILE A C   1 
ATOM   898  O  O   . ILE A 1 112 ? 8.803   -5.231  -4.355  1.00 16.16 ? 112 ILE A O   1 
ATOM   899  C  CB  . ILE A 1 112 ? 8.683   -4.054  -1.201  1.00 16.07 ? 112 ILE A CB  1 
ATOM   900  C  CG1 . ILE A 1 112 ? 8.784   -2.605  -0.734  1.00 16.85 ? 112 ILE A CG1 1 
ATOM   901  C  CG2 . ILE A 1 112 ? 10.090  -4.562  -1.488  1.00 16.50 ? 112 ILE A CG2 1 
ATOM   902  C  CD1 . ILE A 1 112 ? 9.230   -2.460  0.684   1.00 17.50 ? 112 ILE A CD1 1 
ATOM   903  N  N   . HIS A 1 113 ? 7.426   -6.442  -3.028  1.00 16.90 ? 113 HIS A N   1 
ATOM   904  C  CA  . HIS A 1 113 ? 7.520   -7.650  -3.843  1.00 18.93 ? 113 HIS A CA  1 
ATOM   905  C  C   . HIS A 1 113 ? 7.061   -7.404  -5.312  1.00 18.38 ? 113 HIS A C   1 
ATOM   906  O  O   . HIS A 1 113 ? 7.785   -7.696  -6.293  1.00 18.43 ? 113 HIS A O   1 
ATOM   907  C  CB  . HIS A 1 113 ? 6.670   -8.748  -3.187  1.00 21.95 ? 113 HIS A CB  1 
ATOM   908  C  CG  . HIS A 1 113 ? 6.872   -10.107 -3.777  1.00 26.80 ? 113 HIS A CG  1 
ATOM   909  N  ND1 . HIS A 1 113 ? 7.994   -10.863 -3.529  1.00 29.02 ? 113 HIS A ND1 1 
ATOM   910  C  CD2 . HIS A 1 113 ? 6.202   -10.765 -4.757  1.00 29.02 ? 113 HIS A CD2 1 
ATOM   911  C  CE1 . HIS A 1 113 ? 7.952   -11.915 -4.404  1.00 30.53 ? 113 HIS A CE1 1 
ATOM   912  N  NE2 . HIS A 1 113 ? 6.863   -11.848 -5.144  1.00 31.09 ? 113 HIS A NE2 1 
ATOM   913  N  N   . VAL A 1 114 ? 5.960   -6.695  -5.475  1.00 15.99 ? 114 VAL A N   1 
ATOM   914  C  CA  . VAL A 1 114 ? 5.413   -6.552  -6.805  1.00 15.89 ? 114 VAL A CA  1 
ATOM   915  C  C   . VAL A 1 114 ? 6.239   -5.561  -7.609  1.00 16.86 ? 114 VAL A C   1 
ATOM   916  O  O   . VAL A 1 114 ? 6.526   -5.802  -8.809  1.00 14.89 ? 114 VAL A O   1 
ATOM   917  C  CB  . VAL A 1 114 ? 3.874   -6.179  -6.743  1.00 15.26 ? 114 VAL A CB  1 
ATOM   918  C  CG1 . VAL A 1 114 ? 3.327   -5.693  -8.138  1.00 13.28 ? 114 VAL A CG1 1 
ATOM   919  C  CG2 . VAL A 1 114 ? 3.084   -7.440  -6.245  1.00 12.64 ? 114 VAL A CG2 1 
ATOM   920  N  N   . LEU A 1 115 ? 6.706   -4.483  -6.961  1.00 17.19 ? 115 LEU A N   1 
ATOM   921  C  CA  . LEU A 1 115 ? 7.584   -3.526  -7.675  1.00 18.55 ? 115 LEU A CA  1 
ATOM   922  C  C   . LEU A 1 115 ? 8.867   -4.218  -8.109  1.00 18.51 ? 115 LEU A C   1 
ATOM   923  O  O   . LEU A 1 115 ? 9.417   -3.886  -9.163  1.00 19.01 ? 115 LEU A O   1 
ATOM   924  C  CB  . LEU A 1 115 ? 7.949   -2.313  -6.812  1.00 18.70 ? 115 LEU A CB  1 
ATOM   925  C  CG  . LEU A 1 115 ? 6.788   -1.425  -6.371  1.00 20.53 ? 115 LEU A CG  1 
ATOM   926  C  CD1 . LEU A 1 115 ? 7.299   -0.079  -5.783  1.00 18.80 ? 115 LEU A CD1 1 
ATOM   927  C  CD2 . LEU A 1 115 ? 5.899   -1.229  -7.518  1.00 17.92 ? 115 LEU A CD2 1 
ATOM   928  N  N   . HIS A 1 116 ? 9.374   -5.127  -7.289  1.00 19.55 ? 116 HIS A N   1 
ATOM   929  C  CA  . HIS A 1 116 ? 10.593  -5.841  -7.681  1.00 23.28 ? 116 HIS A CA  1 
ATOM   930  C  C   . HIS A 1 116 ? 10.317  -6.807  -8.867  1.00 23.64 ? 116 HIS A C   1 
ATOM   931  O  O   . HIS A 1 116 ? 11.052  -6.758  -9.841  1.00 24.02 ? 116 HIS A O   1 
ATOM   932  C  CB  . HIS A 1 116 ? 11.212  -6.584  -6.494  1.00 24.48 ? 116 HIS A CB  1 
ATOM   933  C  CG  . HIS A 1 116 ? 12.518  -7.257  -6.815  1.00 29.18 ? 116 HIS A CG  1 
ATOM   934  N  ND1 . HIS A 1 116 ? 13.689  -6.561  -7.019  1.00 30.80 ? 116 HIS A ND1 1 
ATOM   935  C  CD2 . HIS A 1 116 ? 12.819  -8.559  -7.092  1.00 31.27 ? 116 HIS A CD2 1 
ATOM   936  C  CE1 . HIS A 1 116 ? 14.632  -7.468  -7.404  1.00 30.17 ? 116 HIS A CE1 1 
ATOM   937  N  NE2 . HIS A 1 116 ? 14.099  -8.676  -7.442  1.00 31.92 ? 116 HIS A NE2 1 
ATOM   938  N  N   . SER A 1 117 ? 9.129   -7.445  -8.901  1.00 23.83 ? 117 SER A N   1 
ATOM   939  C  CA  . SER A 1 117 ? 8.748   -8.330  -10.012 1.00 23.79 ? 117 SER A CA  1 
ATOM   940  C  C   . SER A 1 117 ? 8.574   -7.593  -11.343 1.00 23.47 ? 117 SER A C   1 
ATOM   941  O  O   . SER A 1 117 ? 8.967   -8.088  -12.407 1.00 23.30 ? 117 SER A O   1 
ATOM   942  C  CB  . SER A 1 117 ? 7.453   -9.029  -9.708  1.00 24.31 ? 117 SER A CB  1 
ATOM   943  O  OG  . SER A 1 117 ? 7.614   -9.814  -8.550  1.00 28.95 ? 117 SER A OG  1 
ATOM   944  N  N   . ARG A 1 118 ? 7.902   -6.455  -11.280 1.00 21.13 ? 118 ARG A N   1 
ATOM   945  C  CA  . ARG A 1 118 ? 7.514   -5.752  -12.449 1.00 21.76 ? 118 ARG A CA  1 
ATOM   946  C  C   . ARG A 1 118 ? 8.544   -4.746  -12.985 1.00 21.79 ? 118 ARG A C   1 
ATOM   947  O  O   . ARG A 1 118 ? 8.453   -4.325  -14.168 1.00 21.09 ? 118 ARG A O   1 
ATOM   948  C  CB  . ARG A 1 118 ? 6.209   -5.053  -12.165 1.00 23.40 ? 118 ARG A CB  1 
ATOM   949  C  CG  . ARG A 1 118 ? 5.046   -5.996  -12.011 1.00 25.01 ? 118 ARG A CG  1 
ATOM   950  C  CD  . ARG A 1 118 ? 3.832   -5.122  -12.082 1.00 27.05 ? 118 ARG A CD  1 
ATOM   951  N  NE  . ARG A 1 118 ? 2.600   -5.858  -12.293 1.00 28.65 ? 118 ARG A NE  1 
ATOM   952  C  CZ  . ARG A 1 118 ? 1.673   -5.517  -13.180 1.00 26.51 ? 118 ARG A CZ  1 
ATOM   953  N  NH1 . ARG A 1 118 ? 1.945   -4.641  -14.143 1.00 23.80 ? 118 ARG A NH1 1 
ATOM   954  N  NH2 . ARG A 1 118 ? 0.577   -6.250  -13.234 1.00 28.53 ? 118 ARG A NH2 1 
ATOM   955  N  N   . HIS A 1 119 ? 9.496   -4.353  -12.139 1.00 20.37 ? 119 HIS A N   1 
ATOM   956  C  CA  . HIS A 1 119 ? 10.415  -3.264  -12.481 1.00 21.57 ? 119 HIS A CA  1 
ATOM   957  C  C   . HIS A 1 119 ? 11.829  -3.453  -11.953 1.00 22.45 ? 119 HIS A C   1 
ATOM   958  O  O   . HIS A 1 119 ? 12.426  -2.471  -11.509 1.00 22.10 ? 119 HIS A O   1 
ATOM   959  C  CB  . HIS A 1 119 ? 9.899   -1.898  -11.989 1.00 19.91 ? 119 HIS A CB  1 
ATOM   960  C  CG  . HIS A 1 119 ? 8.474   -1.615  -12.367 1.00 19.97 ? 119 HIS A CG  1 
ATOM   961  N  ND1 . HIS A 1 119 ? 8.091   -1.255  -13.638 1.00 19.09 ? 119 HIS A ND1 1 
ATOM   962  C  CD2 . HIS A 1 119 ? 7.326   -1.692  -11.645 1.00 20.33 ? 119 HIS A CD2 1 
ATOM   963  C  CE1 . HIS A 1 119 ? 6.731   -1.142  -13.613 1.00 18.98 ? 119 HIS A CE1 1 
ATOM   964  N  NE2 . HIS A 1 119 ? 6.275   -1.405  -12.401 1.00 20.32 ? 119 HIS A NE2 1 
ATOM   965  N  N   . PRO A 1 120 ? 12.475  -4.604  -12.281 1.00 24.18 ? 120 PRO A N   1 
ATOM   966  C  CA  . PRO A 1 120 ? 13.853  -4.872  -11.812 1.00 24.04 ? 120 PRO A CA  1 
ATOM   967  C  C   . PRO A 1 120 ? 14.882  -3.770  -12.112 1.00 25.07 ? 120 PRO A C   1 
ATOM   968  O  O   . PRO A 1 120 ? 15.584  -3.274  -11.196 1.00 26.59 ? 120 PRO A O   1 
ATOM   969  C  CB  . PRO A 1 120 ? 14.230  -6.202  -12.462 1.00 23.21 ? 120 PRO A CB  1 
ATOM   970  C  CG  . PRO A 1 120 ? 13.195  -6.495  -13.455 1.00 23.81 ? 120 PRO A CG  1 
ATOM   971  C  CD  . PRO A 1 120 ? 11.974  -5.659  -13.190 1.00 23.80 ? 120 PRO A CD  1 
ATOM   972  N  N   . GLY A 1 121 ? 14.845  -3.257  -13.330 1.00 24.94 ? 121 GLY A N   1 
ATOM   973  C  CA  . GLY A 1 121 ? 15.809  -2.267  -13.732 1.00 24.28 ? 121 GLY A CA  1 
ATOM   974  C  C   . GLY A 1 121 ? 15.642  -0.962  -13.005 1.00 25.62 ? 121 GLY A C   1 
ATOM   975  O  O   . GLY A 1 121 ? 16.599  -0.190  -12.894 1.00 27.15 ? 121 GLY A O   1 
ATOM   976  N  N   . ASP A 1 122 ? 14.450  -0.649  -12.530 1.00 24.62 ? 122 ASP A N   1 
ATOM   977  C  CA  . ASP A 1 122 ? 14.335  0.640   -11.869 1.00 24.73 ? 122 ASP A CA  1 
ATOM   978  C  C   . ASP A 1 122 ? 14.226  0.389   -10.385 1.00 23.46 ? 122 ASP A C   1 
ATOM   979  O  O   . ASP A 1 122 ? 13.841  1.303   -9.620  1.00 23.53 ? 122 ASP A O   1 
ATOM   980  C  CB  . ASP A 1 122 ? 13.113  1.417   -12.348 1.00 27.23 ? 122 ASP A CB  1 
ATOM   981  C  CG  . ASP A 1 122 ? 13.311  2.021   -13.725 1.00 31.26 ? 122 ASP A CG  1 
ATOM   982  O  OD1 . ASP A 1 122 ? 14.102  2.969   -13.863 1.00 33.38 ? 122 ASP A OD1 1 
ATOM   983  O  OD2 . ASP A 1 122 ? 12.637  1.577   -14.685 1.00 35.41 ? 122 ASP A OD2 1 
ATOM   984  N  N   . PHE A 1 123 ? 14.393  -0.875  -9.986  1.00 21.28 ? 123 PHE A N   1 
ATOM   985  C  CA  . PHE A 1 123 ? 14.111  -1.199  -8.601  1.00 19.41 ? 123 PHE A CA  1 
ATOM   986  C  C   . PHE A 1 123 ? 15.230  -2.043  -8.027  1.00 19.54 ? 123 PHE A C   1 
ATOM   987  O  O   . PHE A 1 123 ? 14.991  -3.150  -7.513  1.00 20.08 ? 123 PHE A O   1 
ATOM   988  C  CB  . PHE A 1 123 ? 12.750  -1.895  -8.462  1.00 19.00 ? 123 PHE A CB  1 
ATOM   989  C  CG  . PHE A 1 123 ? 12.107  -1.696  -7.117  1.00 16.58 ? 123 PHE A CG  1 
ATOM   990  C  CD1 . PHE A 1 123 ? 11.826  -0.409  -6.650  1.00 17.56 ? 123 PHE A CD1 1 
ATOM   991  C  CD2 . PHE A 1 123 ? 11.867  -2.769  -6.289  1.00 16.19 ? 123 PHE A CD2 1 
ATOM   992  C  CE1 . PHE A 1 123 ? 11.296  -0.222  -5.345  1.00 18.66 ? 123 PHE A CE1 1 
ATOM   993  C  CE2 . PHE A 1 123 ? 11.348  -2.590  -4.983  1.00 16.51 ? 123 PHE A CE2 1 
ATOM   994  C  CZ  . PHE A 1 123 ? 11.051  -1.346  -4.509  1.00 17.18 ? 123 PHE A CZ  1 
ATOM   995  N  N   . GLY A 1 124 ? 16.454  -1.504  -8.118  1.00 19.82 ? 124 GLY A N   1 
ATOM   996  C  CA  . GLY A 1 124 ? 17.633  -2.141  -7.563  1.00 19.37 ? 124 GLY A CA  1 
ATOM   997  C  C   . GLY A 1 124 ? 17.590  -1.963  -6.055  1.00 19.90 ? 124 GLY A C   1 
ATOM   998  O  O   . GLY A 1 124 ? 16.652  -1.351  -5.539  1.00 19.07 ? 124 GLY A O   1 
ATOM   999  N  N   . ALA A 1 125 ? 18.663  -2.345  -5.365  1.00 19.10 ? 125 ALA A N   1 
ATOM   1000 C  CA  . ALA A 1 125 ? 18.674  -2.344  -3.899  1.00 18.65 ? 125 ALA A CA  1 
ATOM   1001 C  C   . ALA A 1 125 ? 18.579  -0.904  -3.324  1.00 18.70 ? 125 ALA A C   1 
ATOM   1002 O  O   . ALA A 1 125 ? 17.893  -0.680  -2.321  1.00 18.62 ? 125 ALA A O   1 
ATOM   1003 C  CB  . ALA A 1 125 ? 19.952  -3.052  -3.402  1.00 18.60 ? 125 ALA A CB  1 
ATOM   1004 N  N   . ASP A 1 126 ? 19.073  0.080   -4.082  1.00 18.39 ? 126 ASP A N   1 
ATOM   1005 C  CA  . ASP A 1 126 ? 19.035  1.466   -3.642  1.00 18.64 ? 126 ASP A CA  1 
ATOM   1006 C  C   . ASP A 1 126 ? 17.612  2.040   -3.700  1.00 17.63 ? 126 ASP A C   1 
ATOM   1007 O  O   . ASP A 1 126 ? 17.158  2.662   -2.748  1.00 17.58 ? 126 ASP A O   1 
ATOM   1008 C  CB  . ASP A 1 126 ? 20.031  2.322   -4.468  1.00 20.75 ? 126 ASP A CB  1 
ATOM   1009 C  CG  . ASP A 1 126 ? 19.782  2.272   -5.975  1.00 23.60 ? 126 ASP A CG  1 
ATOM   1010 O  OD1 . ASP A 1 126 ? 19.275  1.245   -6.527  1.00 24.54 ? 126 ASP A OD1 1 
ATOM   1011 O  OD2 . ASP A 1 126 ? 20.117  3.296   -6.636  1.00 26.90 ? 126 ASP A OD2 1 
ATOM   1012 N  N   . ALA A 1 127 ? 16.892  1.716   -4.771  1.00 16.22 ? 127 ALA A N   1 
ATOM   1013 C  CA  . ALA A 1 127 ? 15.474  1.964   -4.886  1.00 15.69 ? 127 ALA A CA  1 
ATOM   1014 C  C   . ALA A 1 127 ? 14.637  1.214   -3.851  1.00 15.17 ? 127 ALA A C   1 
ATOM   1015 O  O   . ALA A 1 127 ? 13.698  1.763   -3.322  1.00 16.37 ? 127 ALA A O   1 
ATOM   1016 C  CB  . ALA A 1 127 ? 14.986  1.568   -6.301  1.00 16.31 ? 127 ALA A CB  1 
ATOM   1017 N  N   . GLN A 1 128 ? 14.857  -0.078  -3.698  1.00 14.27 ? 128 GLN A N   1 
ATOM   1018 C  CA  . GLN A 1 128 ? 14.150  -0.830  -2.677  1.00 16.35 ? 128 GLN A CA  1 
ATOM   1019 C  C   . GLN A 1 128 ? 14.322  -0.201  -1.270  1.00 16.01 ? 128 GLN A C   1 
ATOM   1020 O  O   . GLN A 1 128 ? 13.350  -0.142  -0.503  1.00 15.82 ? 128 GLN A O   1 
ATOM   1021 C  CB  . GLN A 1 128 ? 14.652  -2.286  -2.682  1.00 18.24 ? 128 GLN A CB  1 
ATOM   1022 C  CG  . GLN A 1 128 ? 13.953  -3.224  -1.591  1.00 23.83 ? 128 GLN A CG  1 
ATOM   1023 C  CD  . GLN A 1 128 ? 14.528  -4.654  -1.611  1.00 26.87 ? 128 GLN A CD  1 
ATOM   1024 O  OE1 . GLN A 1 128 ? 14.290  -5.459  -0.695  1.00 28.13 ? 128 GLN A OE1 1 
ATOM   1025 N  NE2 . GLN A 1 128 ? 15.273  -4.975  -2.683  1.00 28.04 ? 128 GLN A NE2 1 
ATOM   1026 N  N   . GLY A 1 129 ? 15.554  0.205   -0.928  1.00 15.42 ? 129 GLY A N   1 
ATOM   1027 C  CA  . GLY A 1 129 ? 15.804  0.844   0.365   1.00 15.53 ? 129 GLY A CA  1 
ATOM   1028 C  C   . GLY A 1 129 ? 15.048  2.154   0.562   1.00 14.91 ? 129 GLY A C   1 
ATOM   1029 O  O   . GLY A 1 129 ? 14.420  2.383   1.614   1.00 13.46 ? 129 GLY A O   1 
ATOM   1030 N  N   . ALA A 1 130 ? 15.015  2.958   -0.501  1.00 13.86 ? 130 ALA A N   1 
ATOM   1031 C  CA  . ALA A 1 130 ? 14.298  4.215   -0.497  1.00 13.56 ? 130 ALA A CA  1 
ATOM   1032 C  C   . ALA A 1 130 ? 12.782  3.992   -0.333  1.00 12.38 ? 130 ALA A C   1 
ATOM   1033 O  O   . ALA A 1 130 ? 12.124  4.736   0.336   1.00 10.27 ? 130 ALA A O   1 
ATOM   1034 C  CB  . ALA A 1 130 ? 14.582  4.979   -1.825  1.00 13.43 ? 130 ALA A CB  1 
ATOM   1035 N  N   . MET A 1 131 ? 12.238  3.006   -1.036  1.00 12.51 ? 131 MET A N   1 
ATOM   1036 C  CA  . MET A 1 131 ? 10.801  2.713   -0.993  1.00 13.12 ? 131 MET A CA  1 
ATOM   1037 C  C   . MET A 1 131 ? 10.374  2.122   0.378   1.00 13.02 ? 131 MET A C   1 
ATOM   1038 O  O   . MET A 1 131 ? 9.354   2.544   0.979   1.00 10.78 ? 131 MET A O   1 
ATOM   1039 C  CB  . MET A 1 131 ? 10.405  1.744   -2.115  1.00 14.30 ? 131 MET A CB  1 
ATOM   1040 C  CG  . MET A 1 131 ? 8.901   1.408   -2.067  1.00 16.19 ? 131 MET A CG  1 
ATOM   1041 S  SD  . MET A 1 131 ? 7.775   2.832   -2.490  1.00 20.64 ? 131 MET A SD  1 
ATOM   1042 C  CE  . MET A 1 131 ? 8.246   2.886   -4.149  1.00 18.45 ? 131 MET A CE  1 
ATOM   1043 N  N   . ASN A 1 132 ? 11.270  1.334   0.958   1.00 13.36 ? 132 ASN A N   1 
ATOM   1044 C  CA  . ASN A 1 132 ? 11.028  0.820   2.313   1.00 15.59 ? 132 ASN A CA  1 
ATOM   1045 C  C   . ASN A 1 132 ? 10.975  1.957   3.300   1.00 15.11 ? 132 ASN A C   1 
ATOM   1046 O  O   . ASN A 1 132 ? 10.126  1.977   4.189   1.00 14.93 ? 132 ASN A O   1 
ATOM   1047 C  CB  . ASN A 1 132 ? 12.117  -0.105  2.761   1.00 18.21 ? 132 ASN A CB  1 
ATOM   1048 C  CG  . ASN A 1 132 ? 11.751  -0.784  4.098   1.00 24.12 ? 132 ASN A CG  1 
ATOM   1049 O  OD1 . ASN A 1 132 ? 10.704  -1.442  4.198   1.00 25.22 ? 132 ASN A OD1 1 
ATOM   1050 N  ND2 . ASN A 1 132 ? 12.521  -0.491  5.164   1.00 26.73 ? 132 ASN A ND2 1 
ATOM   1051 N  N   . LYS A 1 133 ? 11.895  2.916   3.150   1.00 16.04 ? 133 LYS A N   1 
ATOM   1052 C  CA  . LYS A 1 133 ? 11.922  4.095   4.031   1.00 14.87 ? 133 LYS A CA  1 
ATOM   1053 C  C   . LYS A 1 133 ? 10.658  4.946   3.874   1.00 13.55 ? 133 LYS A C   1 
ATOM   1054 O  O   . LYS A 1 133 ? 10.145  5.469   4.878   1.00 14.16 ? 133 LYS A O   1 
ATOM   1055 C  CB  . LYS A 1 133 ? 13.148  4.977   3.774   1.00 16.52 ? 133 LYS A CB  1 
ATOM   1056 C  CG  . LYS A 1 133 ? 14.407  4.481   4.410   1.00 19.08 ? 133 LYS A CG  1 
ATOM   1057 C  CD  . LYS A 1 133 ? 15.636  5.434   4.142   1.00 21.67 ? 133 LYS A CD  1 
ATOM   1058 C  CE  . LYS A 1 133 ? 15.386  6.892   4.562   1.00 26.06 ? 133 LYS A CE  1 
ATOM   1059 N  NZ  . LYS A 1 133 ? 16.678  7.807   4.839   1.00 28.91 ? 133 LYS A NZ  1 
ATOM   1060 N  N   . ALA A 1 134 ? 10.181  5.133   2.645   1.00 12.32 ? 134 ALA A N   1 
ATOM   1061 C  CA  . ALA A 1 134 ? 8.961   5.935   2.407   1.00 11.95 ? 134 ALA A CA  1 
ATOM   1062 C  C   . ALA A 1 134 ? 7.755   5.232   3.045   1.00 13.15 ? 134 ALA A C   1 
ATOM   1063 O  O   . ALA A 1 134 ? 6.794   5.925   3.509   1.00 14.11 ? 134 ALA A O   1 
ATOM   1064 C  CB  . ALA A 1 134 ? 8.721   6.120   0.930   1.00 10.69 ? 134 ALA A CB  1 
ATOM   1065 N  N   . LEU A 1 135 ? 7.686   3.905   2.873   1.00 12.14 ? 135 LEU A N   1 
ATOM   1066 C  CA  . LEU A 1 135 ? 6.594   3.123   3.446   1.00 13.76 ? 135 LEU A CA  1 
ATOM   1067 C  C   . LEU A 1 135 ? 6.647   3.110   4.970   1.00 13.58 ? 135 LEU A C   1 
ATOM   1068 O  O   . LEU A 1 135 ? 5.591   3.134   5.619   1.00 13.36 ? 135 LEU A O   1 
ATOM   1069 C  CB  . LEU A 1 135 ? 6.586   1.679   2.898   1.00 14.89 ? 135 LEU A CB  1 
ATOM   1070 C  CG  . LEU A 1 135 ? 6.177   1.674   1.401   1.00 17.20 ? 135 LEU A CG  1 
ATOM   1071 C  CD1 . LEU A 1 135 ? 6.297   0.257   0.721   1.00 15.66 ? 135 LEU A CD1 1 
ATOM   1072 C  CD2 . LEU A 1 135 ? 4.741   2.290   1.354   1.00 17.96 ? 135 LEU A CD2 1 
ATOM   1073 N  N   . GLU A 1 136 ? 7.845   3.084   5.540   1.00 12.43 ? 136 GLU A N   1 
ATOM   1074 C  CA  . GLU A 1 136 ? 7.977   3.211   6.999   1.00 13.75 ? 136 GLU A CA  1 
ATOM   1075 C  C   . GLU A 1 136 ? 7.530   4.550   7.496   1.00 13.37 ? 136 GLU A C   1 
ATOM   1076 O  O   . GLU A 1 136 ? 6.860   4.616   8.497   1.00 14.03 ? 136 GLU A O   1 
ATOM   1077 C  CB  . GLU A 1 136 ? 9.411   2.995   7.439   1.00 17.02 ? 136 GLU A CB  1 
ATOM   1078 C  CG  . GLU A 1 136 ? 9.817   1.583   7.299   1.00 22.45 ? 136 GLU A CG  1 
ATOM   1079 C  CD  . GLU A 1 136 ? 11.208  1.318   7.813   1.00 27.47 ? 136 GLU A CD  1 
ATOM   1080 O  OE1 . GLU A 1 136 ? 12.120  2.139   7.504   1.00 29.11 ? 136 GLU A OE1 1 
ATOM   1081 O  OE2 . GLU A 1 136 ? 11.412  0.207   8.367   1.00 28.69 ? 136 GLU A OE2 1 
ATOM   1082 N  N   . LEU A 1 137 ? 7.830   5.612   6.764   1.00 12.30 ? 137 LEU A N   1 
ATOM   1083 C  CA  . LEU A 1 137 ? 7.380   6.935   7.160   1.00 13.45 ? 137 LEU A CA  1 
ATOM   1084 C  C   . LEU A 1 137 ? 5.840   6.994   7.169   1.00 13.52 ? 137 LEU A C   1 
ATOM   1085 O  O   . LEU A 1 137 ? 5.215   7.548   8.105   1.00 12.96 ? 137 LEU A O   1 
ATOM   1086 C  CB  . LEU A 1 137 ? 7.968   8.003   6.219   1.00 14.22 ? 137 LEU A CB  1 
ATOM   1087 C  CG  . LEU A 1 137 ? 7.522   9.486   6.458   1.00 16.67 ? 137 LEU A CG  1 
ATOM   1088 C  CD1 . LEU A 1 137 ? 7.960   9.997   7.884   1.00 17.46 ? 137 LEU A CD1 1 
ATOM   1089 C  CD2 . LEU A 1 137 ? 8.095   10.402  5.346   1.00 16.62 ? 137 LEU A CD2 1 
ATOM   1090 N  N   . PHE A 1 138 ? 5.231   6.384   6.152   1.00 12.78 ? 138 PHE A N   1 
ATOM   1091 C  CA  . PHE A 1 138 ? 3.761   6.304   6.007   1.00 12.87 ? 138 PHE A CA  1 
ATOM   1092 C  C   . PHE A 1 138 ? 3.148   5.606   7.201   1.00 12.73 ? 138 PHE A C   1 
ATOM   1093 O  O   . PHE A 1 138 ? 2.318   6.191   7.870   1.00 11.04 ? 138 PHE A O   1 
ATOM   1094 C  CB  . PHE A 1 138 ? 3.446   5.525   4.706   1.00 15.24 ? 138 PHE A CB  1 
ATOM   1095 C  CG  . PHE A 1 138 ? 2.025   5.122   4.546   1.00 16.99 ? 138 PHE A CG  1 
ATOM   1096 C  CD1 . PHE A 1 138 ? 1.047   6.048   4.384   1.00 18.49 ? 138 PHE A CD1 1 
ATOM   1097 C  CD2 . PHE A 1 138 ? 1.685   3.785   4.488   1.00 20.24 ? 138 PHE A CD2 1 
ATOM   1098 C  CE1 . PHE A 1 138 ? -0.292  5.659   4.148   1.00 20.82 ? 138 PHE A CE1 1 
ATOM   1099 C  CE2 . PHE A 1 138 ? 0.357   3.390   4.272   1.00 21.40 ? 138 PHE A CE2 1 
ATOM   1100 C  CZ  . PHE A 1 138 ? -0.627  4.358   4.096   1.00 21.14 ? 138 PHE A CZ  1 
ATOM   1101 N  N   . ARG A 1 139 ? 3.838   4.549   7.667   1.00 13.23 ? 139 ARG A N   1 
ATOM   1102 C  CA  . ARG A 1 139 ? 3.328   3.659   8.719   1.00 14.20 ? 139 ARG A CA  1 
ATOM   1103 C  C   . ARG A 1 139 ? 3.474   4.360   10.080  1.00 14.21 ? 139 ARG A C   1 
ATOM   1104 O  O   . ARG A 1 139 ? 2.606   4.236   10.993  1.00 13.87 ? 139 ARG A O   1 
ATOM   1105 C  CB  . ARG A 1 139 ? 4.151   2.382   8.661   1.00 16.50 ? 139 ARG A CB  1 
ATOM   1106 C  CG  . ARG A 1 139 ? 3.528   1.158   9.265   1.00 21.97 ? 139 ARG A CG  1 
ATOM   1107 C  CD  . ARG A 1 139 ? 4.619   0.043   9.422   1.00 21.97 ? 139 ARG A CD  1 
ATOM   1108 N  NE  . ARG A 1 139 ? 4.873   -0.502  8.139   1.00 18.88 ? 139 ARG A NE  1 
ATOM   1109 C  CZ  . ARG A 1 139 ? 6.044   -0.538  7.550   1.00 16.09 ? 139 ARG A CZ  1 
ATOM   1110 N  NH1 . ARG A 1 139 ? 6.031   -0.395  6.245   1.00 14.84 ? 139 ARG A NH1 1 
ATOM   1111 N  NH2 . ARG A 1 139 ? 7.120   -1.001  8.174   1.00 13.77 ? 139 ARG A NH2 1 
ATOM   1112 N  N   . LYS A 1 140 ? 4.559   5.116   10.194  1.00 14.38 ? 140 LYS A N   1 
ATOM   1113 C  CA  . LYS A 1 140 ? 4.926   5.795   11.440  1.00 16.12 ? 140 LYS A CA  1 
ATOM   1114 C  C   . LYS A 1 140 ? 3.942   6.947   11.704  1.00 15.88 ? 140 LYS A C   1 
ATOM   1115 O  O   . LYS A 1 140 ? 3.470   7.153   12.850  1.00 13.52 ? 140 LYS A O   1 
ATOM   1116 C  CB  . LYS A 1 140 ? 6.367   6.325   11.344  1.00 16.89 ? 140 LYS A CB  1 
ATOM   1117 C  CG  . LYS A 1 140 ? 6.712   7.431   12.346  1.00 23.73 ? 140 LYS A CG  1 
ATOM   1118 C  CD  . LYS A 1 140 ? 8.123   7.992   12.145  1.00 25.23 ? 140 LYS A CD  1 
ATOM   1119 C  CE  . LYS A 1 140 ? 8.061   9.503   12.220  1.00 31.19 ? 140 LYS A CE  1 
ATOM   1120 N  NZ  . LYS A 1 140 ? 8.344   10.038  13.630  1.00 35.13 ? 140 LYS A NZ  1 
ATOM   1121 N  N   . ASP A 1 141 ? 3.579   7.663   10.645  1.00 14.89 ? 141 ASP A N   1 
ATOM   1122 C  CA  . ASP A 1 141 ? 2.612   8.753   10.789  1.00 15.24 ? 141 ASP A CA  1 
ATOM   1123 C  C   . ASP A 1 141 ? 1.197   8.266   11.064  1.00 16.00 ? 141 ASP A C   1 
ATOM   1124 O  O   . ASP A 1 141 ? 0.463   8.867   11.849  1.00 15.03 ? 141 ASP A O   1 
ATOM   1125 C  CB  . ASP A 1 141 ? 2.652   9.664   9.552   1.00 15.63 ? 141 ASP A CB  1 
ATOM   1126 C  CG  . ASP A 1 141 ? 3.875   10.631  9.566   1.00 18.59 ? 141 ASP A CG  1 
ATOM   1127 O  OD1 . ASP A 1 141 ? 4.757   10.543  10.482  1.00 18.43 ? 141 ASP A OD1 1 
ATOM   1128 O  OD2 . ASP A 1 141 ? 4.068   11.340  8.557   1.00 17.60 ? 141 ASP A OD2 1 
ATOM   1129 N  N   . ILE A 1 142 ? 0.819   7.150   10.436  1.00 15.85 ? 142 ILE A N   1 
ATOM   1130 C  CA  . ILE A 1 142 ? -0.509  6.561   10.625  1.00 16.66 ? 142 ILE A CA  1 
ATOM   1131 C  C   . ILE A 1 142 ? -0.569  6.061   12.067  1.00 15.90 ? 142 ILE A C   1 
ATOM   1132 O  O   . ILE A 1 142 ? -1.572  6.227   12.766  1.00 16.82 ? 142 ILE A O   1 
ATOM   1133 C  CB  . ILE A 1 142 ? -0.736  5.348   9.648   1.00 17.44 ? 142 ILE A CB  1 
ATOM   1134 C  CG1 . ILE A 1 142 ? -0.993  5.836   8.236   1.00 19.60 ? 142 ILE A CG1 1 
ATOM   1135 C  CG2 . ILE A 1 142 ? -1.894  4.537   10.097  1.00 18.63 ? 142 ILE A CG2 1 
ATOM   1136 C  CD1 . ILE A 1 142 ? -2.424  6.180   7.984   1.00 23.50 ? 142 ILE A CD1 1 
ATOM   1137 N  N   . ALA A 1 143 ? 0.538   5.514   12.540  1.00 16.26 ? 143 ALA A N   1 
ATOM   1138 C  CA  . ALA A 1 143 ? 0.551   4.872   13.854  1.00 17.01 ? 143 ALA A CA  1 
ATOM   1139 C  C   . ALA A 1 143 ? 0.416   5.955   14.913  1.00 17.16 ? 143 ALA A C   1 
ATOM   1140 O  O   . ALA A 1 143 ? -0.290  5.766   15.905  1.00 18.21 ? 143 ALA A O   1 
ATOM   1141 C  CB  . ALA A 1 143 ? 1.866   4.079   14.074  1.00 17.48 ? 143 ALA A CB  1 
ATOM   1142 N  N   . ALA A 1 144 ? 0.990   7.124   14.653  1.00 15.81 ? 144 ALA A N   1 
ATOM   1143 C  CA  . ALA A 1 144 ? 0.812   8.234   15.588  1.00 17.26 ? 144 ALA A CA  1 
ATOM   1144 C  C   . ALA A 1 144 ? -0.671  8.686   15.689  1.00 17.68 ? 144 ALA A C   1 
ATOM   1145 O  O   . ALA A 1 144 ? -1.178  8.883   16.774  1.00 16.91 ? 144 ALA A O   1 
ATOM   1146 C  CB  . ALA A 1 144 ? 1.724   9.393   15.167  1.00 17.29 ? 144 ALA A CB  1 
ATOM   1147 N  N   . LYS A 1 145 ? -1.375  8.787   14.562  1.00 18.07 ? 145 LYS A N   1 
ATOM   1148 C  CA  . LYS A 1 145 ? -2.817  9.054   14.524  1.00 18.58 ? 145 LYS A CA  1 
ATOM   1149 C  C   . LYS A 1 145 ? -3.639  7.957   15.239  1.00 18.30 ? 145 LYS A C   1 
ATOM   1150 O  O   . LYS A 1 145 ? -4.609  8.251   15.964  1.00 18.75 ? 145 LYS A O   1 
ATOM   1151 C  CB  . LYS A 1 145 ? -3.294  9.129   13.085  1.00 22.03 ? 145 LYS A CB  1 
ATOM   1152 C  CG  . LYS A 1 145 ? -3.083  10.487  12.325  1.00 28.38 ? 145 LYS A CG  1 
ATOM   1153 C  CD  . LYS A 1 145 ? -1.834  11.277  12.747  1.00 32.80 ? 145 LYS A CD  1 
ATOM   1154 C  CE  . LYS A 1 145 ? -0.686  11.278  11.642  1.00 33.80 ? 145 LYS A CE  1 
ATOM   1155 N  NZ  . LYS A 1 145 ? 0.709   11.727  12.124  1.00 33.37 ? 145 LYS A NZ  1 
ATOM   1156 N  N   . TYR A 1 146 ? -3.326  6.693   14.961  1.00 16.73 ? 146 TYR A N   1 
ATOM   1157 C  CA  . TYR A 1 146 ? -3.950  5.604   15.668  1.00 16.73 ? 146 TYR A CA  1 
ATOM   1158 C  C   . TYR A 1 146 ? -3.843  5.850   17.196  1.00 18.12 ? 146 TYR A C   1 
ATOM   1159 O  O   . TYR A 1 146 ? -4.759  5.496   17.947  1.00 17.33 ? 146 TYR A O   1 
ATOM   1160 C  CB  . TYR A 1 146 ? -3.254  4.271   15.334  1.00 16.05 ? 146 TYR A CB  1 
ATOM   1161 C  CG  . TYR A 1 146 ? -3.831  3.525   14.126  1.00 18.94 ? 146 TYR A CG  1 
ATOM   1162 C  CD1 . TYR A 1 146 ? -4.120  4.192   12.910  1.00 19.03 ? 146 TYR A CD1 1 
ATOM   1163 C  CD2 . TYR A 1 146 ? -4.065  2.128   14.192  1.00 19.17 ? 146 TYR A CD2 1 
ATOM   1164 C  CE1 . TYR A 1 146 ? -4.633  3.483   11.782  1.00 19.76 ? 146 TYR A CE1 1 
ATOM   1165 C  CE2 . TYR A 1 146 ? -4.586  1.429   13.090  1.00 21.00 ? 146 TYR A CE2 1 
ATOM   1166 C  CZ  . TYR A 1 146 ? -4.870  2.103   11.896  1.00 20.61 ? 146 TYR A CZ  1 
ATOM   1167 O  OH  . TYR A 1 146 ? -5.360  1.387   10.831  1.00 19.30 ? 146 TYR A OH  1 
ATOM   1168 N  N   . LYS A 1 147 ? -2.621  6.136   17.660  1.00 18.64 ? 147 LYS A N   1 
ATOM   1169 C  CA  . LYS A 1 147 ? -2.351  6.212   19.080  1.00 18.50 ? 147 LYS A CA  1 
ATOM   1170 C  C   . LYS A 1 147 ? -3.249  7.282   19.703  1.00 19.58 ? 147 LYS A C   1 
ATOM   1171 O  O   . LYS A 1 147 ? -3.822  7.095   20.804  1.00 19.13 ? 147 LYS A O   1 
ATOM   1172 C  CB  . LYS A 1 147 ? -0.876  6.542   19.307  1.00 19.71 ? 147 LYS A CB  1 
ATOM   1173 C  CG  . LYS A 1 147 ? -0.483  6.516   20.800  1.00 21.35 ? 147 LYS A CG  1 
ATOM   1174 C  CD  . LYS A 1 147 ? 0.946   6.856   21.033  1.00 23.75 ? 147 LYS A CD  1 
ATOM   1175 C  CE  . LYS A 1 147 ? 1.098   7.541   22.418  1.00 26.92 ? 147 LYS A CE  1 
ATOM   1176 N  NZ  . LYS A 1 147 ? 1.554   6.570   23.419  1.00 27.62 ? 147 LYS A NZ  1 
ATOM   1177 N  N   . GLU A 1 148 ? -3.231  8.459   19.079  1.00 18.89 ? 148 GLU A N   1 
ATOM   1178 C  CA  . GLU A 1 148 ? -4.100  9.537   19.470  1.00 20.25 ? 148 GLU A CA  1 
ATOM   1179 C  C   . GLU A 1 148 ? -5.557  9.041   19.679  1.00 22.18 ? 148 GLU A C   1 
ATOM   1180 O  O   . GLU A 1 148 ? -6.193  9.368   20.690  1.00 24.32 ? 148 GLU A O   1 
ATOM   1181 C  CB  . GLU A 1 148 ? -4.089  10.598  18.398  1.00 20.43 ? 148 GLU A CB  1 
ATOM   1182 C  CG  . GLU A 1 148 ? -5.032  11.704  18.669  1.00 23.92 ? 148 GLU A CG  1 
ATOM   1183 C  CD  . GLU A 1 148 ? -5.050  12.751  17.563  1.00 26.34 ? 148 GLU A CD  1 
ATOM   1184 O  OE1 . GLU A 1 148 ? -4.212  12.723  16.626  1.00 25.23 ? 148 GLU A OE1 1 
ATOM   1185 O  OE2 . GLU A 1 148 ? -5.957  13.594  17.615  1.00 28.28 ? 148 GLU A OE2 1 
ATOM   1186 N  N   . LEU A 1 149 ? -6.102  8.324   18.707  1.00 19.90 ? 149 LEU A N   1 
ATOM   1187 C  CA  . LEU A 1 149 ? -7.484  7.917   18.767  1.00 21.25 ? 149 LEU A CA  1 
ATOM   1188 C  C   . LEU A 1 149 ? -7.732  6.736   19.720  1.00 21.21 ? 149 LEU A C   1 
ATOM   1189 O  O   . LEU A 1 149 ? -8.887  6.360   19.928  1.00 22.78 ? 149 LEU A O   1 
ATOM   1190 C  CB  . LEU A 1 149 ? -7.971  7.565   17.354  1.00 20.62 ? 149 LEU A CB  1 
ATOM   1191 C  CG  . LEU A 1 149 ? -8.122  8.693   16.350  1.00 21.80 ? 149 LEU A CG  1 
ATOM   1192 C  CD1 . LEU A 1 149 ? -8.219  8.115   14.943  1.00 22.00 ? 149 LEU A CD1 1 
ATOM   1193 C  CD2 . LEU A 1 149 ? -9.360  9.484   16.696  1.00 22.71 ? 149 LEU A CD2 1 
ATOM   1194 N  N   . GLY A 1 150 ? -6.677  6.067   20.177  1.00 21.01 ? 150 GLY A N   1 
ATOM   1195 C  CA  . GLY A 1 150 ? -6.847  4.961   21.111  1.00 22.72 ? 150 GLY A CA  1 
ATOM   1196 C  C   . GLY A 1 150 ? -6.853  3.581   20.466  1.00 24.65 ? 150 GLY A C   1 
ATOM   1197 O  O   . GLY A 1 150 ? -7.412  2.630   21.008  1.00 23.40 ? 150 GLY A O   1 
ATOM   1198 N  N   . TYR A 1 151 ? -6.258  3.476   19.284  1.00 26.16 ? 151 TYR A N   1 
ATOM   1199 C  CA  . TYR A 1 151 ? -6.291  2.261   18.489  1.00 29.95 ? 151 TYR A CA  1 
ATOM   1200 C  C   . TYR A 1 151 ? -4.883  1.693   18.248  1.00 33.65 ? 151 TYR A C   1 
ATOM   1201 O  O   . TYR A 1 151 ? -4.738  0.637   17.606  1.00 35.27 ? 151 TYR A O   1 
ATOM   1202 C  CB  . TYR A 1 151 ? -6.945  2.568   17.141  1.00 28.90 ? 151 TYR A CB  1 
ATOM   1203 C  CG  . TYR A 1 151 ? -8.435  2.731   17.210  1.00 30.32 ? 151 TYR A CG  1 
ATOM   1204 C  CD1 . TYR A 1 151 ? -9.026  3.978   17.473  1.00 30.93 ? 151 TYR A CD1 1 
ATOM   1205 C  CD2 . TYR A 1 151 ? -9.284  1.626   16.988  1.00 31.27 ? 151 TYR A CD2 1 
ATOM   1206 C  CE1 . TYR A 1 151 ? -10.424 4.106   17.509  1.00 30.51 ? 151 TYR A CE1 1 
ATOM   1207 C  CE2 . TYR A 1 151 ? -10.663 1.752   17.016  1.00 29.38 ? 151 TYR A CE2 1 
ATOM   1208 C  CZ  . TYR A 1 151 ? -11.221 2.973   17.284  1.00 31.06 ? 151 TYR A CZ  1 
ATOM   1209 O  OH  . TYR A 1 151 ? -12.593 3.024   17.427  1.00 33.63 ? 151 TYR A OH  1 
ATOM   1210 N  N   . GLN A 1 152 ? -3.857  2.432   18.669  1.00 36.45 ? 152 GLN A N   1 
ATOM   1211 C  CA  . GLN A 1 152 ? -2.482  2.094   18.343  1.00 40.92 ? 152 GLN A CA  1 
ATOM   1212 C  C   . GLN A 1 152 ? -2.266  0.623   17.951  1.00 43.52 ? 152 GLN A C   1 
ATOM   1213 O  O   . GLN A 1 152 ? -2.358  -0.309  18.792  1.00 42.81 ? 152 GLN A O   1 
ATOM   1214 C  CB  . GLN A 1 152 ? -1.546  2.473   19.492  1.00 42.90 ? 152 GLN A CB  1 
ATOM   1215 C  CG  . GLN A 1 152 ? -0.096  2.023   19.307  1.00 45.06 ? 152 GLN A CG  1 
ATOM   1216 C  CD  . GLN A 1 152 ? 0.484   2.546   18.024  1.00 46.49 ? 152 GLN A CD  1 
ATOM   1217 O  OE1 . GLN A 1 152 ? -0.191  2.526   16.998  1.00 47.30 ? 152 GLN A OE1 1 
ATOM   1218 N  NE2 . GLN A 1 152 ? 1.676   3.158   18.099  1.00 46.88 ? 152 GLN A NE2 1 
ATOM   1219 N  N   . GLY A 1 153 ? -2.165  0.433   16.631  1.00 45.89 ? 153 GLY A N   1 
ATOM   1220 C  CA  . GLY A 1 153 ? -2.033  -0.899  16.051  1.00 47.73 ? 153 GLY A CA  1 
ATOM   1221 C  C   . GLY A 1 153 ? -3.343  -1.652  16.086  1.00 48.27 ? 153 GLY A C   1 
ATOM   1222 O  O   . GLY A 1 153 ? -4.245  -1.282  15.314  1.00 49.98 ? 153 GLY A O   1 
ATOM   1223 O  OXT . GLY A 1 153 ? -3.490  -2.571  16.919  1.00 49.66 ? 153 GLY A OXT 1 
HETATM 1224 S  S   . SO4 B 2 .   ? -17.014 -9.139  -9.569  0.97 17.47 ? 156 SO4 A S   1 
HETATM 1225 O  O1  . SO4 B 2 .   ? -16.432 -9.578  -8.388  0.97 17.79 ? 156 SO4 A O1  1 
HETATM 1226 O  O2  . SO4 B 2 .   ? -16.348 -9.753  -10.673 0.97 17.90 ? 156 SO4 A O2  1 
HETATM 1227 O  O3  . SO4 B 2 .   ? -18.331 -9.544  -9.554  0.97 18.69 ? 156 SO4 A O3  1 
HETATM 1228 O  O4  . SO4 B 2 .   ? -16.899 -7.710  -9.681  0.97 15.17 ? 156 SO4 A O4  1 
HETATM 1229 C  CHA . HEM C 3 .   ? -11.011 1.299   2.154   1.00 12.81 ? 154 HEM A CHA 1 
HETATM 1230 C  CHB . HEM C 3 .   ? -6.594  3.090   1.282   1.00 15.15 ? 154 HEM A CHB 1 
HETATM 1231 C  CHC . HEM C 3 .   ? -4.658  -0.516  3.565   1.00 14.15 ? 154 HEM A CHC 1 
HETATM 1232 C  CHD . HEM C 3 .   ? -8.880  -2.298  4.681   1.00 14.20 ? 154 HEM A CHD 1 
HETATM 1233 C  C1A . HEM C 3 .   ? -9.972  2.099   1.671   1.00 15.77 ? 154 HEM A C1A 1 
HETATM 1234 C  C2A . HEM C 3 .   ? -10.129 3.340   0.906   1.00 16.58 ? 154 HEM A C2A 1 
HETATM 1235 C  C3A . HEM C 3 .   ? -8.864  3.861   0.610   1.00 16.78 ? 154 HEM A C3A 1 
HETATM 1236 C  C4A . HEM C 3 .   ? -7.914  2.911   1.264   1.00 14.90 ? 154 HEM A C4A 1 
HETATM 1237 C  CMA . HEM C 3 .   ? -8.515  5.188   -0.105  1.00 15.32 ? 154 HEM A CMA 1 
HETATM 1238 C  CAA . HEM C 3 .   ? -11.480 3.925   0.569   1.00 20.21 ? 154 HEM A CAA 1 
HETATM 1239 C  CBA . HEM C 3 .   ? -11.920 5.087   1.464   1.00 24.78 ? 154 HEM A CBA 1 
HETATM 1240 C  CGA . HEM C 3 .   ? -12.019 4.715   2.931   1.00 27.15 ? 154 HEM A CGA 1 
HETATM 1241 O  O1A . HEM C 3 .   ? -12.882 3.889   3.311   1.00 28.61 ? 154 HEM A O1A 1 
HETATM 1242 O  O2A . HEM C 3 .   ? -11.230 5.263   3.718   1.00 30.28 ? 154 HEM A O2A 1 
HETATM 1243 C  C1B . HEM C 3 .   ? -5.682  2.257   1.819   1.00 14.48 ? 154 HEM A C1B 1 
HETATM 1244 C  C2B . HEM C 3 .   ? -4.283  2.448   1.715   1.00 14.46 ? 154 HEM A C2B 1 
HETATM 1245 C  C3B . HEM C 3 .   ? -3.690  1.416   2.371   1.00 14.92 ? 154 HEM A C3B 1 
HETATM 1246 C  C4B . HEM C 3 .   ? -4.805  0.618   2.843   1.00 13.07 ? 154 HEM A C4B 1 
HETATM 1247 C  CMB . HEM C 3 .   ? -3.587  3.624   0.959   1.00 14.47 ? 154 HEM A CMB 1 
HETATM 1248 C  CAB . HEM C 3 .   ? -2.306  1.182   2.553   1.00 12.93 ? 154 HEM A CAB 1 
HETATM 1249 C  CBB . HEM C 3 .   ? -1.333  1.018   1.462   1.00 15.23 ? 154 HEM A CBB 1 
HETATM 1250 C  C1C . HEM C 3 .   ? -5.637  -1.394  3.923   1.00 13.28 ? 154 HEM A C1C 1 
HETATM 1251 C  C2C . HEM C 3 .   ? -5.381  -2.665  4.458   1.00 13.74 ? 154 HEM A C2C 1 
HETATM 1252 C  C3C . HEM C 3 .   ? -6.679  -3.205  4.741   1.00 14.81 ? 154 HEM A C3C 1 
HETATM 1253 C  C4C . HEM C 3 .   ? -7.582  -2.177  4.504   1.00 13.51 ? 154 HEM A C4C 1 
HETATM 1254 C  CMC . HEM C 3 .   ? -3.980  -3.146  4.832   1.00 12.08 ? 154 HEM A CMC 1 
HETATM 1255 C  CAC . HEM C 3 .   ? -7.082  -4.476  5.270   1.00 15.86 ? 154 HEM A CAC 1 
HETATM 1256 C  CBC . HEM C 3 .   ? -6.077  -5.423  5.605   1.00 17.30 ? 154 HEM A CBC 1 
HETATM 1257 C  C1D . HEM C 3 .   ? -9.828  -1.448  4.066   1.00 14.35 ? 154 HEM A C1D 1 
HETATM 1258 C  C2D . HEM C 3 .   ? -11.344 -1.705  4.144   1.00 16.30 ? 154 HEM A C2D 1 
HETATM 1259 C  C3D . HEM C 3 .   ? -11.913 -0.696  3.368   1.00 16.56 ? 154 HEM A C3D 1 
HETATM 1260 C  C4D . HEM C 3 .   ? -10.821 0.162   2.897   1.00 14.57 ? 154 HEM A C4D 1 
HETATM 1261 C  CMD . HEM C 3 .   ? -12.015 -2.902  4.845   1.00 15.46 ? 154 HEM A CMD 1 
HETATM 1262 C  CAD . HEM C 3 .   ? -13.339 -0.496  2.909   1.00 19.68 ? 154 HEM A CAD 1 
HETATM 1263 C  CBD . HEM C 3 .   ? -13.603 -1.238  1.630   1.00 23.89 ? 154 HEM A CBD 1 
HETATM 1264 C  CGD . HEM C 3 .   ? -15.059 -1.241  1.266   1.00 26.65 ? 154 HEM A CGD 1 
HETATM 1265 O  O1D . HEM C 3 .   ? -15.765 -2.127  1.751   1.00 29.33 ? 154 HEM A O1D 1 
HETATM 1266 O  O2D . HEM C 3 .   ? -15.530 -0.353  0.530   1.00 29.53 ? 154 HEM A O2D 1 
HETATM 1267 N  NA  . HEM C 3 .   ? -8.573  1.896   1.881   1.00 16.43 ? 154 HEM A NA  1 
HETATM 1268 N  NB  . HEM C 3 .   ? -5.999  1.106   2.455   1.00 15.80 ? 154 HEM A NB  1 
HETATM 1269 N  NC  . HEM C 3 .   ? -6.965  -1.087  3.880   1.00 15.02 ? 154 HEM A NC  1 
HETATM 1270 N  ND  . HEM C 3 .   ? -9.555  -0.370  3.303   1.00 15.18 ? 154 HEM A ND  1 
HETATM 1271 FE FE  . HEM C 3 .   ? -7.809  0.477   2.859   1.00 15.78 ? 154 HEM A FE  1 
HETATM 1272 C  C   A NPN D 4 .   ? -7.633  -0.718  1.414   0.69 16.50 ? 155 NPN A C   1 
HETATM 1273 C  C   B NPN D 4 .   ? -7.820  -0.632  1.327   0.33 15.74 ? 155 NPN A C   1 
HETATM 1274 N  N   A NPN D 4 .   ? -8.036  -1.426  0.478   0.69 18.85 ? 155 NPN A N   1 
HETATM 1275 N  N   B NPN D 4 .   ? -7.737  -1.785  1.259   0.33 16.19 ? 155 NPN A N   1 
HETATM 1276 C  C1  A NPN D 4 .   ? -9.477  -1.282  0.367   0.69 19.35 ? 155 NPN A C1  1 
HETATM 1277 C  C1  B NPN D 4 .   ? -7.020  -2.449  0.258   0.33 15.91 ? 155 NPN A C1  1 
HETATM 1278 C  C2  A NPN D 4 .   ? -9.876  -1.244  -1.093  0.69 18.25 ? 155 NPN A C2  1 
HETATM 1279 C  C2  B NPN D 4 .   ? -6.649  -3.839  0.703   0.33 15.81 ? 155 NPN A C2  1 
HETATM 1280 C  C3  A NPN D 4 .   ? -10.564 0.028   -1.376  0.69 18.26 ? 155 NPN A C3  1 
HETATM 1281 C  C3  B NPN D 4 .   ? -5.284  -3.884  1.316   0.33 17.00 ? 155 NPN A C3  1 
HETATM 1282 O  O   . HOH E 5 .   ? 2.220   -9.335  1.794   0.70 21.04 ? 158 HOH A O   1 
HETATM 1283 O  O   . HOH E 5 .   ? 13.575  4.405   -16.749 1.00 38.48 ? 159 HOH A O   1 
HETATM 1284 O  O   . HOH E 5 .   ? -18.486 -11.282 -0.259  0.84 29.97 ? 160 HOH A O   1 
HETATM 1285 O  O   . HOH E 5 .   ? 10.144  -1.813  6.802   0.81 17.77 ? 161 HOH A O   1 
HETATM 1286 O  O   . HOH E 5 .   ? -13.793 -4.148  8.281   0.87 22.68 ? 162 HOH A O   1 
HETATM 1287 O  O   . HOH E 5 .   ? -15.361 -4.617  5.056   0.73 18.81 ? 163 HOH A O   1 
HETATM 1288 O  O   . HOH E 5 .   ? -15.984 -4.745  2.271   0.91 30.16 ? 164 HOH A O   1 
HETATM 1289 O  O   . HOH E 5 .   ? -0.327  14.626  -4.185  0.99 31.17 ? 165 HOH A O   1 
HETATM 1290 O  O   . HOH E 5 .   ? -0.208  12.887  14.344  0.96 42.33 ? 167 HOH A O   1 
HETATM 1291 O  O   . HOH E 5 .   ? -0.046  -13.276 8.816   0.86 21.32 ? 168 HOH A O   1 
HETATM 1292 O  O   . HOH E 5 .   ? -15.436 -1.152  7.232   1.00 33.83 ? 172 HOH A O   1 
HETATM 1293 O  O   . HOH E 5 .   ? -0.114  22.510  13.516  0.96 48.51 ? 173 HOH A O   1 
HETATM 1294 O  O   . HOH E 5 .   ? 18.582  3.981   -0.707  1.00 23.78 ? 175 HOH A O   1 
HETATM 1295 O  O   . HOH E 5 .   ? 7.509   -13.184 -8.618  1.00 37.88 ? 177 HOH A O   1 
HETATM 1296 O  O   . HOH E 5 .   ? 6.396   18.614  -0.952  1.00 37.28 ? 178 HOH A O   1 
HETATM 1297 O  O   . HOH E 5 .   ? 4.451   11.121  13.157  1.00 32.45 ? 181 HOH A O   1 
HETATM 1298 O  O   . HOH E 5 .   ? -4.951  17.584  17.728  0.91 53.83 ? 185 HOH A O   1 
HETATM 1299 O  O   . HOH E 5 .   ? 5.916   5.417   -16.766 0.87 23.60 ? 186 HOH A O   1 
HETATM 1300 O  O   . HOH E 5 .   ? -2.491  3.200   -15.180 0.67 30.89 ? 187 HOH A O   1 
HETATM 1301 O  O   . HOH E 5 .   ? -2.240  -8.237  -12.774 0.80 34.88 ? 190 HOH A O   1 
HETATM 1302 O  O   . HOH E 5 .   ? 0.904   -17.784 0.311   0.82 43.55 ? 193 HOH A O   1 
HETATM 1303 O  O   . HOH E 5 .   ? -3.073  -18.513 0.941   1.00 23.79 ? 194 HOH A O   1 
HETATM 1304 O  O   . HOH E 5 .   ? -6.227  -16.257 1.114   0.63 15.50 ? 195 HOH A O   1 
HETATM 1305 O  O   . HOH E 5 .   ? -1.402  -15.376 7.794   1.00 25.38 ? 196 HOH A O   1 
HETATM 1306 O  O   . HOH E 5 .   ? 1.647   -13.650 10.446  0.90 37.25 ? 197 HOH A O   1 
HETATM 1307 O  O   . HOH E 5 .   ? -6.383  -20.534 -8.465  1.00 16.60 ? 200 HOH A O   1 
HETATM 1308 O  O   . HOH E 5 .   ? -8.033  -22.074 -9.958  1.00 23.15 ? 201 HOH A O   1 
HETATM 1309 O  O   . HOH E 5 .   ? -10.959 -5.871  -16.366 0.89 17.61 ? 202 HOH A O   1 
HETATM 1310 O  O   . HOH E 5 .   ? -0.327  19.658  5.445   0.72 42.28 ? 205 HOH A O   1 
HETATM 1311 O  O   . HOH E 5 .   ? 4.654   14.955  11.578  0.77 39.58 ? 207 HOH A O   1 
HETATM 1312 O  O   . HOH E 5 .   ? -0.831  -4.262  14.655  1.00 21.82 ? 208 HOH A O   1 
HETATM 1313 O  O   . HOH E 5 .   ? -17.320 1.545   13.142  1.00 44.86 ? 209 HOH A O   1 
HETATM 1314 O  O   . HOH E 5 .   ? 10.422  -3.929  3.452   0.74 42.92 ? 210 HOH A O   1 
HETATM 1315 O  O   . HOH E 5 .   ? 4.231   -3.591  -15.060 0.96 30.20 ? 213 HOH A O   1 
HETATM 1316 O  O   . HOH E 5 .   ? -0.189  -4.507  -22.101 0.67 22.34 ? 215 HOH A O   1 
HETATM 1317 O  O   . HOH E 5 .   ? 4.102   -0.448  -15.653 1.00 22.91 ? 216 HOH A O   1 
HETATM 1318 O  O   . HOH E 5 .   ? 18.476  -3.381  -11.126 0.51 22.97 ? 218 HOH A O   1 
HETATM 1319 O  O   . HOH E 5 .   ? 12.256  10.207  -12.373 1.00 27.64 ? 227 HOH A O   1 
HETATM 1320 O  O   . HOH E 5 .   ? 10.132  6.815   -14.161 0.56 18.92 ? 228 HOH A O   1 
HETATM 1321 O  O   . HOH E 5 .   ? 4.831   11.297  1.755   1.00 20.24 ? 229 HOH A O   1 
HETATM 1322 O  O   . HOH E 5 .   ? -14.673 2.872   1.859   0.70 30.30 ? 234 HOH A O   1 
HETATM 1323 O  O   . HOH E 5 .   ? 18.335  -6.243  -5.943  0.72 24.51 ? 235 HOH A O   1 
HETATM 1324 O  O   . HOH E 5 .   ? -14.461 -16.401 4.576   1.00 43.06 ? 236 HOH A O   1 
HETATM 1325 O  O   . HOH E 5 .   ? -4.943  -1.178  19.704  1.00 42.72 ? 237 HOH A O   1 
HETATM 1326 O  O   . HOH E 5 .   ? 4.338   -10.377 3.405   0.63 35.78 ? 240 HOH A O   1 
HETATM 1327 O  O   . HOH E 5 .   ? -12.912 1.239   -4.590  0.51 30.14 ? 255 HOH A O   1 
HETATM 1328 O  O   . HOH E 5 .   ? -6.720  9.392   -4.339  1.00 29.95 ? 257 HOH A O   1 
HETATM 1329 O  O   . HOH E 5 .   ? 20.472  -3.805  -6.622  0.71 22.70 ? 258 HOH A O   1 
HETATM 1330 O  O   . HOH E 5 .   ? -18.295 -5.857  -11.053 0.94 28.39 ? 259 HOH A O   1 
HETATM 1331 O  O   . HOH E 5 .   ? 9.732   6.525   9.506   0.79 18.67 ? 261 HOH A O   1 
HETATM 1332 O  O   . HOH E 5 .   ? -9.715  7.158   3.465   1.00 43.71 ? 265 HOH A O   1 
HETATM 1333 O  O   . HOH E 5 .   ? -1.794  -9.232  13.293  1.00 33.06 ? 266 HOH A O   1 
HETATM 1334 O  O   . HOH E 5 .   ? -21.760 -10.340 -0.076  0.98 23.76 ? 267 HOH A O   1 
HETATM 1335 O  O   . HOH E 5 .   ? -7.524  16.404  5.441   0.85 21.43 ? 268 HOH A O   1 
HETATM 1336 O  O   . HOH E 5 .   ? 12.426  -8.729  0.564   0.90 41.45 ? 270 HOH A O   1 
HETATM 1337 O  O   . HOH E 5 .   ? -2.423  3.616   -18.361 1.00 47.12 ? 271 HOH A O   1 
HETATM 1338 O  O   . HOH E 5 .   ? 3.085   12.874  -11.009 0.78 18.92 ? 273 HOH A O   1 
HETATM 1339 O  O   . HOH E 5 .   ? 6.287   13.432  7.379   0.80 22.36 ? 276 HOH A O   1 
HETATM 1340 O  O   . HOH E 5 .   ? -5.984  -2.963  -9.359  1.00 25.38 ? 277 HOH A O   1 
HETATM 1341 O  O   . HOH E 5 .   ? 18.038  9.712   -6.966  0.55 20.02 ? 278 HOH A O   1 
HETATM 1342 O  O   . HOH E 5 .   ? 15.393  1.097   4.117   0.76 30.76 ? 282 HOH A O   1 
HETATM 1343 O  O   . HOH E 5 .   ? 8.570   -7.428  0.448   0.76 25.59 ? 284 HOH A O   1 
HETATM 1344 O  O   . HOH E 5 .   ? 2.800   14.304  8.549   1.00 43.80 ? 285 HOH A O   1 
HETATM 1345 O  O   . HOH E 5 .   ? -2.647  9.398   -7.154  0.91 30.66 ? 286 HOH A O   1 
HETATM 1346 O  O   . HOH E 5 .   ? -17.868 -18.311 -1.187  0.96 53.66 ? 287 HOH A O   1 
HETATM 1347 O  O   . HOH E 5 .   ? 0.617   9.796   18.946  1.00 24.46 ? 289 HOH A O   1 
HETATM 1348 O  O   . HOH E 5 .   ? 5.038   -11.144 1.055   1.00 51.49 ? 290 HOH A O   1 
HETATM 1349 O  O   . HOH E 5 .   ? 18.094  15.950  0.489   0.37 12.84 ? 291 HOH A O   1 
HETATM 1350 O  O   . HOH E 5 .   ? 2.206   -9.783  -12.717 0.43 22.47 ? 292 HOH A O   1 
HETATM 1351 O  O   . HOH E 5 .   ? 6.046   -8.425  8.892   0.54 32.61 ? 295 HOH A O   1 
HETATM 1352 O  O   . HOH E 5 .   ? -5.190  8.960   1.857   0.82 36.13 ? 296 HOH A O   1 
HETATM 1353 O  O   . HOH E 5 .   ? 0.273   -11.336 -6.824  0.50 8.16  ? 297 HOH A O   1 
HETATM 1354 O  O   . HOH E 5 .   ? -0.530  -17.438 6.036   0.87 30.29 ? 298 HOH A O   1 
HETATM 1355 O  O   . HOH E 5 .   ? 5.471   -6.841  14.862  0.72 26.33 ? 299 HOH A O   1 
HETATM 1356 O  O   . HOH E 5 .   ? -8.238  6.656   -3.803  0.83 22.73 ? 300 HOH A O   1 
HETATM 1357 O  O   . HOH E 5 .   ? 10.967  12.515  4.707   0.86 33.25 ? 301 HOH A O   1 
HETATM 1358 O  O   . HOH E 5 .   ? -17.571 -3.570  -9.489  0.76 30.37 ? 305 HOH A O   1 
HETATM 1359 O  O   . HOH E 5 .   ? 15.997  -5.526  -9.150  1.00 52.99 ? 307 HOH A O   1 
HETATM 1360 O  O   . HOH E 5 .   ? 18.645  -0.151  -10.824 0.81 35.04 ? 309 HOH A O   1 
HETATM 1361 O  O   . HOH E 5 .   ? 5.690   9.301   -9.348  1.00 21.86 ? 311 HOH A O   1 
HETATM 1362 O  O   . HOH E 5 .   ? -11.033 -21.102 -9.194  1.00 20.07 ? 314 HOH A O   1 
HETATM 1363 O  O   . HOH E 5 .   ? -21.383 -6.109  -13.733 0.80 37.68 ? 317 HOH A O   1 
HETATM 1364 O  O   . HOH E 5 .   ? -15.655 5.416   -9.233  0.85 44.80 ? 323 HOH A O   1 
HETATM 1365 O  O   . HOH E 5 .   ? -18.495 -0.644  1.212   1.00 44.33 ? 325 HOH A O   1 
HETATM 1366 O  O   . HOH E 5 .   ? 3.953   9.896   -11.493 0.59 23.51 ? 326 HOH A O   1 
HETATM 1367 O  O   . HOH E 5 .   ? 17.776  1.131   -8.703  0.85 31.58 ? 327 HOH A O   1 
HETATM 1368 O  O   . HOH E 5 .   ? 4.615   6.723   15.379  0.84 19.49 ? 338 HOH A O   1 
HETATM 1369 O  O   . HOH E 5 .   ? 3.017   5.653   17.550  1.00 35.38 ? 350 HOH A O   1 
HETATM 1370 O  O   . HOH E 5 .   ? -12.169 -8.553  -13.815 0.73 13.62 ? 361 HOH A O   1 
HETATM 1371 O  O   . HOH E 5 .   ? -14.386 -13.850 -9.232  0.99 20.52 ? 362 HOH A O   1 
HETATM 1372 O  O   . HOH E 5 .   ? 12.761  3.025   -5.609  0.83 43.47 ? 368 HOH A O   1 
HETATM 1373 O  O   . HOH E 5 .   ? 4.662   -10.204 -7.899  0.41 11.39 ? 371 HOH A O   1 
HETATM 1374 O  O   . HOH E 5 .   ? 2.664   -15.572 4.725   0.46 22.35 ? 372 HOH A O   1 
HETATM 1375 O  O   . HOH E 5 .   ? -1.812  -20.913 -4.447  0.99 32.68 ? 373 HOH A O   1 
HETATM 1376 O  O   . HOH E 5 .   ? -2.793  -20.262 -7.714  1.00 22.64 ? 380 HOH A O   1 
HETATM 1377 O  O   . HOH E 5 .   ? 8.110   -1.243  4.659   0.78 37.58 ? 382 HOH A O   1 
HETATM 1378 O  O   . HOH E 5 .   ? -4.014  -22.590 -1.733  1.00 38.39 ? 389 HOH A O   1 
HETATM 1379 O  O   . HOH E 5 .   ? -0.744  17.664  3.230   0.73 23.67 ? 392 HOH A O   1 
HETATM 1380 O  O   . HOH E 5 .   ? -4.301  9.899   -0.507  0.90 18.98 ? 397 HOH A O   1 
HETATM 1381 O  O   . HOH E 5 .   ? 11.431  6.446   6.845   0.65 12.88 ? 402 HOH A O   1 
HETATM 1382 O  O   . HOH E 5 .   ? -2.671  15.385  -2.878  0.88 42.16 ? 403 HOH A O   1 
HETATM 1383 O  O   . HOH E 5 .   ? -8.946  -8.837  -9.959  1.00 16.30 ? 407 HOH A O   1 
HETATM 1384 O  O   . HOH E 5 .   ? 12.426  4.503   8.338   0.50 21.83 ? 408 HOH A O   1 
HETATM 1385 O  O   . HOH E 5 .   ? -11.417 -1.796  -13.062 1.00 36.26 ? 409 HOH A O   1 
HETATM 1386 O  O   . HOH E 5 .   ? -1.115  11.281  -8.008  0.95 34.65 ? 413 HOH A O   1 
HETATM 1387 O  O   . HOH E 5 .   ? -16.088 -16.243 -7.971  0.52 20.51 ? 414 HOH A O   1 
HETATM 1388 O  O   . HOH E 5 .   ? 1.642   -15.037 -2.773  0.68 37.85 ? 415 HOH A O   1 
HETATM 1389 O  O   . HOH E 5 .   ? 6.880   -3.476  -16.185 1.00 40.18 ? 416 HOH A O   1 
HETATM 1390 O  O   . HOH E 5 .   ? 6.355   17.324  -3.544  0.51 23.81 ? 418 HOH A O   1 
HETATM 1391 O  O   . HOH E 5 .   ? 17.343  4.821   1.626   0.64 23.72 ? 419 HOH A O   1 
HETATM 1392 O  O   . HOH E 5 .   ? 6.950   17.328  6.196   1.00 52.96 ? 424 HOH A O   1 
HETATM 1393 O  O   . HOH E 5 .   ? 6.494   -14.782 -7.067  0.78 39.58 ? 427 HOH A O   1 
HETATM 1394 O  O   . HOH E 5 .   ? -12.050 -19.959 -11.309 0.89 31.34 ? 430 HOH A O   1 
HETATM 1395 O  O   . HOH E 5 .   ? -9.482  -14.280 -15.532 0.45 14.36 ? 432 HOH A O   1 
HETATM 1396 O  O   . HOH E 5 .   ? -4.897  -7.263  -12.868 0.55 18.36 ? 435 HOH A O   1 
HETATM 1397 O  O   . HOH E 5 .   ? 12.805  16.213  -0.199  0.72 32.21 ? 444 HOH A O   1 
HETATM 1398 O  O   . HOH E 5 .   ? 14.053  3.915   -9.376  0.89 20.93 ? 449 HOH A O   1 
HETATM 1399 O  O   . HOH E 5 .   ? 14.810  -5.282  2.799   0.72 33.05 ? 451 HOH A O   1 
HETATM 1400 O  O   . HOH E 5 .   ? -14.182 1.859   -0.872  0.67 41.89 ? 452 HOH A O   1 
HETATM 1401 O  O   . HOH E 5 .   ? -7.844  8.085   1.402   0.66 26.47 ? 454 HOH A O   1 
HETATM 1402 O  O   . HOH E 5 .   ? 13.575  -3.146  -16.945 1.00 22.55 ? 461 HOH A O   1 
HETATM 1403 O  O   . HOH E 5 .   ? 19.692  8.233   -2.891  1.00 47.60 ? 463 HOH A O   1 
HETATM 1404 O  O   . HOH E 5 .   ? 11.819  -0.722  -14.730 1.00 25.94 ? 464 HOH A O   1 
HETATM 1405 O  O   . HOH E 5 .   ? 3.267   -9.224  -9.985  1.00 37.07 ? 467 HOH A O   1 
HETATM 1406 O  O   . HOH E 5 .   ? 4.967   -9.153  5.740   1.00 47.48 ? 468 HOH A O   1 
HETATM 1407 O  O   . HOH E 5 .   ? -0.936  -6.049  -15.796 1.00 36.45 ? 471 HOH A O   1 
HETATM 1408 O  O   . HOH E 5 .   ? 5.322   8.521   3.107   0.52 19.27 ? 475 HOH A O   1 
HETATM 1409 O  O   . HOH E 5 .   ? -3.469  13.221  -9.869  1.00 52.32 ? 479 HOH A O   1 
HETATM 1410 O  O   . HOH E 5 .   ? 0.738   13.264  9.812   0.67 39.56 ? 480 HOH A O   1 
HETATM 1411 O  O   . HOH E 5 .   ? -2.723  12.512  9.959   1.00 53.54 ? 482 HOH A O   1 
HETATM 1412 O  O   . HOH E 5 .   ? -6.205  11.874  -4.759  1.00 40.83 ? 493 HOH A O   1 
HETATM 1413 O  O   . HOH E 5 .   ? -6.943  6.828   -10.310 0.67 30.67 ? 495 HOH A O   1 
HETATM 1414 O  O   . HOH E 5 .   ? -8.976  10.369  -22.091 0.75 42.24 ? 498 HOH A O   1 
HETATM 1415 O  O   . HOH E 5 .   ? -4.832  11.093  -6.882  1.00 50.05 ? 525 HOH A O   1 
HETATM 1416 O  O   . HOH E 5 .   ? -4.597  8.409   -23.454 1.00 47.00 ? 526 HOH A O   1 
HETATM 1417 O  O   . HOH E 5 .   ? -8.282  2.802   -14.060 0.74 45.20 ? 527 HOH A O   1 
HETATM 1418 O  O   . HOH E 5 .   ? 2.909   13.446  20.453  1.00 45.02 ? 533 HOH A O   1 
HETATM 1419 O  O   . HOH E 5 .   ? 12.471  30.497  6.398   1.00 43.30 ? 545 HOH A O   1 
HETATM 1420 O  O   . HOH E 5 .   ? 6.047   15.103  15.982  0.87 28.38 ? 549 HOH A O   1 
HETATM 1421 O  O   . HOH E 5 .   ? 4.046   18.782  -6.126  0.95 36.14 ? 551 HOH A O   1 
HETATM 1422 O  O   . HOH E 5 .   ? -0.736  6.536   -7.991  0.99 35.58 ? 569 HOH A O   1 
HETATM 1423 O  O   . HOH E 5 .   ? 5.748   10.014  14.997  1.00 53.57 ? 577 HOH A O   1 
HETATM 1424 O  O   . HOH E 5 .   ? -4.084  2.567   -21.031 0.84 49.12 ? 585 HOH A O   1 
HETATM 1425 O  O   . HOH E 5 .   ? -6.198  -3.272  -17.069 0.73 20.46 ? 586 HOH A O   1 
HETATM 1426 O  O   . HOH E 5 .   ? 10.935  19.856  3.310   1.00 49.60 ? 592 HOH A O   1 
HETATM 1427 O  O   . HOH E 5 .   ? -2.738  -4.401  -17.074 0.99 46.34 ? 603 HOH A O   1 
HETATM 1428 O  O   . HOH E 5 .   ? 13.253  20.095  9.940   0.46 14.75 ? 604 HOH A O   1 
HETATM 1429 O  O   . HOH E 5 .   ? 12.821  19.178  14.629  0.98 46.15 ? 613 HOH A O   1 
HETATM 1430 O  O   . HOH E 5 .   ? -4.349  -6.284  -15.203 0.81 38.14 ? 615 HOH A O   1 
HETATM 1431 O  O   . HOH E 5 .   ? 16.480  24.554  3.975   1.00 53.30 ? 616 HOH A O   1 
HETATM 1432 O  O   . HOH E 5 .   ? -3.683  -8.741  -18.246 0.80 36.54 ? 624 HOH A O   1 
HETATM 1433 O  O   . HOH E 5 .   ? -2.650  -10.585 -9.850  0.91 40.28 ? 630 HOH A O   1 
HETATM 1434 O  O   . HOH E 5 .   ? 8.701   -14.498 2.767   1.00 47.45 ? 644 HOH A O   1 
HETATM 1435 O  O   . HOH E 5 .   ? 10.073  -9.847  -6.468  0.99 36.65 ? 652 HOH A O   1 
HETATM 1436 O  O   . HOH E 5 .   ? 22.164  11.221  -11.214 0.72 45.93 ? 662 HOH A O   1 
HETATM 1437 O  O   . HOH E 5 .   ? 21.882  7.245   -9.193  1.00 39.85 ? 664 HOH A O   1 
HETATM 1438 O  O   . HOH E 5 .   ? 10.454  17.037  0.880   1.00 39.16 ? 674 HOH A O   1 
HETATM 1439 O  O   . HOH E 5 .   ? -5.573  10.906  14.522  0.68 25.72 ? 688 HOH A O   1 
HETATM 1440 O  O   . HOH E 5 .   ? 23.323  9.408   -6.957  0.60 37.95 ? 715 HOH A O   1 
HETATM 1441 O  O   . HOH E 5 .   ? -0.102  -11.208 -12.743 0.96 52.27 ? 770 HOH A O   1 
HETATM 1442 O  O   . HOH E 5 .   ? -9.201  -0.229  -15.556 1.00 48.51 ? 785 HOH A O   1 
HETATM 1443 O  O   . HOH E 5 .   ? -20.448 4.810   -13.259 0.40 12.35 ? 805 HOH A O   1 
HETATM 1444 O  O   . HOH E 5 .   ? 16.989  16.378  15.378  0.98 51.94 ? 820 HOH A O   1 
HETATM 1445 O  O   . HOH E 5 .   ? 1.519   19.398  1.340   1.00 45.27 ? 835 HOH A O   1 
# 
